data_8Y09
#
_entry.id   8Y09
#
_cell.length_a   122.149
_cell.length_b   143.401
_cell.length_c   203.528
_cell.angle_alpha   90.000
_cell.angle_beta   90.000
_cell.angle_gamma   90.000
#
_symmetry.space_group_name_H-M   'P 21 21 21'
#
loop_
_entity.id
_entity.type
_entity.pdbx_description
1 polymer LbCas12a
2 polymer 'RNA (34-MER)'
3 polymer "DNA (5'-D(P*CP*TP*TP*TP*AP*CP*TP*GP*GP*AP*TP*GP*CP*GP*TP*AP*AP*AP*GP*GP*AP*CP*G)-3')"
4 polymer "DNA (5'-D(*CP*GP*TP*CP*CP*TP*TP*TP*AP*TP*T)-3')"
5 non-polymer 'LITHIUM ION'
6 water water
#
loop_
_entity_poly.entity_id
_entity_poly.type
_entity_poly.pdbx_seq_one_letter_code
_entity_poly.pdbx_strand_id
1 'polypeptide(L)'
;MSKLEKFTNCYSLSKTLRFKAIPVGKTQENIDNKRLLVEDEKRAEDYKGVKKLLDRYYLSFINDVLHSIKLKNLNNYISL
FRKKTRTEKENKELENLEINLRKEIAKAFKGNEGYKSLFKKDIIETILPEFLDDKDEIALVNSFNGFTTAFTGFFDNREN
MFSEEAKSTSIAFRCINENLTRYISNMDIFEKVDAIFDKHEVQEIKEKILNSDYDVEDFFEGEFFNFVLTQEGIDVYNAI
IGGFVTESGEKIKGLNEYINLYNQKTKQKLPKFKPLYKQVLSDRESLSFYGEGYTSDEEVLEVFRNTLNKNSEIFSSIKK
LEKLFKNFDEYSSAGIFVKNGPAISTISKDIFGEWNVIRDKWNAEYDDIHLKKKAVVTEKYEDDRRKSFKKIGSFSLEQL
QEYADADLSVVEKLKEIIIQKVDEIYKVYGSSEKLFDADFVLEKSLKKNDAVVAIMKDLLDSVKSFENYIKAFFGEGKET
NRDESFYGDFVLAYDILLKVDHIYDAIRNYVTQKPYSKDKFKLYFQNPQFMGGWDKDKETDYRATILRYGSKYYLAIMDK
KYAKCLQKIDKDDVNGNYEKINYKLLPGPNKMLPKVFFSKKWMAYYNPSEDIQKIYKNGTFKKGDMFNLNDCHKLIDFFK
DSISRYPKWSNAYDFNFSETEKYKDIAGFYREVEEQGYKVSFESASKKEVDKLVEEGKLYMFQIYNKDFSDKSHGTPNLH
TMYFKLLFDENNHGQIRLSGGAELFMRRASLKKEELVVHPANSPIANKNPDNPKKTTTLSYDVYKDKRFSEDQYELHIPI
AINKCPKNIFKINTEVRVLLKHDDNPYVIGIDRGERNLLYIVVVDGKGNIVEQYSLNEIINNFNGIRIKTDYHSLLDKKE
KERFEARQNWTSIENIKELKAGYISQVVHKICELVEKYDAVIALEDLNSGFKNSRVKVEKQVYQKFEKMLIDKLNYMVDK
KSNPCATGGALKGYQITNKFESFKSMSTQNGFIFYIPAWLTSKIDPSTGFVNLLKTKYTSIADSKKFISSFDRIMYVPEE
DLFEFALDYKNFSRTDADYIKKWKLYSYGNRIRIFRNPKKNNVFDWEEVCLTSAYKELFNKYGINYQQGDIRALLCEQSD
KAFYSSFMALMSLMLQMRNSITGRTDVDFLISPVKNSDGIFYDSRNYEAQENAILPKNADANGAYNIARKVLWAIGQFKK
AEDEKLDKVKIAISNKEWLEYAQTSVKH
;
A,E
2 'polyribonucleotide' AAUUUCUACUAAGUGUAGAUCGCAUCCAGUAAAGCGGCAC B,F
3 'polydeoxyribonucleotide'
;(DG)(DC)(DT)(DT)(DT)(DA)(DC)(DT)(DG)(DG)(DA)(DT)(DG)(DC)(DG)(DT)(DA)(DA)(DA)(DG)
(DG)(DA)(DC)(DG)
;
C,G
4 'polydeoxyribonucleotide' (DC)(DG)(DT)(DC)(DC)(DT)(DT)(DT)(DA)(DT)(DT) D,H
#
loop_
_chem_comp.id
_chem_comp.type
_chem_comp.name
_chem_comp.formula
A RNA linking ADENOSINE-5'-MONOPHOSPHATE 'C10 H14 N5 O7 P'
C RNA linking CYTIDINE-5'-MONOPHOSPHATE 'C9 H14 N3 O8 P'
DA DNA linking 2'-DEOXYADENOSINE-5'-MONOPHOSPHATE 'C10 H14 N5 O6 P'
DC DNA linking 2'-DEOXYCYTIDINE-5'-MONOPHOSPHATE 'C9 H14 N3 O7 P'
DG DNA linking 2'-DEOXYGUANOSINE-5'-MONOPHOSPHATE 'C10 H14 N5 O7 P'
DT DNA linking THYMIDINE-5'-MONOPHOSPHATE 'C10 H15 N2 O8 P'
G RNA linking GUANOSINE-5'-MONOPHOSPHATE 'C10 H14 N5 O8 P'
LI non-polymer 'LITHIUM ION' 'Li 1'
U RNA linking URIDINE-5'-MONOPHOSPHATE 'C9 H13 N2 O9 P'
#
# COMPACT_ATOMS: atom_id res chain seq x y z
N MET A 1 -5.30 15.62 0.04
CA MET A 1 -6.30 15.41 -1.02
C MET A 1 -7.48 14.48 -0.64
N SER A 2 -7.29 13.35 0.05
CA SER A 2 -8.47 12.66 0.60
C SER A 2 -8.73 13.13 2.01
N LYS A 3 -9.99 13.01 2.45
CA LYS A 3 -10.27 13.41 3.83
C LYS A 3 -9.45 12.57 4.81
N LEU A 4 -9.32 11.26 4.54
CA LEU A 4 -8.50 10.40 5.39
C LEU A 4 -7.11 10.97 5.62
N GLU A 5 -6.52 11.59 4.58
CA GLU A 5 -5.10 11.89 4.65
C GLU A 5 -4.79 12.89 5.76
N LYS A 6 -5.80 13.57 6.28
CA LYS A 6 -5.56 14.49 7.38
C LYS A 6 -5.35 13.75 8.70
N PHE A 7 -5.97 12.59 8.87
CA PHE A 7 -6.03 11.93 10.19
C PHE A 7 -4.86 10.97 10.43
N THR A 8 -3.65 11.52 10.42
CA THR A 8 -2.47 10.79 10.87
C THR A 8 -1.73 11.61 11.89
N ASN A 9 -1.23 10.94 12.92
CA ASN A 9 -0.43 11.55 14.00
C ASN A 9 -1.28 12.44 14.93
N CYS A 10 -2.50 12.01 15.26
CA CYS A 10 -3.41 12.90 15.99
C CYS A 10 -3.38 12.71 17.49
N TYR A 11 -3.20 11.49 17.98
CA TYR A 11 -3.12 11.29 19.41
C TYR A 11 -2.46 9.95 19.68
N SER A 12 -1.91 9.81 20.88
CA SER A 12 -1.13 8.63 21.20
C SER A 12 -2.01 7.56 21.84
N LEU A 13 -1.66 6.30 21.56
CA LEU A 13 -2.30 5.12 22.11
C LEU A 13 -1.23 4.06 22.35
N SER A 14 -1.57 3.11 23.22
CA SER A 14 -0.70 2.05 23.67
C SER A 14 -1.25 0.70 23.21
N LYS A 15 -0.35 -0.23 22.96
CA LYS A 15 -0.78 -1.57 22.60
C LYS A 15 0.23 -2.55 23.19
N THR A 16 -0.23 -3.77 23.41
CA THR A 16 0.64 -4.83 23.89
C THR A 16 0.79 -5.88 22.80
N LEU A 17 2.03 -6.26 22.53
CA LEU A 17 2.33 -7.35 21.61
C LEU A 17 2.65 -8.60 22.40
N ARG A 18 2.15 -9.74 21.94
CA ARG A 18 2.39 -11.02 22.60
C ARG A 18 3.26 -11.93 21.74
N PHE A 19 4.16 -12.66 22.40
CA PHE A 19 5.05 -13.61 21.74
C PHE A 19 5.26 -14.87 22.59
N LYS A 20 5.47 -15.98 21.90
CA LYS A 20 6.14 -17.13 22.48
C LYS A 20 7.60 -16.77 22.75
N ALA A 21 8.20 -17.38 23.77
CA ALA A 21 9.61 -17.18 24.08
C ALA A 21 10.25 -18.54 24.22
N ILE A 22 11.21 -18.84 23.35
CA ILE A 22 11.76 -20.19 23.21
C ILE A 22 13.12 -20.23 23.88
N PRO A 23 13.34 -21.11 24.84
CA PRO A 23 14.67 -21.24 25.43
C PRO A 23 15.68 -21.70 24.39
N VAL A 24 16.88 -21.13 24.49
CA VAL A 24 17.98 -21.44 23.59
C VAL A 24 18.99 -22.25 24.36
N GLY A 25 19.45 -23.33 23.73
CA GLY A 25 20.48 -24.16 24.30
C GLY A 25 20.03 -24.72 25.62
N LYS A 26 20.94 -24.70 26.56
CA LYS A 26 20.77 -25.36 27.84
C LYS A 26 20.16 -24.44 28.89
N THR A 27 19.46 -23.37 28.48
CA THR A 27 18.93 -22.47 29.48
C THR A 27 17.69 -23.07 30.11
N GLN A 28 16.88 -23.82 29.33
CA GLN A 28 15.77 -24.49 29.98
C GLN A 28 16.27 -25.54 30.96
N GLU A 29 17.38 -26.20 30.63
CA GLU A 29 18.00 -27.12 31.59
C GLU A 29 18.50 -26.38 32.81
N ASN A 30 19.25 -25.30 32.60
CA ASN A 30 19.75 -24.52 33.72
C ASN A 30 18.61 -23.96 34.55
N ILE A 31 17.56 -23.44 33.92
CA ILE A 31 16.42 -22.95 34.68
C ILE A 31 15.82 -24.07 35.53
N ASP A 32 15.67 -25.26 34.94
CA ASP A 32 15.10 -26.40 35.66
C ASP A 32 16.00 -26.83 36.82
N ASN A 33 17.32 -26.84 36.60
CA ASN A 33 18.27 -27.25 37.62
C ASN A 33 18.28 -26.29 38.82
N LYS A 34 18.07 -24.99 38.57
CA LYS A 34 17.96 -24.00 39.63
C LYS A 34 16.53 -23.84 40.13
N ARG A 35 15.62 -24.70 39.66
CA ARG A 35 14.21 -24.75 40.08
C ARG A 35 13.58 -23.36 40.21
N LEU A 36 13.85 -22.52 39.21
CA LEU A 36 13.31 -21.16 39.20
C LEU A 36 11.81 -21.14 38.96
N LEU A 37 11.29 -22.06 38.14
CA LEU A 37 9.88 -21.96 37.77
C LEU A 37 8.95 -22.45 38.87
N VAL A 38 9.35 -23.49 39.60
CA VAL A 38 8.58 -23.85 40.80
C VAL A 38 8.49 -22.66 41.74
N GLU A 39 9.59 -21.92 41.88
CA GLU A 39 9.63 -20.81 42.81
C GLU A 39 8.72 -19.68 42.36
N ASP A 40 8.66 -19.41 41.06
CA ASP A 40 7.76 -18.38 40.56
C ASP A 40 6.32 -18.87 40.63
N GLU A 41 6.09 -20.16 40.37
CA GLU A 41 4.73 -20.70 40.42
C GLU A 41 4.15 -20.60 41.82
N LYS A 42 4.98 -20.83 42.85
CA LYS A 42 4.47 -20.67 44.22
C LYS A 42 4.24 -19.20 44.56
N ARG A 43 5.23 -18.35 44.27
CA ARG A 43 5.13 -16.92 44.56
C ARG A 43 3.79 -16.35 44.09
N ALA A 44 3.32 -16.79 42.92
CA ALA A 44 2.03 -16.36 42.40
C ALA A 44 0.87 -16.69 43.34
N GLU A 45 0.85 -17.90 43.90
CA GLU A 45 -0.27 -18.26 44.75
C GLU A 45 -0.11 -17.63 46.13
N ASP A 46 1.13 -17.52 46.62
CA ASP A 46 1.38 -16.72 47.82
C ASP A 46 0.92 -15.28 47.61
N TYR A 47 1.33 -14.68 46.49
CA TYR A 47 0.87 -13.35 46.10
C TYR A 47 -0.64 -13.19 46.28
N LYS A 48 -1.41 -14.12 45.71
CA LYS A 48 -2.87 -14.04 45.84
C LYS A 48 -3.27 -13.92 47.29
N GLY A 49 -2.67 -14.76 48.14
CA GLY A 49 -3.04 -14.78 49.54
C GLY A 49 -2.73 -13.48 50.27
N VAL A 50 -1.53 -12.92 50.04
CA VAL A 50 -1.15 -11.72 50.77
C VAL A 50 -2.04 -10.55 50.39
N LYS A 51 -2.40 -10.47 49.11
CA LYS A 51 -3.31 -9.43 48.67
C LYS A 51 -4.62 -9.53 49.43
N LYS A 52 -5.18 -10.74 49.54
CA LYS A 52 -6.36 -10.88 50.39
C LYS A 52 -6.04 -10.49 51.83
N LEU A 53 -4.84 -10.82 52.31
CA LEU A 53 -4.50 -10.43 53.66
C LEU A 53 -4.38 -8.91 53.77
N LEU A 54 -3.71 -8.27 52.80
CA LEU A 54 -3.66 -6.82 52.80
C LEU A 54 -5.06 -6.23 52.75
N ASP A 55 -5.93 -6.82 51.91
CA ASP A 55 -7.27 -6.27 51.77
C ASP A 55 -8.00 -6.29 53.11
N ARG A 56 -7.76 -7.34 53.92
CA ARG A 56 -8.35 -7.42 55.27
C ARG A 56 -8.00 -6.18 56.09
N TYR A 57 -6.74 -5.77 56.04
CA TYR A 57 -6.39 -4.53 56.72
C TYR A 57 -7.03 -3.33 56.03
N TYR A 58 -6.95 -3.28 54.70
CA TYR A 58 -7.56 -2.17 53.97
C TYR A 58 -9.03 -2.02 54.30
N LEU A 59 -9.75 -3.12 54.45
CA LEU A 59 -11.16 -3.00 54.74
C LEU A 59 -11.37 -2.35 56.11
N SER A 60 -10.63 -2.84 57.11
CA SER A 60 -10.79 -2.32 58.47
C SER A 60 -10.50 -0.83 58.54
N PHE A 61 -9.43 -0.39 57.86
CA PHE A 61 -9.09 1.03 57.79
C PHE A 61 -10.22 1.83 57.15
N ILE A 62 -10.73 1.36 56.02
CA ILE A 62 -11.85 2.04 55.40
C ILE A 62 -12.99 2.17 56.40
N ASN A 63 -13.32 1.05 57.06
CA ASN A 63 -14.52 0.97 57.89
C ASN A 63 -14.48 1.96 59.04
N ASP A 64 -13.46 1.87 59.90
CA ASP A 64 -13.48 2.72 61.07
C ASP A 64 -13.42 4.20 60.67
N VAL A 65 -12.66 4.53 59.63
CA VAL A 65 -12.64 5.90 59.13
C VAL A 65 -14.02 6.31 58.65
N LEU A 66 -14.73 5.41 57.96
CA LEU A 66 -16.08 5.75 57.49
C LEU A 66 -17.07 5.88 58.65
N HIS A 67 -16.93 5.07 59.70
CA HIS A 67 -17.73 5.29 60.90
C HIS A 67 -17.40 6.65 61.49
N SER A 68 -16.11 7.01 61.47
CA SER A 68 -15.66 8.28 62.02
C SER A 68 -16.35 9.50 61.39
N ILE A 69 -16.71 9.45 60.11
CA ILE A 69 -17.09 10.67 59.39
C ILE A 69 -18.50 11.12 59.75
N LYS A 70 -18.63 12.43 59.98
CA LYS A 70 -19.89 13.15 59.91
C LYS A 70 -19.76 14.19 58.82
N LEU A 71 -20.67 14.19 57.84
CA LEU A 71 -20.48 15.03 56.65
C LEU A 71 -21.03 16.42 56.90
N LYS A 72 -20.19 17.43 56.67
CA LYS A 72 -20.56 18.82 56.93
C LYS A 72 -21.33 19.36 55.75
N ASN A 73 -22.38 20.11 56.08
CA ASN A 73 -23.45 20.58 55.16
C ASN A 73 -23.83 19.47 54.17
N LEU A 74 -23.82 18.23 54.68
CA LEU A 74 -24.53 17.16 54.02
C LEU A 74 -26.00 17.56 53.88
N ASN A 75 -26.62 17.94 55.01
CA ASN A 75 -28.04 18.27 55.02
C ASN A 75 -28.35 19.43 54.09
N ASN A 76 -27.41 20.38 53.92
CA ASN A 76 -27.67 21.51 53.06
C ASN A 76 -27.50 21.16 51.58
N TYR A 77 -26.58 20.23 51.26
CA TYR A 77 -26.58 19.66 49.92
C TYR A 77 -27.93 19.03 49.60
N ILE A 78 -28.52 18.35 50.60
CA ILE A 78 -29.79 17.67 50.38
C ILE A 78 -30.92 18.66 50.18
N SER A 79 -30.90 19.78 50.92
CA SER A 79 -31.93 20.79 50.74
C SER A 79 -31.93 21.31 49.31
N LEU A 80 -30.75 21.73 48.83
CA LEU A 80 -30.62 22.24 47.46
C LEU A 80 -30.91 21.15 46.44
N PHE A 81 -30.60 19.90 46.78
CA PHE A 81 -30.74 18.80 45.84
C PHE A 81 -32.19 18.58 45.44
N ARG A 82 -33.09 18.51 46.43
CA ARG A 82 -34.50 18.23 46.19
C ARG A 82 -35.33 19.40 45.62
N LYS A 83 -34.85 20.66 45.69
CA LYS A 83 -35.52 21.83 45.09
C LYS A 83 -36.05 21.51 43.67
N LYS A 84 -37.34 21.74 43.34
CA LYS A 84 -37.71 21.37 41.95
C LYS A 84 -37.08 22.35 40.96
N THR A 85 -37.13 23.64 41.26
CA THR A 85 -36.59 24.63 40.35
C THR A 85 -35.34 25.22 40.94
N ARG A 86 -34.25 25.09 40.21
CA ARG A 86 -33.03 25.68 40.72
C ARG A 86 -32.31 26.37 39.58
N THR A 87 -31.90 27.60 39.90
CA THR A 87 -31.23 28.52 39.02
C THR A 87 -29.93 27.93 38.45
N GLU A 88 -29.50 28.49 37.30
CA GLU A 88 -28.18 28.15 36.77
C GLU A 88 -27.08 28.50 37.79
N LYS A 89 -27.20 29.65 38.46
CA LYS A 89 -26.52 29.92 39.73
C LYS A 89 -26.38 28.66 40.56
N GLU A 90 -27.49 28.23 41.17
CA GLU A 90 -27.47 27.22 42.22
C GLU A 90 -27.36 25.80 41.68
N ASN A 91 -27.53 25.61 40.37
CA ASN A 91 -27.19 24.32 39.80
C ASN A 91 -25.70 24.07 39.95
N LYS A 92 -24.89 25.14 39.89
CA LYS A 92 -23.46 24.94 40.05
C LYS A 92 -22.99 25.29 41.45
N GLU A 93 -23.80 25.97 42.25
CA GLU A 93 -23.51 26.07 43.69
C GLU A 93 -23.66 24.70 44.33
N LEU A 94 -24.57 23.88 43.76
CA LEU A 94 -24.77 22.53 44.26
C LEU A 94 -23.64 21.61 43.81
N GLU A 95 -23.25 21.72 42.54
CA GLU A 95 -22.21 20.83 42.03
C GLU A 95 -20.87 21.09 42.70
N ASN A 96 -20.65 22.29 43.20
CA ASN A 96 -19.44 22.49 43.99
C ASN A 96 -19.59 21.89 45.39
N LEU A 97 -20.81 21.79 45.89
CA LEU A 97 -21.03 21.07 47.15
C LEU A 97 -20.75 19.58 46.98
N GLU A 98 -21.13 19.01 45.83
CA GLU A 98 -20.78 17.62 45.54
C GLU A 98 -19.27 17.42 45.61
N ILE A 99 -18.53 18.34 44.99
CA ILE A 99 -17.07 18.25 44.98
C ILE A 99 -16.54 18.32 46.40
N ASN A 100 -17.03 19.28 47.19
CA ASN A 100 -16.51 19.44 48.54
C ASN A 100 -16.97 18.32 49.46
N LEU A 101 -18.15 17.76 49.18
CA LEU A 101 -18.58 16.60 49.94
C LEU A 101 -17.57 15.47 49.73
N ARG A 102 -17.18 15.22 48.48
CA ARG A 102 -16.21 14.16 48.19
C ARG A 102 -14.84 14.51 48.79
N LYS A 103 -14.45 15.77 48.68
CA LYS A 103 -13.19 16.25 49.21
C LYS A 103 -13.08 15.99 50.71
N GLU A 104 -14.22 16.08 51.39
CA GLU A 104 -14.28 15.79 52.81
C GLU A 104 -13.99 14.33 53.09
N ILE A 105 -14.54 13.41 52.28
CA ILE A 105 -14.32 11.97 52.46
C ILE A 105 -12.86 11.61 52.23
N ALA A 106 -12.28 12.08 51.13
CA ALA A 106 -10.88 11.79 50.85
C ALA A 106 -9.97 12.39 51.90
N LYS A 107 -10.23 13.65 52.31
CA LYS A 107 -9.42 14.24 53.36
C LYS A 107 -9.55 13.47 54.68
N ALA A 108 -10.72 12.89 54.95
CA ALA A 108 -10.82 12.04 56.13
C ALA A 108 -9.87 10.85 56.04
N PHE A 109 -9.80 10.23 54.85
CA PHE A 109 -8.89 9.11 54.63
C PHE A 109 -7.45 9.56 54.72
N LYS A 110 -7.06 10.52 53.88
CA LYS A 110 -5.65 10.94 53.83
C LYS A 110 -5.22 11.66 55.10
N GLY A 111 -6.17 12.11 55.92
CA GLY A 111 -5.83 12.67 57.22
C GLY A 111 -5.42 11.65 58.27
N ASN A 112 -5.81 10.40 58.10
CA ASN A 112 -5.52 9.38 59.12
C ASN A 112 -4.02 9.21 59.28
N GLU A 113 -3.63 8.82 60.51
CA GLU A 113 -2.21 8.65 60.82
C GLU A 113 -1.55 7.60 59.91
N GLY A 114 -2.27 6.53 59.60
CA GLY A 114 -1.67 5.41 58.90
C GLY A 114 -1.48 5.57 57.39
N TYR A 115 -2.25 6.48 56.74
CA TYR A 115 -2.41 6.47 55.28
C TYR A 115 -1.06 6.41 54.56
N LYS A 116 -0.06 6.91 55.23
CA LYS A 116 1.24 7.22 54.69
C LYS A 116 2.05 5.99 54.34
N SER A 117 1.86 4.90 55.10
CA SER A 117 2.46 3.63 54.79
C SER A 117 1.48 2.63 54.26
N LEU A 118 0.27 3.04 53.84
CA LEU A 118 -0.66 2.08 53.28
C LEU A 118 -0.13 1.44 52.00
N PHE A 119 0.72 2.14 51.23
CA PHE A 119 1.18 1.66 49.93
C PHE A 119 2.69 1.74 49.81
N LYS A 120 3.39 1.35 50.88
CA LYS A 120 4.85 1.28 50.89
C LYS A 120 5.19 0.01 51.66
N LYS A 121 6.49 -0.34 51.69
CA LYS A 121 6.91 -1.63 52.22
C LYS A 121 6.47 -1.82 53.66
N ASP A 122 6.10 -0.74 54.37
CA ASP A 122 5.83 -0.84 55.79
C ASP A 122 4.56 -1.64 56.07
N ILE A 123 3.57 -1.55 55.17
CA ILE A 123 2.35 -2.35 55.36
C ILE A 123 2.67 -3.84 55.30
N ILE A 124 3.64 -4.25 54.46
CA ILE A 124 4.03 -5.66 54.45
C ILE A 124 4.94 -5.97 55.62
N GLU A 125 5.97 -5.16 55.84
CA GLU A 125 6.98 -5.53 56.84
C GLU A 125 6.56 -5.24 58.28
N THR A 126 5.76 -4.19 58.52
CA THR A 126 5.42 -3.75 59.87
C THR A 126 3.94 -3.86 60.20
N ILE A 127 3.08 -3.17 59.46
CA ILE A 127 1.68 -3.02 59.86
C ILE A 127 0.99 -4.38 59.88
N LEU A 128 1.00 -5.09 58.76
CA LEU A 128 0.28 -6.35 58.68
C LEU A 128 0.75 -7.38 59.72
N PRO A 129 2.06 -7.58 59.96
CA PRO A 129 2.43 -8.58 60.98
C PRO A 129 1.84 -8.27 62.35
N GLU A 130 1.84 -6.99 62.78
CA GLU A 130 1.21 -6.65 64.06
C GLU A 130 -0.31 -6.89 63.99
N PHE A 131 -0.91 -6.62 62.84
CA PHE A 131 -2.36 -6.73 62.64
C PHE A 131 -2.84 -8.18 62.67
N LEU A 132 -2.11 -9.10 62.07
CA LEU A 132 -2.54 -10.49 62.00
C LEU A 132 -2.24 -11.24 63.29
N ASP A 133 -3.01 -12.30 63.56
CA ASP A 133 -2.76 -13.18 64.70
C ASP A 133 -2.26 -14.54 64.29
N ASP A 134 -2.70 -15.05 63.13
CA ASP A 134 -2.25 -16.36 62.68
C ASP A 134 -0.75 -16.37 62.41
N LYS A 135 -0.05 -17.35 63.00
CA LYS A 135 1.38 -17.48 62.77
C LYS A 135 1.66 -17.85 61.32
N ASP A 136 0.78 -18.66 60.71
CA ASP A 136 0.94 -18.99 59.30
C ASP A 136 0.71 -17.78 58.41
N GLU A 137 -0.38 -17.03 58.65
CA GLU A 137 -0.64 -15.83 57.85
C GLU A 137 0.52 -14.86 57.96
N ILE A 138 1.09 -14.73 59.15
CA ILE A 138 2.23 -13.83 59.30
C ILE A 138 3.45 -14.39 58.58
N ALA A 139 3.64 -15.71 58.59
CA ALA A 139 4.75 -16.28 57.84
C ALA A 139 4.59 -16.01 56.35
N LEU A 140 3.35 -16.14 55.85
CA LEU A 140 3.07 -15.87 54.44
C LEU A 140 3.45 -14.45 54.06
N VAL A 141 3.07 -13.48 54.90
CA VAL A 141 3.42 -12.10 54.64
C VAL A 141 4.94 -11.94 54.62
N ASN A 142 5.61 -12.47 55.64
CA ASN A 142 7.03 -12.19 55.80
C ASN A 142 7.86 -12.71 54.65
N SER A 143 7.34 -13.68 53.91
CA SER A 143 8.04 -14.24 52.75
C SER A 143 8.15 -13.28 51.58
N PHE A 144 7.59 -12.06 51.67
CA PHE A 144 7.82 -11.03 50.68
C PHE A 144 8.73 -9.93 51.19
N ASN A 145 9.47 -10.17 52.28
CA ASN A 145 10.23 -9.10 52.90
C ASN A 145 11.27 -8.53 51.96
N GLY A 146 11.80 -9.33 51.07
CA GLY A 146 12.67 -8.64 50.16
C GLY A 146 12.01 -8.09 48.90
N PHE A 147 10.69 -8.22 48.79
CA PHE A 147 10.01 -8.23 47.50
C PHE A 147 8.87 -7.24 47.38
N THR A 148 8.76 -6.27 48.29
CA THR A 148 7.55 -5.47 48.30
C THR A 148 7.30 -4.75 46.98
N THR A 149 8.35 -4.39 46.24
CA THR A 149 8.16 -3.70 44.97
C THR A 149 7.13 -4.40 44.07
N ALA A 150 7.09 -5.74 44.08
CA ALA A 150 6.13 -6.44 43.22
C ALA A 150 4.68 -6.01 43.50
N PHE A 151 4.42 -5.46 44.68
CA PHE A 151 3.07 -5.00 44.96
C PHE A 151 2.76 -3.64 44.37
N THR A 152 3.69 -3.03 43.63
CA THR A 152 3.49 -1.64 43.22
C THR A 152 2.26 -1.49 42.33
N GLY A 153 1.92 -2.53 41.56
CA GLY A 153 0.70 -2.48 40.79
C GLY A 153 -0.52 -2.43 41.71
N PHE A 154 -0.60 -3.43 42.59
CA PHE A 154 -1.73 -3.55 43.52
C PHE A 154 -1.96 -2.25 44.29
N PHE A 155 -0.87 -1.63 44.75
CA PHE A 155 -0.96 -0.42 45.57
C PHE A 155 -1.56 0.76 44.82
N ASP A 156 -1.34 0.83 43.51
CA ASP A 156 -1.98 1.89 42.74
C ASP A 156 -3.49 1.66 42.66
N ASN A 157 -3.92 0.41 42.49
CA ASN A 157 -5.35 0.15 42.49
C ASN A 157 -5.97 0.55 43.82
N ARG A 158 -5.20 0.45 44.89
CA ARG A 158 -5.80 0.78 46.17
C ARG A 158 -5.82 2.29 46.39
N GLU A 159 -4.77 3.01 45.95
CA GLU A 159 -4.78 4.46 46.08
C GLU A 159 -6.00 5.07 45.39
N ASN A 160 -6.50 4.42 44.36
CA ASN A 160 -7.68 4.92 43.65
C ASN A 160 -8.97 4.75 44.45
N MET A 161 -8.98 3.81 45.40
CA MET A 161 -10.13 3.74 46.27
C MET A 161 -10.29 5.02 47.06
N PHE A 162 -9.19 5.68 47.41
CA PHE A 162 -9.22 6.84 48.28
C PHE A 162 -9.20 8.19 47.57
N SER A 163 -9.37 8.22 46.26
CA SER A 163 -9.35 9.47 45.53
C SER A 163 -10.62 10.29 45.81
N GLU A 164 -10.54 11.60 45.56
CA GLU A 164 -11.73 12.44 45.56
C GLU A 164 -12.41 12.48 44.21
N GLU A 165 -11.81 11.94 43.17
CA GLU A 165 -12.37 12.32 41.89
C GLU A 165 -13.56 11.44 41.50
N ALA A 166 -14.26 11.90 40.46
CA ALA A 166 -15.49 11.22 40.05
C ALA A 166 -15.12 10.01 39.20
N LYS A 167 -14.56 9.00 39.87
CA LYS A 167 -14.11 7.77 39.26
C LYS A 167 -14.85 6.60 39.90
N SER A 168 -15.31 5.68 39.04
CA SER A 168 -15.95 4.41 39.42
C SER A 168 -15.27 3.74 40.61
N THR A 169 -13.93 3.83 40.64
CA THR A 169 -13.11 3.15 41.63
C THR A 169 -13.09 3.86 42.96
N SER A 170 -13.42 5.15 43.01
CA SER A 170 -13.28 5.93 44.24
C SER A 170 -14.34 5.59 45.28
N ILE A 171 -13.91 5.56 46.55
CA ILE A 171 -14.87 5.42 47.65
C ILE A 171 -15.78 6.65 47.70
N ALA A 172 -15.18 7.85 47.64
CA ALA A 172 -15.99 9.07 47.68
C ALA A 172 -17.03 9.07 46.55
N PHE A 173 -16.65 8.60 45.36
CA PHE A 173 -17.62 8.54 44.28
C PHE A 173 -18.74 7.57 44.59
N ARG A 174 -18.43 6.44 45.21
CA ARG A 174 -19.49 5.50 45.54
C ARG A 174 -20.43 6.12 46.57
N CYS A 175 -19.85 6.81 47.55
CA CYS A 175 -20.63 7.37 48.64
C CYS A 175 -21.58 8.46 48.16
N ILE A 176 -21.05 9.43 47.42
CA ILE A 176 -21.76 10.69 47.16
C ILE A 176 -22.47 10.68 45.81
N ASN A 177 -21.74 10.35 44.75
CA ASN A 177 -22.34 10.35 43.41
C ASN A 177 -23.40 9.28 43.26
N GLU A 178 -23.15 8.09 43.81
CA GLU A 178 -24.02 6.94 43.56
C GLU A 178 -24.96 6.68 44.73
N ASN A 179 -24.42 6.49 45.94
CA ASN A 179 -25.26 6.03 47.05
C ASN A 179 -26.16 7.12 47.62
N LEU A 180 -25.64 8.35 47.75
CA LEU A 180 -26.42 9.44 48.33
C LEU A 180 -27.60 9.84 47.48
N THR A 181 -27.43 9.87 46.16
CA THR A 181 -28.56 10.22 45.30
C THR A 181 -29.64 9.16 45.37
N ARG A 182 -29.27 7.88 45.49
CA ARG A 182 -30.27 6.84 45.65
C ARG A 182 -31.04 7.00 46.96
N TYR A 183 -30.33 7.37 48.03
CA TYR A 183 -30.94 7.56 49.36
C TYR A 183 -31.96 8.68 49.35
N ILE A 184 -31.65 9.78 48.66
CA ILE A 184 -32.55 10.92 48.58
C ILE A 184 -33.70 10.62 47.61
N SER A 185 -33.42 9.87 46.54
CA SER A 185 -34.51 9.37 45.73
C SER A 185 -35.41 8.48 46.57
N ASN A 186 -34.80 7.70 47.48
CA ASN A 186 -35.58 6.89 48.41
C ASN A 186 -36.33 7.77 49.40
N MET A 187 -35.65 8.80 49.94
CA MET A 187 -36.31 9.78 50.80
C MET A 187 -37.56 10.32 50.14
N ASP A 188 -37.48 10.64 48.84
CA ASP A 188 -38.65 11.10 48.11
C ASP A 188 -39.77 10.07 48.19
N ILE A 189 -39.48 8.82 47.86
CA ILE A 189 -40.51 7.79 47.83
C ILE A 189 -41.11 7.57 49.21
N PHE A 190 -40.25 7.44 50.24
CA PHE A 190 -40.71 6.99 51.56
C PHE A 190 -41.72 7.94 52.18
N GLU A 191 -41.58 9.25 51.93
CA GLU A 191 -42.53 10.20 52.50
C GLU A 191 -43.88 10.20 51.78
N LYS A 192 -43.95 9.68 50.55
CA LYS A 192 -45.26 9.56 49.90
C LYS A 192 -46.02 8.34 50.41
N VAL A 193 -45.35 7.21 50.54
CA VAL A 193 -46.05 5.95 50.78
C VAL A 193 -45.94 5.54 52.23
N ASP A 194 -45.48 6.46 53.08
CA ASP A 194 -45.40 6.27 54.51
C ASP A 194 -46.78 5.92 55.09
N ALA A 195 -47.84 6.45 54.48
CA ALA A 195 -49.21 6.21 54.94
C ALA A 195 -49.54 4.72 54.98
N ILE A 196 -49.06 3.97 53.98
CA ILE A 196 -49.35 2.57 53.76
C ILE A 196 -48.86 1.68 54.90
N PHE A 197 -47.81 2.10 55.58
CA PHE A 197 -47.13 1.19 56.50
C PHE A 197 -47.84 1.21 57.83
N ASP A 198 -48.38 0.06 58.21
CA ASP A 198 -49.14 -0.07 59.45
C ASP A 198 -48.20 0.12 60.63
N LYS A 199 -48.77 0.50 61.76
CA LYS A 199 -47.99 0.70 62.98
C LYS A 199 -47.32 -0.62 63.39
N HIS A 200 -48.05 -1.75 63.21
CA HIS A 200 -47.44 -3.05 63.46
C HIS A 200 -46.14 -3.22 62.66
N GLU A 201 -46.21 -3.07 61.34
CA GLU A 201 -45.08 -3.39 60.45
C GLU A 201 -43.81 -2.61 60.83
N VAL A 202 -43.90 -1.28 60.93
CA VAL A 202 -42.73 -0.47 61.24
C VAL A 202 -42.03 -0.99 62.48
N GLN A 203 -42.81 -1.43 63.48
CA GLN A 203 -42.18 -1.89 64.71
C GLN A 203 -41.66 -3.33 64.60
N GLU A 204 -42.29 -4.18 63.77
CA GLU A 204 -41.68 -5.49 63.53
C GLU A 204 -40.31 -5.36 62.89
N ILE A 205 -40.20 -4.50 61.88
CA ILE A 205 -38.90 -4.21 61.27
C ILE A 205 -37.95 -3.63 62.32
N LYS A 206 -38.46 -2.70 63.13
CA LYS A 206 -37.64 -2.07 64.16
C LYS A 206 -37.09 -3.12 65.11
N GLU A 207 -37.93 -4.09 65.50
CA GLU A 207 -37.53 -5.12 66.45
C GLU A 207 -36.48 -6.06 65.86
N LYS A 208 -36.83 -6.76 64.78
CA LYS A 208 -36.01 -7.88 64.34
C LYS A 208 -34.85 -7.43 63.46
N ILE A 209 -35.11 -6.53 62.51
CA ILE A 209 -34.07 -6.08 61.57
C ILE A 209 -33.11 -5.10 62.25
N LEU A 210 -33.66 -4.13 63.00
CA LEU A 210 -32.87 -3.00 63.48
C LEU A 210 -32.35 -3.18 64.89
N ASN A 211 -32.78 -4.22 65.61
CA ASN A 211 -32.42 -4.51 66.99
C ASN A 211 -33.11 -3.55 67.96
N SER A 212 -34.10 -2.79 67.49
CA SER A 212 -34.81 -1.70 68.18
C SER A 212 -33.93 -0.51 68.51
N ASP A 213 -32.70 -0.47 67.99
CA ASP A 213 -31.82 0.67 68.28
C ASP A 213 -32.21 1.94 67.54
N TYR A 214 -32.79 1.83 66.34
CA TYR A 214 -33.19 2.98 65.53
C TYR A 214 -34.61 2.79 65.06
N ASP A 215 -35.31 3.90 64.83
CA ASP A 215 -36.65 3.80 64.25
C ASP A 215 -36.57 3.76 62.73
N VAL A 216 -37.55 3.07 62.13
CA VAL A 216 -37.55 2.86 60.68
C VAL A 216 -37.50 4.19 59.93
N GLU A 217 -38.16 5.22 60.48
CA GLU A 217 -38.14 6.52 59.83
C GLU A 217 -36.81 7.24 59.96
N ASP A 218 -35.92 6.78 60.86
CA ASP A 218 -34.59 7.39 60.98
C ASP A 218 -33.79 7.27 59.68
N PHE A 219 -33.91 6.12 59.01
CA PHE A 219 -33.14 5.82 57.80
C PHE A 219 -33.58 6.62 56.59
N PHE A 220 -34.66 7.40 56.69
CA PHE A 220 -35.05 8.29 55.61
C PHE A 220 -34.97 9.74 56.01
N GLU A 221 -34.37 10.04 57.15
CA GLU A 221 -34.09 11.43 57.54
C GLU A 221 -32.71 11.84 57.03
N GLY A 222 -32.61 13.12 56.63
CA GLY A 222 -31.41 13.54 55.94
C GLY A 222 -30.15 13.24 56.74
N GLU A 223 -30.18 13.56 58.04
CA GLU A 223 -28.97 13.57 58.86
C GLU A 223 -28.58 12.19 59.35
N PHE A 224 -29.23 11.16 58.83
CA PHE A 224 -28.82 9.80 59.05
C PHE A 224 -27.96 9.22 57.94
N PHE A 225 -27.76 9.94 56.84
CA PHE A 225 -27.02 9.34 55.74
C PHE A 225 -25.67 8.84 56.21
N ASN A 226 -25.01 9.59 57.11
CA ASN A 226 -23.68 9.21 57.56
C ASN A 226 -23.65 7.77 58.06
N PHE A 227 -24.77 7.28 58.61
CA PHE A 227 -24.81 5.91 59.11
C PHE A 227 -24.61 4.90 57.98
N VAL A 228 -25.03 5.24 56.77
CA VAL A 228 -25.04 4.27 55.67
C VAL A 228 -23.80 4.44 54.78
N LEU A 229 -22.79 5.19 55.29
CA LEU A 229 -21.52 5.26 54.58
C LEU A 229 -20.77 3.93 54.62
N THR A 230 -20.71 3.29 55.77
CA THR A 230 -20.09 1.97 55.90
C THR A 230 -21.03 0.88 55.41
N GLN A 231 -20.44 -0.25 55.02
CA GLN A 231 -21.21 -1.39 54.51
C GLN A 231 -22.12 -2.00 55.59
N GLU A 232 -21.66 -2.01 56.83
CA GLU A 232 -22.49 -2.47 57.93
C GLU A 232 -23.83 -1.74 57.95
N GLY A 233 -23.80 -0.43 57.67
CA GLY A 233 -25.01 0.34 57.53
C GLY A 233 -25.75 0.10 56.23
N ILE A 234 -25.02 -0.25 55.17
CA ILE A 234 -25.72 -0.52 53.91
C ILE A 234 -26.50 -1.80 54.03
N ASP A 235 -25.98 -2.75 54.80
CA ASP A 235 -26.64 -4.05 54.94
C ASP A 235 -27.93 -3.93 55.75
N VAL A 236 -27.93 -3.17 56.84
CA VAL A 236 -29.19 -2.92 57.54
C VAL A 236 -30.18 -2.21 56.62
N TYR A 237 -29.74 -1.15 55.95
CA TYR A 237 -30.65 -0.34 55.15
C TYR A 237 -31.29 -1.14 54.02
N ASN A 238 -30.51 -1.94 53.28
CA ASN A 238 -31.14 -2.72 52.22
C ASN A 238 -31.94 -3.88 52.77
N ALA A 239 -31.70 -4.24 54.03
CA ALA A 239 -32.59 -5.19 54.68
C ALA A 239 -33.96 -4.57 54.94
N ILE A 240 -34.00 -3.28 55.28
CA ILE A 240 -35.28 -2.60 55.53
C ILE A 240 -36.13 -2.64 54.27
N ILE A 241 -35.51 -2.48 53.11
CA ILE A 241 -36.24 -2.46 51.86
C ILE A 241 -36.56 -3.87 51.37
N GLY A 242 -35.54 -4.71 51.24
CA GLY A 242 -35.70 -6.06 50.73
C GLY A 242 -36.13 -7.09 51.75
N GLY A 243 -36.05 -6.77 53.04
CA GLY A 243 -36.27 -7.76 54.07
C GLY A 243 -35.02 -8.59 54.25
N PHE A 244 -35.10 -9.54 55.18
CA PHE A 244 -34.01 -10.49 55.40
C PHE A 244 -34.49 -11.55 56.38
N VAL A 245 -33.74 -12.64 56.45
CA VAL A 245 -34.04 -13.78 57.29
C VAL A 245 -33.20 -13.72 58.56
N THR A 246 -33.87 -13.71 59.72
CA THR A 246 -33.17 -13.96 60.96
C THR A 246 -32.93 -15.47 61.03
N GLU A 247 -32.22 -15.94 62.04
CA GLU A 247 -31.73 -17.31 62.00
C GLU A 247 -32.70 -18.35 62.53
N SER A 248 -33.84 -17.94 63.08
CA SER A 248 -34.97 -18.84 63.30
C SER A 248 -35.62 -19.31 62.00
N GLY A 249 -35.24 -18.72 60.87
CA GLY A 249 -35.91 -19.01 59.62
C GLY A 249 -37.17 -18.21 59.40
N GLU A 250 -37.45 -17.25 60.27
CA GLU A 250 -38.54 -16.31 60.04
C GLU A 250 -38.14 -15.35 58.92
N LYS A 251 -38.95 -15.31 57.87
CA LYS A 251 -38.83 -14.30 56.83
C LYS A 251 -39.52 -13.05 57.34
N ILE A 252 -38.81 -11.92 57.28
CA ILE A 252 -39.34 -10.62 57.68
C ILE A 252 -39.63 -9.81 56.42
N LYS A 253 -40.89 -9.37 56.29
CA LYS A 253 -41.31 -8.56 55.17
C LYS A 253 -40.64 -7.19 55.23
N GLY A 254 -39.96 -6.82 54.13
CA GLY A 254 -39.45 -5.47 53.99
C GLY A 254 -40.46 -4.50 53.39
N LEU A 255 -40.13 -3.22 53.44
CA LEU A 255 -41.10 -2.20 53.02
C LEU A 255 -41.45 -2.34 51.55
N ASN A 256 -40.52 -2.82 50.71
CA ASN A 256 -40.84 -3.07 49.31
C ASN A 256 -41.85 -4.19 49.18
N GLU A 257 -41.77 -5.18 50.06
CA GLU A 257 -42.75 -6.25 50.04
C GLU A 257 -44.13 -5.69 50.34
N TYR A 258 -44.27 -4.98 51.47
CA TYR A 258 -45.54 -4.32 51.80
C TYR A 258 -46.00 -3.38 50.68
N ILE A 259 -45.06 -2.71 50.01
CA ILE A 259 -45.42 -1.87 48.87
C ILE A 259 -46.01 -2.73 47.75
N ASN A 260 -45.37 -3.87 47.46
CA ASN A 260 -45.87 -4.70 46.37
C ASN A 260 -47.19 -5.37 46.71
N LEU A 261 -47.39 -5.80 47.96
CA LEU A 261 -48.69 -6.38 48.27
C LEU A 261 -49.78 -5.30 48.31
N TYR A 262 -49.42 -4.07 48.70
CA TYR A 262 -50.36 -2.95 48.59
C TYR A 262 -50.72 -2.67 47.14
N ASN A 263 -49.77 -2.85 46.22
CA ASN A 263 -50.05 -2.52 44.82
C ASN A 263 -51.01 -3.52 44.20
N GLN A 264 -51.06 -4.75 44.71
CA GLN A 264 -52.01 -5.73 44.21
C GLN A 264 -53.38 -5.62 44.87
N LYS A 265 -53.43 -5.46 46.20
CA LYS A 265 -54.74 -5.32 46.86
C LYS A 265 -55.45 -4.02 46.49
N THR A 266 -54.71 -2.95 46.20
CA THR A 266 -55.25 -1.66 45.73
C THR A 266 -55.18 -1.49 44.20
N LYS A 267 -54.29 -2.24 43.53
CA LYS A 267 -54.11 -2.18 42.08
C LYS A 267 -53.73 -0.79 41.63
N GLN A 268 -52.68 -0.34 42.29
CA GLN A 268 -52.24 1.03 42.38
C GLN A 268 -50.83 1.12 41.78
N LYS A 269 -50.26 2.32 41.85
CA LYS A 269 -49.13 2.71 41.02
C LYS A 269 -48.03 3.13 41.98
N LEU A 270 -47.63 2.20 42.85
CA LEU A 270 -46.62 2.75 43.74
C LEU A 270 -45.21 2.46 43.22
N PRO A 271 -44.29 3.41 43.41
CA PRO A 271 -42.87 3.09 43.21
C PRO A 271 -42.32 2.46 44.48
N LYS A 272 -41.56 1.39 44.35
CA LYS A 272 -40.85 0.83 45.48
C LYS A 272 -39.43 1.39 45.48
N PHE A 273 -38.69 1.10 46.56
CA PHE A 273 -37.37 1.69 46.79
C PHE A 273 -36.26 1.00 46.00
N LYS A 274 -35.21 1.76 45.67
CA LYS A 274 -34.06 1.12 45.07
C LYS A 274 -33.04 0.80 46.16
N PRO A 275 -32.43 -0.38 46.16
CA PRO A 275 -31.41 -0.66 47.18
C PRO A 275 -30.10 0.08 46.91
N LEU A 276 -29.39 0.38 47.99
CA LEU A 276 -28.11 1.06 47.87
C LEU A 276 -27.03 0.10 47.38
N TYR A 277 -25.92 0.68 46.94
CA TYR A 277 -24.82 -0.07 46.36
C TYR A 277 -23.78 -0.48 47.43
N LYS A 278 -23.05 -1.54 47.09
CA LYS A 278 -21.92 -2.12 47.83
C LYS A 278 -20.86 -1.06 48.10
N GLN A 279 -20.12 -1.20 49.21
CA GLN A 279 -18.97 -0.31 49.45
C GLN A 279 -17.68 -0.98 48.98
N VAL A 280 -16.74 -0.19 48.45
CA VAL A 280 -15.57 -0.76 47.82
C VAL A 280 -14.84 -1.64 48.82
N LEU A 281 -14.54 -2.87 48.41
CA LEU A 281 -13.69 -3.83 49.12
C LEU A 281 -14.30 -4.55 50.31
N SER A 282 -15.58 -4.37 50.65
CA SER A 282 -16.16 -5.31 51.59
C SER A 282 -16.40 -6.63 50.86
N ASP A 283 -16.27 -7.73 51.57
CA ASP A 283 -16.48 -9.03 50.95
C ASP A 283 -17.84 -9.53 51.40
N ARG A 284 -18.81 -9.45 50.49
CA ARG A 284 -20.13 -10.05 50.59
C ARG A 284 -20.32 -11.12 51.67
N GLY A 291 -21.81 -22.98 47.05
CA GLY A 291 -20.59 -23.76 47.22
C GLY A 291 -19.57 -23.56 46.11
N GLU A 292 -18.29 -23.28 46.44
CA GLU A 292 -17.44 -22.85 45.33
C GLU A 292 -16.83 -24.01 44.51
N GLY A 293 -16.52 -23.65 43.26
CA GLY A 293 -16.14 -24.60 42.24
C GLY A 293 -14.85 -25.35 42.50
N TYR A 294 -14.86 -26.57 41.99
CA TYR A 294 -13.84 -27.58 42.21
C TYR A 294 -12.53 -27.23 41.52
N THR A 295 -11.45 -27.55 42.21
CA THR A 295 -10.08 -27.29 41.80
C THR A 295 -9.48 -28.43 41.00
N SER A 296 -9.33 -29.59 41.62
CA SER A 296 -8.59 -30.76 41.16
C SER A 296 -9.43 -31.66 40.26
N ASP A 297 -8.76 -32.66 39.69
CA ASP A 297 -9.43 -33.70 38.93
C ASP A 297 -9.88 -34.85 39.81
N GLU A 298 -9.01 -35.34 40.70
CA GLU A 298 -9.36 -36.42 41.62
C GLU A 298 -10.17 -35.89 42.81
N GLU A 299 -10.19 -34.57 43.05
CA GLU A 299 -11.19 -34.03 43.94
C GLU A 299 -12.59 -34.48 43.51
N VAL A 300 -12.87 -34.31 42.21
CA VAL A 300 -14.19 -34.67 41.68
C VAL A 300 -14.50 -36.14 41.92
N LEU A 301 -13.53 -37.01 41.62
CA LEU A 301 -13.72 -38.43 41.85
C LEU A 301 -14.00 -38.72 43.31
N GLU A 302 -13.33 -38.01 44.22
CA GLU A 302 -13.54 -38.24 45.64
C GLU A 302 -14.90 -37.75 46.11
N VAL A 303 -15.22 -36.47 45.86
CA VAL A 303 -16.48 -35.96 46.36
C VAL A 303 -17.64 -36.58 45.59
N PHE A 304 -17.40 -37.09 44.37
CA PHE A 304 -18.42 -37.96 43.79
C PHE A 304 -18.56 -39.22 44.61
N ARG A 305 -17.44 -39.92 44.82
CA ARG A 305 -17.51 -41.18 45.53
C ARG A 305 -18.05 -40.98 46.93
N ASN A 306 -17.69 -39.86 47.56
CA ASN A 306 -17.98 -39.75 48.98
C ASN A 306 -19.36 -39.18 49.26
N THR A 307 -19.99 -38.52 48.31
CA THR A 307 -21.37 -38.12 48.48
C THR A 307 -22.38 -39.10 47.89
N LEU A 308 -21.95 -39.98 46.97
CA LEU A 308 -22.91 -40.83 46.28
C LEU A 308 -22.63 -42.34 46.36
N ASN A 309 -21.62 -42.79 47.11
CA ASN A 309 -21.40 -44.23 47.21
C ASN A 309 -22.44 -44.84 48.13
N LYS A 310 -22.40 -46.16 48.28
CA LYS A 310 -23.47 -46.85 49.00
C LYS A 310 -23.45 -46.55 50.49
N ASN A 311 -22.34 -46.05 51.01
CA ASN A 311 -22.26 -45.62 52.40
C ASN A 311 -22.62 -44.13 52.61
N SER A 312 -22.82 -43.36 51.53
CA SER A 312 -23.20 -41.95 51.61
C SER A 312 -24.51 -41.71 52.39
N GLU A 313 -24.69 -40.46 52.85
CA GLU A 313 -25.98 -40.04 53.38
C GLU A 313 -27.04 -40.03 52.29
N ILE A 314 -26.68 -39.61 51.07
CA ILE A 314 -27.68 -39.48 50.01
C ILE A 314 -28.27 -40.83 49.65
N PHE A 315 -27.45 -41.88 49.65
CA PHE A 315 -27.98 -43.20 49.33
C PHE A 315 -28.88 -43.72 50.43
N SER A 316 -28.59 -43.35 51.68
CA SER A 316 -29.35 -43.89 52.80
C SER A 316 -30.80 -43.45 52.71
N SER A 317 -31.04 -42.14 52.50
CA SER A 317 -32.39 -41.65 52.24
C SER A 317 -33.00 -42.34 51.04
N ILE A 318 -32.22 -42.65 50.01
CA ILE A 318 -32.81 -43.37 48.88
C ILE A 318 -33.42 -44.67 49.36
N LYS A 319 -32.70 -45.42 50.19
CA LYS A 319 -33.28 -46.65 50.71
C LYS A 319 -34.39 -46.37 51.71
N LYS A 320 -34.35 -45.21 52.37
CA LYS A 320 -35.43 -44.82 53.25
C LYS A 320 -36.66 -44.39 52.49
N LEU A 321 -36.49 -43.61 51.42
CA LEU A 321 -37.63 -43.24 50.60
C LEU A 321 -38.26 -44.48 49.96
N GLU A 322 -37.45 -45.49 49.67
CA GLU A 322 -37.97 -46.72 49.12
C GLU A 322 -38.92 -47.39 50.11
N LYS A 323 -38.53 -47.48 51.38
CA LYS A 323 -39.36 -48.16 52.38
C LYS A 323 -40.69 -47.45 52.57
N LEU A 324 -40.71 -46.11 52.51
CA LEU A 324 -41.97 -45.41 52.68
C LEU A 324 -42.90 -45.72 51.52
N PHE A 325 -42.38 -45.69 50.29
CA PHE A 325 -43.25 -45.92 49.16
C PHE A 325 -43.63 -47.38 49.03
N LYS A 326 -42.82 -48.29 49.56
CA LYS A 326 -43.18 -49.71 49.48
C LYS A 326 -44.38 -50.03 50.36
N ASN A 327 -44.58 -49.29 51.44
CA ASN A 327 -45.79 -49.37 52.27
C ASN A 327 -46.70 -48.17 52.02
N PHE A 328 -46.83 -47.77 50.76
CA PHE A 328 -47.70 -46.64 50.45
C PHE A 328 -49.15 -46.93 50.79
N ASP A 329 -49.55 -48.21 50.78
CA ASP A 329 -50.94 -48.56 51.10
C ASP A 329 -51.31 -48.16 52.53
N GLU A 330 -50.35 -48.16 53.45
CA GLU A 330 -50.69 -48.12 54.87
C GLU A 330 -51.13 -46.74 55.34
N TYR A 331 -50.69 -45.67 54.69
CA TYR A 331 -50.99 -44.34 55.20
C TYR A 331 -52.31 -43.81 54.65
N SER A 332 -52.74 -42.68 55.18
CA SER A 332 -54.09 -42.21 54.89
C SER A 332 -54.16 -41.50 53.56
N SER A 333 -55.10 -41.92 52.74
CA SER A 333 -55.27 -41.30 51.45
C SER A 333 -55.84 -39.89 51.59
N ALA A 334 -56.47 -39.58 52.72
CA ALA A 334 -56.83 -38.18 52.93
C ALA A 334 -55.65 -37.36 53.42
N GLY A 335 -54.55 -38.01 53.81
CA GLY A 335 -53.41 -37.39 54.42
C GLY A 335 -52.18 -37.16 53.57
N ILE A 336 -52.16 -37.63 52.32
CA ILE A 336 -51.05 -37.40 51.40
C ILE A 336 -51.51 -36.50 50.27
N PHE A 337 -50.62 -35.69 49.78
CA PHE A 337 -51.03 -34.66 48.83
C PHE A 337 -50.09 -34.60 47.63
N VAL A 338 -50.67 -34.24 46.50
CA VAL A 338 -49.91 -34.00 45.29
C VAL A 338 -50.09 -32.54 44.95
N LYS A 339 -48.99 -31.79 44.93
CA LYS A 339 -49.07 -30.37 44.66
C LYS A 339 -49.60 -30.16 43.25
N ASN A 340 -50.22 -29.02 43.04
CA ASN A 340 -50.80 -28.68 41.75
C ASN A 340 -49.88 -27.65 41.08
N GLY A 341 -49.13 -28.08 40.07
CA GLY A 341 -48.20 -27.20 39.39
C GLY A 341 -48.22 -27.41 37.90
N PRO A 342 -47.31 -26.76 37.17
CA PRO A 342 -47.07 -27.19 35.78
C PRO A 342 -46.57 -28.61 35.72
N ALA A 343 -46.00 -29.12 36.80
CA ALA A 343 -45.64 -30.52 36.86
C ALA A 343 -46.84 -31.47 36.91
N ILE A 344 -48.08 -30.97 37.00
CA ILE A 344 -49.20 -31.87 37.34
C ILE A 344 -49.62 -32.78 36.19
N SER A 345 -49.40 -32.38 34.93
CA SER A 345 -49.89 -33.21 33.84
C SER A 345 -48.99 -34.42 33.60
N THR A 346 -47.69 -34.35 33.94
CA THR A 346 -46.87 -35.55 33.86
C THR A 346 -47.21 -36.53 34.99
N ILE A 347 -47.65 -36.03 36.15
CA ILE A 347 -48.14 -36.99 37.15
C ILE A 347 -49.47 -37.55 36.70
N SER A 348 -50.21 -36.79 35.89
CA SER A 348 -51.48 -37.33 35.42
C SER A 348 -51.25 -38.44 34.41
N LYS A 349 -50.30 -38.25 33.49
CA LYS A 349 -50.09 -39.23 32.43
C LYS A 349 -49.35 -40.45 32.94
N ASP A 350 -48.70 -40.35 34.10
CA ASP A 350 -48.17 -41.55 34.74
C ASP A 350 -49.24 -42.36 35.46
N ILE A 351 -50.24 -41.71 36.03
CA ILE A 351 -51.26 -42.44 36.77
C ILE A 351 -52.40 -42.90 35.87
N PHE A 352 -52.86 -42.05 34.94
CA PHE A 352 -54.00 -42.38 34.11
C PHE A 352 -53.68 -42.66 32.64
N GLY A 353 -52.60 -42.08 32.09
CA GLY A 353 -52.22 -42.28 30.70
C GLY A 353 -52.31 -41.06 29.80
N GLU A 354 -53.22 -40.14 30.10
CA GLU A 354 -53.36 -38.91 29.32
C GLU A 354 -52.97 -37.71 30.16
N TRP A 355 -52.29 -36.75 29.55
CA TRP A 355 -51.81 -35.59 30.28
C TRP A 355 -52.95 -34.72 30.83
N ASN A 356 -54.11 -34.74 30.19
CA ASN A 356 -55.19 -33.81 30.53
C ASN A 356 -56.26 -34.41 31.44
N VAL A 357 -56.12 -35.67 31.87
CA VAL A 357 -57.20 -36.36 32.60
C VAL A 357 -57.50 -35.66 33.91
N ILE A 358 -56.47 -35.47 34.74
CA ILE A 358 -56.67 -34.88 36.06
C ILE A 358 -57.40 -33.54 35.96
N ARG A 359 -56.90 -32.63 35.11
CA ARG A 359 -57.57 -31.33 34.99
C ARG A 359 -58.96 -31.48 34.42
N ASP A 360 -59.12 -32.32 33.41
CA ASP A 360 -60.44 -32.46 32.81
C ASP A 360 -61.44 -32.99 33.82
N LYS A 361 -61.05 -33.95 34.65
CA LYS A 361 -61.98 -34.45 35.65
C LYS A 361 -62.27 -33.40 36.71
N TRP A 362 -61.26 -32.63 37.13
CA TRP A 362 -61.53 -31.49 38.02
C TRP A 362 -62.47 -30.50 37.34
N ASN A 363 -62.27 -30.28 36.03
CA ASN A 363 -63.19 -29.43 35.28
C ASN A 363 -64.62 -29.97 35.40
N ALA A 364 -64.76 -31.30 35.44
CA ALA A 364 -66.08 -31.91 35.49
C ALA A 364 -66.80 -31.60 36.80
N GLU A 365 -66.11 -31.77 37.93
CA GLU A 365 -66.79 -31.59 39.21
C GLU A 365 -66.94 -30.13 39.61
N TYR A 366 -66.08 -29.24 39.12
CA TYR A 366 -66.36 -27.81 39.29
C TYR A 366 -67.68 -27.45 38.63
N ASP A 367 -67.97 -28.09 37.48
CA ASP A 367 -69.25 -27.87 36.81
C ASP A 367 -70.42 -28.35 37.66
N ASP A 368 -70.28 -29.50 38.33
CA ASP A 368 -71.42 -30.08 39.05
C ASP A 368 -72.00 -29.10 40.06
N ILE A 369 -71.14 -28.33 40.72
CA ILE A 369 -71.56 -27.40 41.76
C ILE A 369 -71.90 -26.01 41.19
N HIS A 370 -71.10 -25.53 40.23
CA HIS A 370 -71.22 -24.16 39.70
C HIS A 370 -72.02 -24.03 38.39
N LEU A 371 -72.46 -25.12 37.75
CA LEU A 371 -73.13 -25.01 36.45
C LEU A 371 -74.67 -25.08 36.52
N LYS A 372 -75.33 -24.11 35.85
CA LYS A 372 -76.75 -24.07 35.55
C LYS A 372 -76.95 -23.86 34.04
N LYS A 373 -78.01 -24.46 33.47
CA LYS A 373 -78.06 -24.70 32.02
C LYS A 373 -78.35 -23.44 31.22
N LYS A 374 -78.89 -22.40 31.89
CA LYS A 374 -79.17 -21.11 31.24
C LYS A 374 -77.94 -20.50 30.57
N ALA A 375 -76.82 -20.42 31.31
CA ALA A 375 -75.58 -19.86 30.76
C ALA A 375 -75.01 -20.76 29.66
N VAL A 376 -75.37 -22.05 29.68
CA VAL A 376 -74.91 -23.11 28.77
C VAL A 376 -73.43 -23.31 29.06
N VAL A 377 -72.60 -22.42 28.51
CA VAL A 377 -71.31 -22.01 29.07
C VAL A 377 -71.03 -20.65 28.46
N THR A 378 -70.11 -19.90 29.07
CA THR A 378 -69.69 -18.60 28.57
C THR A 378 -68.17 -18.57 28.52
N GLU A 379 -67.63 -17.65 27.72
CA GLU A 379 -66.19 -17.68 27.47
C GLU A 379 -65.35 -17.26 28.67
N LYS A 380 -65.91 -16.47 29.60
CA LYS A 380 -65.28 -16.22 30.90
C LYS A 380 -65.80 -17.10 32.05
N TYR A 381 -66.94 -17.80 31.91
CA TYR A 381 -67.24 -18.79 32.93
C TYR A 381 -66.27 -19.97 32.84
N GLU A 382 -65.83 -20.28 31.62
CA GLU A 382 -64.69 -21.16 31.45
C GLU A 382 -63.35 -20.44 31.65
N ASP A 383 -63.35 -19.11 31.62
CA ASP A 383 -62.15 -18.36 31.99
C ASP A 383 -62.10 -18.18 33.50
N ASP A 384 -63.24 -18.37 34.18
CA ASP A 384 -63.30 -18.37 35.64
C ASP A 384 -63.10 -19.77 36.22
N ARG A 385 -63.35 -20.82 35.42
CA ARG A 385 -62.95 -22.17 35.83
C ARG A 385 -61.46 -22.40 35.65
N ARG A 386 -60.85 -21.81 34.61
CA ARG A 386 -59.40 -21.86 34.51
C ARG A 386 -58.78 -21.11 35.66
N LYS A 387 -59.48 -20.12 36.21
CA LYS A 387 -58.86 -19.34 37.26
C LYS A 387 -58.85 -20.12 38.56
N SER A 388 -59.90 -20.87 38.83
CA SER A 388 -59.93 -21.55 40.11
C SER A 388 -59.04 -22.79 40.10
N PHE A 389 -58.84 -23.42 38.95
CA PHE A 389 -57.91 -24.54 38.92
C PHE A 389 -56.48 -24.13 39.21
N LYS A 390 -56.05 -22.94 38.78
CA LYS A 390 -54.66 -22.53 39.03
C LYS A 390 -54.46 -22.13 40.47
N LYS A 391 -55.57 -21.94 41.17
CA LYS A 391 -55.69 -21.60 42.58
C LYS A 391 -55.81 -22.82 43.50
N ILE A 392 -56.29 -23.95 42.99
CA ILE A 392 -56.22 -25.21 43.72
C ILE A 392 -54.75 -25.49 44.00
N GLY A 393 -54.40 -25.57 45.28
CA GLY A 393 -53.01 -25.70 45.63
C GLY A 393 -52.53 -27.13 45.53
N SER A 394 -53.40 -28.05 45.92
CA SER A 394 -53.00 -29.44 46.07
C SER A 394 -54.13 -30.39 45.67
N PHE A 395 -53.77 -31.67 45.59
CA PHE A 395 -54.68 -32.77 45.28
C PHE A 395 -54.46 -33.89 46.28
N SER A 396 -55.51 -34.22 47.01
CA SER A 396 -55.43 -35.31 47.95
C SER A 396 -55.27 -36.64 47.22
N LEU A 397 -54.63 -37.62 47.87
CA LEU A 397 -54.58 -38.95 47.27
C LEU A 397 -55.96 -39.58 47.16
N GLU A 398 -56.98 -38.99 47.77
CA GLU A 398 -58.36 -39.45 47.63
C GLU A 398 -59.04 -38.73 46.48
N GLN A 399 -58.84 -37.40 46.37
CA GLN A 399 -59.37 -36.67 45.24
C GLN A 399 -58.86 -37.24 43.93
N LEU A 400 -57.68 -37.90 43.94
CA LEU A 400 -57.20 -38.56 42.73
C LEU A 400 -57.86 -39.93 42.54
N GLN A 401 -58.11 -40.67 43.63
CA GLN A 401 -58.75 -41.96 43.43
C GLN A 401 -60.20 -41.79 43.00
N GLU A 402 -60.85 -40.72 43.44
CA GLU A 402 -62.22 -40.49 42.99
C GLU A 402 -62.26 -40.04 41.54
N TYR A 403 -61.14 -39.52 41.01
CA TYR A 403 -60.99 -39.29 39.59
C TYR A 403 -60.72 -40.59 38.83
N ALA A 404 -60.21 -41.62 39.51
CA ALA A 404 -59.91 -42.86 38.83
C ALA A 404 -61.19 -43.64 38.58
N ASP A 405 -61.28 -44.24 37.40
CA ASP A 405 -62.33 -45.21 37.20
C ASP A 405 -61.92 -46.56 37.75
N ALA A 406 -62.92 -47.40 38.02
CA ALA A 406 -62.67 -48.71 38.56
C ALA A 406 -61.93 -49.57 37.52
N ASP A 407 -61.06 -50.45 38.02
CA ASP A 407 -60.71 -50.46 39.42
C ASP A 407 -59.22 -50.18 39.64
N LEU A 408 -58.65 -49.39 38.73
CA LEU A 408 -57.28 -48.89 38.88
C LEU A 408 -57.10 -48.18 40.22
N SER A 409 -56.13 -48.66 41.01
CA SER A 409 -55.81 -48.12 42.32
C SER A 409 -54.73 -47.04 42.17
N VAL A 410 -55.11 -45.77 42.26
CA VAL A 410 -54.09 -44.73 42.04
C VAL A 410 -52.98 -44.85 43.09
N VAL A 411 -53.29 -45.40 44.25
CA VAL A 411 -52.30 -45.36 45.33
C VAL A 411 -51.37 -46.57 45.26
N GLU A 412 -51.75 -47.64 44.56
CA GLU A 412 -50.80 -48.70 44.26
C GLU A 412 -50.05 -48.45 42.95
N LYS A 413 -50.71 -47.81 41.99
CA LYS A 413 -50.04 -47.38 40.77
C LYS A 413 -48.94 -46.37 41.06
N LEU A 414 -49.20 -45.44 41.97
CA LEU A 414 -48.14 -44.49 42.34
C LEU A 414 -46.98 -45.19 43.03
N LYS A 415 -47.24 -46.34 43.67
CA LYS A 415 -46.10 -47.06 44.21
C LYS A 415 -45.35 -47.82 43.10
N GLU A 416 -46.06 -48.25 42.05
CA GLU A 416 -45.39 -48.87 40.92
C GLU A 416 -44.47 -47.88 40.23
N ILE A 417 -44.96 -46.65 40.04
CA ILE A 417 -44.17 -45.60 39.39
C ILE A 417 -42.92 -45.28 40.20
N ILE A 418 -43.04 -45.20 41.53
CA ILE A 418 -41.91 -44.80 42.35
C ILE A 418 -40.87 -45.92 42.40
N ILE A 419 -41.32 -47.17 42.59
CA ILE A 419 -40.38 -48.28 42.67
C ILE A 419 -39.72 -48.52 41.32
N GLN A 420 -40.44 -48.26 40.23
CA GLN A 420 -39.79 -48.27 38.93
C GLN A 420 -38.67 -47.23 38.87
N LYS A 421 -38.79 -46.13 39.62
CA LYS A 421 -37.77 -45.10 39.60
C LYS A 421 -36.57 -45.45 40.48
N VAL A 422 -36.78 -46.17 41.58
CA VAL A 422 -35.64 -46.54 42.42
C VAL A 422 -35.00 -47.82 41.91
N ASP A 423 -35.77 -48.74 41.33
CA ASP A 423 -35.16 -49.92 40.77
C ASP A 423 -34.35 -49.59 39.53
N GLU A 424 -34.54 -48.41 38.95
CA GLU A 424 -33.63 -47.99 37.89
C GLU A 424 -32.40 -47.27 38.43
N ILE A 425 -32.51 -46.64 39.60
CA ILE A 425 -31.35 -46.04 40.23
C ILE A 425 -30.33 -47.10 40.62
N TYR A 426 -30.80 -48.22 41.18
CA TYR A 426 -29.89 -49.31 41.53
C TYR A 426 -29.21 -49.90 40.31
N LYS A 427 -29.90 -49.90 39.16
CA LYS A 427 -29.27 -50.41 37.94
C LYS A 427 -28.16 -49.48 37.49
N VAL A 428 -28.34 -48.18 37.65
CA VAL A 428 -27.27 -47.26 37.30
C VAL A 428 -26.14 -47.37 38.31
N TYR A 429 -26.43 -47.87 39.53
CA TYR A 429 -25.40 -48.23 40.49
C TYR A 429 -24.62 -49.49 40.14
N GLY A 430 -25.13 -50.32 39.23
CA GLY A 430 -24.40 -51.49 38.79
C GLY A 430 -23.33 -51.11 37.78
N SER A 431 -23.72 -50.31 36.79
CA SER A 431 -22.81 -49.79 35.77
C SER A 431 -21.78 -48.83 36.34
N SER A 432 -21.94 -48.35 37.57
CA SER A 432 -21.09 -47.29 38.11
C SER A 432 -20.22 -47.78 39.25
N GLU A 433 -20.14 -49.09 39.45
CA GLU A 433 -19.52 -49.59 40.67
C GLU A 433 -18.01 -49.42 40.68
N LYS A 434 -17.34 -49.64 39.56
CA LYS A 434 -15.88 -49.62 39.56
C LYS A 434 -15.34 -48.20 39.72
N LEU A 435 -16.14 -47.19 39.38
CA LEU A 435 -15.77 -45.85 39.77
C LEU A 435 -15.70 -45.74 41.30
N PHE A 436 -16.60 -46.43 42.00
CA PHE A 436 -16.73 -46.26 43.44
C PHE A 436 -15.58 -46.90 44.22
N ASP A 437 -14.98 -47.97 43.71
CA ASP A 437 -13.87 -48.55 44.44
C ASP A 437 -12.72 -47.56 44.55
N ALA A 438 -11.94 -47.71 45.63
CA ALA A 438 -10.71 -46.95 45.75
C ALA A 438 -9.71 -47.38 44.68
N ASP A 439 -9.71 -48.68 44.34
CA ASP A 439 -8.86 -49.25 43.30
C ASP A 439 -8.85 -48.42 42.01
N PHE A 440 -10.01 -47.85 41.65
CA PHE A 440 -10.15 -47.19 40.35
C PHE A 440 -9.13 -46.05 40.22
N VAL A 441 -8.45 -46.02 39.06
CA VAL A 441 -7.49 -44.98 38.73
C VAL A 441 -7.94 -44.31 37.44
N LEU A 442 -7.77 -42.99 37.38
CA LEU A 442 -8.28 -42.25 36.23
C LEU A 442 -7.38 -42.46 35.02
N GLU A 443 -7.97 -43.05 33.97
CA GLU A 443 -7.22 -43.36 32.75
C GLU A 443 -6.85 -42.10 31.97
N LYS A 444 -7.73 -41.11 31.92
CA LYS A 444 -7.56 -39.93 31.08
C LYS A 444 -7.86 -38.68 31.89
N SER A 445 -7.53 -37.52 31.30
CA SER A 445 -8.03 -36.28 31.87
C SER A 445 -9.55 -36.37 31.93
N LEU A 446 -10.13 -35.90 33.04
CA LEU A 446 -11.57 -36.08 33.24
C LEU A 446 -12.37 -35.35 32.17
N LYS A 447 -11.97 -34.12 31.84
CA LYS A 447 -12.70 -33.34 30.83
C LYS A 447 -12.65 -34.04 29.47
N LYS A 448 -11.50 -34.58 29.10
CA LYS A 448 -11.40 -35.36 27.85
C LYS A 448 -12.19 -36.66 27.96
N ASN A 449 -12.16 -37.30 29.14
CA ASN A 449 -12.59 -38.69 29.29
C ASN A 449 -14.12 -38.78 29.40
N ASP A 450 -14.80 -38.73 28.24
CA ASP A 450 -16.27 -38.76 28.21
C ASP A 450 -16.88 -40.07 28.73
N ALA A 451 -16.17 -41.20 28.67
CA ALA A 451 -16.81 -42.47 29.06
C ALA A 451 -17.18 -42.50 30.55
N VAL A 452 -16.26 -42.11 31.45
CA VAL A 452 -16.62 -42.12 32.87
C VAL A 452 -17.54 -40.96 33.19
N VAL A 453 -17.34 -39.80 32.53
CA VAL A 453 -18.21 -38.65 32.76
C VAL A 453 -19.65 -39.04 32.49
N ALA A 454 -19.87 -39.86 31.47
CA ALA A 454 -21.22 -40.24 31.14
C ALA A 454 -21.88 -41.04 32.27
N ILE A 455 -21.11 -41.87 33.00
CA ILE A 455 -21.76 -42.67 34.04
C ILE A 455 -21.98 -41.84 35.31
N MET A 456 -21.05 -40.93 35.67
CA MET A 456 -21.38 -39.93 36.69
C MET A 456 -22.66 -39.20 36.35
N LYS A 457 -22.83 -38.82 35.09
CA LYS A 457 -24.04 -38.10 34.72
C LYS A 457 -25.20 -39.07 34.66
N ASP A 458 -24.93 -40.31 34.28
CA ASP A 458 -25.97 -41.33 34.30
C ASP A 458 -26.50 -41.54 35.71
N LEU A 459 -25.61 -41.58 36.70
CA LEU A 459 -26.06 -41.71 38.08
C LEU A 459 -26.77 -40.45 38.56
N LEU A 460 -26.10 -39.30 38.46
CA LEU A 460 -26.69 -38.07 38.97
C LEU A 460 -28.02 -37.78 38.30
N ASP A 461 -28.14 -38.09 37.02
CA ASP A 461 -29.40 -37.80 36.32
C ASP A 461 -30.53 -38.65 36.86
N SER A 462 -30.29 -39.94 37.04
CA SER A 462 -31.36 -40.81 37.51
C SER A 462 -31.79 -40.45 38.92
N VAL A 463 -30.84 -40.02 39.77
CA VAL A 463 -31.18 -39.65 41.14
C VAL A 463 -31.91 -38.32 41.16
N LYS A 464 -31.39 -37.33 40.43
CA LYS A 464 -32.14 -36.07 40.30
C LYS A 464 -33.51 -36.33 39.70
N SER A 465 -33.58 -37.16 38.64
CA SER A 465 -34.87 -37.50 38.04
C SER A 465 -35.84 -38.10 39.03
N PHE A 466 -35.32 -38.78 40.05
CA PHE A 466 -36.13 -39.35 41.10
C PHE A 466 -36.68 -38.31 42.06
N GLU A 467 -35.81 -37.45 42.60
CA GLU A 467 -36.26 -36.65 43.72
C GLU A 467 -37.22 -35.59 43.23
N ASN A 468 -36.94 -35.00 42.06
CA ASN A 468 -37.83 -33.95 41.54
C ASN A 468 -39.17 -34.52 41.15
N TYR A 469 -39.22 -35.84 40.89
CA TYR A 469 -40.51 -36.48 40.74
C TYR A 469 -41.27 -36.48 42.06
N ILE A 470 -40.63 -36.95 43.13
CA ILE A 470 -41.32 -37.03 44.40
C ILE A 470 -41.51 -35.68 45.06
N LYS A 471 -40.90 -34.61 44.55
CA LYS A 471 -41.10 -33.31 45.19
C LYS A 471 -42.56 -32.93 45.18
N ALA A 472 -43.29 -33.32 44.12
CA ALA A 472 -44.71 -33.04 44.01
C ALA A 472 -45.51 -33.59 45.17
N PHE A 473 -44.97 -34.58 45.88
CA PHE A 473 -45.65 -35.15 47.05
C PHE A 473 -45.52 -34.30 48.29
N PHE A 474 -44.74 -33.22 48.30
CA PHE A 474 -44.88 -32.29 49.41
C PHE A 474 -46.29 -31.70 49.37
N GLY A 475 -46.68 -31.20 48.21
CA GLY A 475 -48.02 -30.70 48.06
C GLY A 475 -48.37 -29.38 48.69
N GLU A 476 -47.39 -28.47 48.84
CA GLU A 476 -47.69 -27.13 49.41
C GLU A 476 -48.42 -27.30 50.75
N GLY A 477 -47.64 -27.72 51.75
CA GLY A 477 -48.30 -28.15 52.97
C GLY A 477 -47.83 -27.56 54.30
N LYS A 478 -48.62 -26.67 54.95
CA LYS A 478 -49.73 -25.80 54.46
C LYS A 478 -51.13 -26.46 54.51
N GLU A 479 -51.25 -27.76 54.83
CA GLU A 479 -52.55 -28.41 54.81
C GLU A 479 -52.91 -28.99 56.17
N THR A 480 -54.19 -28.78 56.50
CA THR A 480 -54.68 -28.84 57.86
C THR A 480 -54.55 -30.23 58.45
N ASN A 481 -54.72 -31.29 57.65
CA ASN A 481 -54.62 -32.62 58.21
C ASN A 481 -53.75 -33.53 57.34
N ARG A 482 -52.44 -33.26 57.35
CA ARG A 482 -51.44 -34.15 56.77
C ARG A 482 -51.25 -35.38 57.64
N ASP A 483 -50.85 -36.48 57.01
CA ASP A 483 -50.53 -37.70 57.75
C ASP A 483 -49.07 -37.60 58.12
N GLU A 484 -48.76 -36.96 59.25
CA GLU A 484 -47.36 -36.67 59.52
C GLU A 484 -46.57 -37.92 59.90
N SER A 485 -47.25 -39.06 60.11
CA SER A 485 -46.58 -40.36 59.99
C SER A 485 -45.73 -40.46 58.74
N PHE A 486 -46.28 -40.07 57.59
CA PHE A 486 -45.57 -40.20 56.33
C PHE A 486 -44.61 -39.04 56.12
N TYR A 487 -45.11 -37.80 56.16
CA TYR A 487 -44.25 -36.65 55.82
C TYR A 487 -43.03 -36.50 56.73
N GLY A 488 -43.05 -37.11 57.91
CA GLY A 488 -41.96 -37.02 58.85
C GLY A 488 -40.68 -37.57 58.27
N ASP A 489 -40.73 -38.86 57.90
CA ASP A 489 -39.60 -39.50 57.22
C ASP A 489 -39.40 -38.93 55.82
N PHE A 490 -40.49 -38.63 55.11
CA PHE A 490 -40.36 -38.04 53.78
C PHE A 490 -39.51 -36.77 53.80
N VAL A 491 -39.87 -35.79 54.65
CA VAL A 491 -39.15 -34.52 54.55
C VAL A 491 -37.73 -34.61 55.09
N LEU A 492 -37.42 -35.57 55.97
CA LEU A 492 -36.03 -35.78 56.37
C LEU A 492 -35.25 -36.34 55.20
N ALA A 493 -35.80 -37.35 54.53
CA ALA A 493 -35.12 -37.90 53.38
C ALA A 493 -35.05 -36.88 52.26
N TYR A 494 -36.19 -36.27 51.90
CA TYR A 494 -36.16 -35.34 50.78
C TYR A 494 -35.15 -34.22 51.02
N ASP A 495 -35.08 -33.70 52.24
CA ASP A 495 -34.17 -32.58 52.44
C ASP A 495 -32.71 -33.02 52.33
N ILE A 496 -32.42 -34.32 52.49
CA ILE A 496 -31.07 -34.84 52.36
C ILE A 496 -30.76 -35.16 50.91
N LEU A 497 -31.70 -35.82 50.24
CA LEU A 497 -31.60 -36.11 48.82
C LEU A 497 -31.39 -34.84 48.01
N LEU A 498 -31.82 -33.70 48.53
CA LEU A 498 -31.70 -32.47 47.77
C LEU A 498 -30.27 -31.98 47.74
N LYS A 499 -29.37 -32.56 48.55
CA LYS A 499 -27.98 -32.11 48.54
C LYS A 499 -27.30 -32.42 47.21
N VAL A 500 -27.93 -33.24 46.36
CA VAL A 500 -27.33 -33.65 45.11
C VAL A 500 -27.24 -32.50 44.11
N ASP A 501 -28.19 -31.56 44.16
CA ASP A 501 -28.23 -30.57 43.09
C ASP A 501 -26.98 -29.70 43.07
N HIS A 502 -26.37 -29.46 44.24
CA HIS A 502 -25.13 -28.68 44.27
C HIS A 502 -23.99 -29.48 43.65
N ILE A 503 -23.86 -30.75 44.07
CA ILE A 503 -22.92 -31.65 43.44
C ILE A 503 -23.19 -31.75 41.95
N TYR A 504 -24.47 -31.86 41.57
CA TYR A 504 -24.82 -31.94 40.16
C TYR A 504 -24.22 -30.77 39.38
N ASP A 505 -24.58 -29.55 39.77
CA ASP A 505 -24.10 -28.38 39.04
C ASP A 505 -22.58 -28.27 39.13
N ALA A 506 -22.01 -28.52 40.31
CA ALA A 506 -20.57 -28.33 40.48
C ALA A 506 -19.75 -29.32 39.66
N ILE A 507 -20.17 -30.60 39.62
CA ILE A 507 -19.48 -31.58 38.78
C ILE A 507 -19.65 -31.25 37.30
N ARG A 508 -20.86 -30.88 36.88
CA ARG A 508 -21.10 -30.47 35.49
C ARG A 508 -20.18 -29.30 35.10
N ASN A 509 -20.13 -28.25 35.92
CA ASN A 509 -19.36 -27.06 35.55
C ASN A 509 -17.88 -27.39 35.39
N TYR A 510 -17.34 -28.27 36.25
CA TYR A 510 -15.93 -28.66 36.13
C TYR A 510 -15.69 -29.51 34.89
N VAL A 511 -16.51 -30.55 34.69
CA VAL A 511 -16.22 -31.53 33.66
C VAL A 511 -16.43 -31.00 32.24
N THR A 512 -17.21 -29.95 32.07
CA THR A 512 -17.43 -29.43 30.73
C THR A 512 -16.68 -28.13 30.47
N GLN A 513 -15.53 -27.95 31.11
CA GLN A 513 -14.67 -26.85 30.74
C GLN A 513 -13.84 -27.22 29.50
N LYS A 514 -13.30 -26.18 28.87
CA LYS A 514 -12.30 -26.35 27.83
C LYS A 514 -11.22 -27.31 28.33
N PRO A 515 -10.83 -28.32 27.53
CA PRO A 515 -9.79 -29.27 28.00
C PRO A 515 -8.42 -28.65 28.15
N TYR A 516 -8.10 -27.64 27.35
CA TYR A 516 -6.86 -26.89 27.45
C TYR A 516 -7.08 -25.67 28.34
N SER A 517 -6.01 -25.17 28.93
CA SER A 517 -6.18 -24.03 29.82
C SER A 517 -5.15 -22.95 29.50
N LYS A 518 -5.50 -21.73 29.88
CA LYS A 518 -4.61 -20.62 29.64
C LYS A 518 -4.09 -20.02 30.95
N ASP A 519 -4.23 -20.75 32.07
CA ASP A 519 -3.62 -20.33 33.33
C ASP A 519 -2.12 -20.20 33.15
N LYS A 520 -1.58 -19.07 33.55
CA LYS A 520 -0.14 -18.86 33.54
C LYS A 520 0.24 -18.13 34.82
N PHE A 521 1.53 -18.12 35.14
CA PHE A 521 2.00 -17.41 36.31
C PHE A 521 3.21 -16.55 35.93
N LYS A 522 3.35 -15.41 36.59
CA LYS A 522 4.36 -14.42 36.21
C LYS A 522 5.75 -14.87 36.63
N LEU A 523 6.73 -14.61 35.76
CA LEU A 523 8.14 -14.92 36.06
C LEU A 523 8.89 -13.66 36.45
N TYR A 524 9.70 -13.77 37.51
CA TYR A 524 10.49 -12.66 38.04
C TYR A 524 11.98 -12.89 38.01
N PHE A 525 12.44 -14.14 37.99
CA PHE A 525 13.86 -14.43 38.06
C PHE A 525 14.47 -13.69 39.24
N GLN A 526 13.85 -13.88 40.41
CA GLN A 526 14.41 -13.36 41.65
C GLN A 526 14.70 -11.86 41.56
N ASN A 527 13.90 -11.15 40.77
CA ASN A 527 13.98 -9.70 40.72
C ASN A 527 12.58 -9.14 40.93
N PRO A 528 12.35 -8.48 42.06
CA PRO A 528 11.02 -7.91 42.31
C PRO A 528 10.60 -6.88 41.28
N GLN A 529 11.55 -6.26 40.59
CA GLN A 529 11.22 -5.29 39.56
C GLN A 529 11.69 -5.78 38.19
N PHE A 530 11.55 -7.08 37.95
CA PHE A 530 12.14 -7.68 36.77
C PHE A 530 11.59 -7.09 35.48
N MET A 531 12.50 -6.75 34.56
CA MET A 531 12.13 -6.28 33.22
C MET A 531 11.27 -5.02 33.27
N GLY A 532 11.51 -4.18 34.27
CA GLY A 532 10.69 -2.99 34.45
C GLY A 532 10.82 -2.03 33.29
N GLY A 533 12.04 -1.91 32.76
CA GLY A 533 12.32 -0.95 31.70
C GLY A 533 13.51 -1.44 30.92
N TRP A 534 13.79 -0.73 29.81
CA TRP A 534 14.82 -1.16 28.88
C TRP A 534 16.06 -0.27 28.84
N ASP A 535 16.10 0.81 29.61
CA ASP A 535 17.19 1.77 29.45
C ASP A 535 18.51 1.09 29.72
N LYS A 536 19.56 1.53 29.00
CA LYS A 536 20.88 0.95 29.17
C LYS A 536 21.38 1.11 30.61
N ASP A 537 21.12 2.28 31.23
CA ASP A 537 21.54 2.53 32.61
C ASP A 537 20.98 1.52 33.59
N LYS A 538 19.88 0.87 33.26
CA LYS A 538 19.21 0.00 34.21
C LYS A 538 19.25 -1.45 33.77
N GLU A 539 20.09 -1.77 32.79
CA GLU A 539 20.22 -3.14 32.29
C GLU A 539 20.46 -4.13 33.41
N THR A 540 21.43 -3.83 34.27
CA THR A 540 21.72 -4.69 35.42
C THR A 540 20.58 -4.66 36.44
N ASP A 541 20.05 -3.46 36.72
CA ASP A 541 18.97 -3.36 37.70
C ASP A 541 17.81 -4.29 37.33
N TYR A 542 17.40 -4.29 36.04
CA TYR A 542 16.28 -5.11 35.61
C TYR A 542 16.68 -6.51 35.16
N ARG A 543 17.98 -6.73 34.90
CA ARG A 543 18.53 -8.03 34.53
C ARG A 543 17.87 -8.62 33.29
N ALA A 544 17.45 -7.76 32.36
CA ALA A 544 16.87 -8.19 31.11
C ALA A 544 17.24 -7.20 30.01
N THR A 545 17.41 -7.72 28.80
CA THR A 545 17.67 -6.85 27.66
C THR A 545 17.32 -7.62 26.39
N ILE A 546 17.39 -6.94 25.25
CA ILE A 546 17.00 -7.49 23.96
C ILE A 546 18.25 -7.67 23.08
N LEU A 547 18.41 -8.87 22.51
CA LEU A 547 19.46 -9.13 21.55
C LEU A 547 18.84 -9.54 20.22
N ARG A 548 19.63 -9.43 19.14
CA ARG A 548 19.18 -9.84 17.82
C ARG A 548 20.35 -10.39 17.02
N TYR A 549 20.08 -11.41 16.20
CA TYR A 549 21.07 -12.03 15.30
C TYR A 549 20.45 -12.06 13.92
N GLY A 550 20.76 -11.07 13.10
CA GLY A 550 20.07 -10.95 11.82
C GLY A 550 18.63 -10.56 12.09
N SER A 551 17.71 -11.29 11.48
CA SER A 551 16.30 -10.97 11.63
C SER A 551 15.69 -11.56 12.89
N LYS A 552 16.44 -12.36 13.65
CA LYS A 552 15.87 -13.08 14.79
C LYS A 552 16.23 -12.36 16.07
N TYR A 553 15.24 -12.15 16.93
CA TYR A 553 15.40 -11.33 18.12
C TYR A 553 15.32 -12.19 19.37
N TYR A 554 16.14 -11.87 20.38
CA TYR A 554 16.19 -12.66 21.61
C TYR A 554 16.08 -11.76 22.83
N LEU A 555 15.33 -12.24 23.83
CA LEU A 555 15.30 -11.68 25.17
C LEU A 555 16.37 -12.40 26.00
N ALA A 556 17.31 -11.65 26.55
CA ALA A 556 18.40 -12.24 27.33
C ALA A 556 18.27 -11.79 28.77
N ILE A 557 18.33 -12.76 29.68
CA ILE A 557 18.03 -12.53 31.08
C ILE A 557 19.26 -12.85 31.89
N MET A 558 19.74 -11.88 32.68
CA MET A 558 20.87 -12.13 33.57
C MET A 558 20.41 -12.84 34.82
N ASP A 559 21.14 -13.90 35.20
CA ASP A 559 20.92 -14.56 36.47
C ASP A 559 21.27 -13.63 37.62
N LYS A 560 20.62 -13.83 38.77
CA LYS A 560 20.84 -12.90 39.87
C LYS A 560 22.30 -12.91 40.36
N LYS A 561 23.05 -14.01 40.15
CA LYS A 561 24.45 -14.13 40.58
C LYS A 561 25.45 -13.50 39.61
N TYR A 562 25.05 -13.15 38.39
CA TYR A 562 25.96 -12.63 37.38
C TYR A 562 25.31 -11.45 36.67
N ALA A 563 24.95 -10.41 37.44
CA ALA A 563 24.16 -9.31 36.90
C ALA A 563 24.94 -8.47 35.88
N LYS A 564 26.26 -8.39 35.98
CA LYS A 564 27.05 -7.59 35.06
C LYS A 564 27.63 -8.42 33.92
N CYS A 565 27.09 -9.62 33.68
CA CYS A 565 27.70 -10.57 32.75
C CYS A 565 27.63 -10.15 31.28
N LEU A 566 26.72 -9.25 30.87
CA LEU A 566 26.77 -8.69 29.51
C LEU A 566 27.55 -7.38 29.41
N GLN A 567 28.01 -6.83 30.55
CA GLN A 567 28.51 -5.45 30.63
C GLN A 567 29.72 -5.19 29.72
N LYS A 568 30.65 -6.14 29.64
CA LYS A 568 31.92 -5.91 28.95
C LYS A 568 32.12 -6.95 27.86
N ILE A 569 31.53 -6.71 26.69
CA ILE A 569 31.60 -7.63 25.55
C ILE A 569 31.74 -6.81 24.28
N ASP A 570 32.66 -7.21 23.39
CA ASP A 570 32.73 -6.53 22.10
C ASP A 570 33.50 -7.35 21.08
N LYS A 571 33.12 -7.17 19.81
CA LYS A 571 33.88 -7.65 18.66
C LYS A 571 33.57 -6.72 17.50
N ASP A 572 34.48 -6.70 16.52
CA ASP A 572 34.35 -5.67 15.49
C ASP A 572 33.42 -6.08 14.36
N ASP A 573 33.34 -7.37 14.06
CA ASP A 573 32.46 -7.87 13.00
C ASP A 573 31.13 -8.38 13.57
N VAL A 574 30.02 -7.91 13.02
CA VAL A 574 28.72 -8.46 13.44
C VAL A 574 28.47 -9.80 12.78
N ASN A 575 29.24 -10.15 11.73
CA ASN A 575 29.09 -11.48 11.15
C ASN A 575 29.43 -12.53 12.20
N GLY A 576 28.44 -13.34 12.55
CA GLY A 576 28.55 -14.25 13.67
C GLY A 576 28.67 -13.57 15.03
N ASN A 577 27.92 -12.48 15.25
CA ASN A 577 27.87 -11.84 16.56
C ASN A 577 26.50 -11.21 16.79
N TYR A 578 26.12 -11.13 18.05
CA TYR A 578 24.86 -10.52 18.41
C TYR A 578 24.97 -9.00 18.36
N GLU A 579 23.86 -8.35 18.63
CA GLU A 579 23.82 -6.92 18.85
C GLU A 579 23.06 -6.63 20.15
N LYS A 580 23.66 -5.83 21.03
CA LYS A 580 22.99 -5.36 22.24
C LYS A 580 22.08 -4.19 21.89
N ILE A 581 20.85 -4.17 22.40
CA ILE A 581 20.08 -2.95 22.20
C ILE A 581 20.68 -1.88 23.12
N ASN A 582 20.78 -0.67 22.60
CA ASN A 582 21.23 0.47 23.38
C ASN A 582 20.06 1.44 23.40
N TYR A 583 19.21 1.32 24.44
CA TYR A 583 17.93 2.02 24.54
C TYR A 583 18.02 3.10 25.61
N LYS A 584 17.71 4.36 25.25
CA LYS A 584 17.70 5.48 26.20
C LYS A 584 16.35 6.19 26.19
N LEU A 585 15.77 6.38 27.38
CA LEU A 585 14.46 7.01 27.57
C LEU A 585 14.50 8.10 28.65
N LEU A 586 13.93 9.27 28.36
CA LEU A 586 13.68 10.23 29.42
C LEU A 586 12.18 10.24 29.66
N PRO A 587 11.69 9.48 30.61
CA PRO A 587 10.26 9.19 30.67
C PRO A 587 9.45 10.25 31.40
N GLY A 588 8.63 10.99 30.67
CA GLY A 588 7.81 12.05 31.20
C GLY A 588 8.60 13.19 31.83
N PRO A 589 8.94 14.18 31.01
CA PRO A 589 9.79 15.26 31.50
C PRO A 589 9.17 16.02 32.66
N ASN A 590 7.85 16.22 32.62
CA ASN A 590 7.22 17.00 33.68
C ASN A 590 7.51 16.42 35.06
N LYS A 591 7.72 15.11 35.15
CA LYS A 591 8.06 14.61 36.47
C LYS A 591 9.58 14.43 36.66
N MET A 592 10.34 14.12 35.61
CA MET A 592 11.75 13.77 35.84
C MET A 592 12.65 14.99 35.91
N LEU A 593 12.26 16.10 35.25
CA LEU A 593 13.07 17.32 35.38
C LEU A 593 12.98 17.90 36.78
N PRO A 594 11.80 18.13 37.36
CA PRO A 594 11.80 18.55 38.77
C PRO A 594 12.45 17.51 39.67
N LYS A 595 12.20 16.22 39.40
CA LYS A 595 12.73 15.14 40.25
C LYS A 595 14.23 15.25 40.39
N VAL A 596 14.94 15.37 39.26
CA VAL A 596 16.39 15.33 39.30
C VAL A 596 16.98 16.64 39.81
N PHE A 597 16.50 17.78 39.28
CA PHE A 597 17.12 19.06 39.56
C PHE A 597 16.75 19.63 40.93
N PHE A 598 15.65 19.18 41.54
CA PHE A 598 15.32 19.57 42.90
C PHE A 598 15.62 18.46 43.91
N SER A 599 16.31 17.39 43.47
CA SER A 599 16.81 16.38 44.38
C SER A 599 17.69 17.00 45.44
N LYS A 600 17.79 16.29 46.55
CA LYS A 600 18.85 16.61 47.49
C LYS A 600 20.20 16.19 46.95
N LYS A 601 20.22 15.27 45.98
CA LYS A 601 21.48 14.85 45.39
C LYS A 601 22.08 15.97 44.55
N TRP A 602 21.26 16.81 43.95
CA TRP A 602 21.77 17.79 43.00
C TRP A 602 21.35 19.23 43.27
N MET A 603 20.29 19.48 44.05
CA MET A 603 19.83 20.86 44.18
C MET A 603 20.91 21.77 44.73
N ALA A 604 21.86 21.22 45.50
CA ALA A 604 23.03 22.01 45.82
C ALA A 604 23.79 22.38 44.55
N TYR A 605 24.12 21.36 43.73
CA TYR A 605 25.05 21.54 42.63
C TYR A 605 24.57 22.61 41.63
N TYR A 606 23.32 22.51 41.16
CA TYR A 606 22.70 23.61 40.41
C TYR A 606 21.98 24.46 41.44
N ASN A 607 22.48 25.64 41.72
CA ASN A 607 21.86 26.34 42.83
C ASN A 607 20.77 27.27 42.31
N PRO A 608 19.52 26.83 42.26
CA PRO A 608 18.47 27.61 41.62
C PRO A 608 18.25 28.94 42.34
N SER A 609 18.08 30.00 41.54
CA SER A 609 17.63 31.29 42.05
C SER A 609 16.53 31.13 43.09
N GLU A 610 16.63 31.89 44.19
CA GLU A 610 15.49 31.97 45.09
C GLU A 610 14.27 32.50 44.36
N ASP A 611 14.49 33.14 43.20
CA ASP A 611 13.42 33.42 42.25
C ASP A 611 12.81 32.14 41.68
N ILE A 612 13.66 31.18 41.29
CA ILE A 612 13.18 29.94 40.66
C ILE A 612 12.36 29.10 41.63
N GLN A 613 12.87 28.91 42.86
CA GLN A 613 12.10 28.11 43.80
C GLN A 613 10.75 28.74 44.09
N LYS A 614 10.71 30.06 44.28
CA LYS A 614 9.45 30.74 44.52
C LYS A 614 8.47 30.49 43.38
N ILE A 615 8.96 30.48 42.14
CA ILE A 615 8.00 30.32 41.06
C ILE A 615 7.62 28.86 40.84
N TYR A 616 8.53 27.91 41.10
CA TYR A 616 8.13 26.50 41.00
C TYR A 616 7.14 26.12 42.10
N LYS A 617 7.43 26.51 43.35
CA LYS A 617 6.52 26.19 44.45
C LYS A 617 5.16 26.82 44.23
N ASN A 618 5.14 28.10 43.86
CA ASN A 618 3.90 28.83 43.68
C ASN A 618 3.19 28.51 42.37
N GLY A 619 3.86 27.84 41.44
CA GLY A 619 3.21 27.37 40.23
C GLY A 619 2.94 28.43 39.17
N THR A 620 3.82 29.41 39.06
CA THR A 620 3.58 30.55 38.17
C THR A 620 3.89 30.26 36.71
N PHE A 621 4.30 29.03 36.36
CA PHE A 621 4.61 28.63 34.99
C PHE A 621 3.48 27.84 34.32
N LYS A 622 2.43 27.49 35.06
CA LYS A 622 1.31 26.71 34.58
C LYS A 622 0.18 27.63 34.13
N LYS A 623 -0.75 27.07 33.37
CA LYS A 623 -1.93 27.84 32.99
C LYS A 623 -2.76 28.11 34.24
N GLY A 624 -3.49 29.23 34.22
CA GLY A 624 -4.35 29.65 35.31
C GLY A 624 -4.14 31.10 35.62
N ASP A 625 -4.78 31.55 36.72
CA ASP A 625 -4.75 32.96 37.06
C ASP A 625 -3.37 33.42 37.51
N MET A 626 -2.60 32.55 38.15
CA MET A 626 -1.25 32.91 38.60
C MET A 626 -0.20 32.69 37.52
N PHE A 627 -0.62 32.57 36.26
CA PHE A 627 0.32 32.38 35.16
C PHE A 627 1.08 33.66 34.84
N ASN A 628 2.40 33.54 34.73
CA ASN A 628 3.25 34.65 34.28
C ASN A 628 4.24 34.09 33.27
N LEU A 629 4.12 34.49 32.01
CA LEU A 629 4.96 33.92 30.96
C LEU A 629 6.44 34.17 31.21
N ASN A 630 6.81 35.31 31.82
CA ASN A 630 8.24 35.62 31.84
C ASN A 630 8.97 34.81 32.90
N ASP A 631 8.34 34.52 34.04
CA ASP A 631 9.00 33.61 34.95
C ASP A 631 8.90 32.17 34.46
N CYS A 632 7.95 31.88 33.57
CA CYS A 632 7.95 30.54 33.00
C CYS A 632 9.13 30.37 32.06
N HIS A 633 9.48 31.42 31.31
CA HIS A 633 10.69 31.39 30.51
C HIS A 633 11.92 31.16 31.38
N LYS A 634 11.98 31.80 32.54
CA LYS A 634 13.15 31.68 33.39
C LYS A 634 13.30 30.27 33.95
N LEU A 635 12.18 29.61 34.29
CA LEU A 635 12.26 28.21 34.74
C LEU A 635 12.68 27.28 33.61
N ILE A 636 12.11 27.47 32.42
CA ILE A 636 12.60 26.72 31.26
C ILE A 636 14.09 26.96 31.08
N ASP A 637 14.52 28.22 31.26
CA ASP A 637 15.93 28.55 31.08
C ASP A 637 16.79 27.78 32.07
N PHE A 638 16.36 27.76 33.34
CA PHE A 638 17.02 26.93 34.34
C PHE A 638 17.11 25.48 33.87
N PHE A 639 15.98 24.93 33.44
CA PHE A 639 15.94 23.53 33.07
C PHE A 639 16.89 23.24 31.91
N LYS A 640 16.98 24.14 30.92
CA LYS A 640 17.85 23.85 29.78
C LYS A 640 19.31 23.82 30.19
N ASP A 641 19.70 24.70 31.11
CA ASP A 641 21.12 24.78 31.45
C ASP A 641 21.57 23.64 32.35
N SER A 642 20.66 23.08 33.16
CA SER A 642 21.04 21.95 34.01
C SER A 642 21.03 20.66 33.24
N ILE A 643 20.14 20.54 32.25
CA ILE A 643 20.22 19.41 31.33
C ILE A 643 21.60 19.37 30.69
N SER A 644 22.15 20.57 30.40
CA SER A 644 23.44 20.67 29.76
C SER A 644 24.56 20.20 30.67
N ARG A 645 24.34 20.22 31.98
CA ARG A 645 25.32 19.73 32.95
C ARG A 645 24.83 18.49 33.68
N TYR A 646 23.84 17.79 33.13
CA TYR A 646 23.47 16.46 33.61
C TYR A 646 23.97 15.50 32.55
N PRO A 647 25.23 15.06 32.66
CA PRO A 647 25.84 14.19 31.62
C PRO A 647 24.97 13.03 31.16
N LYS A 648 24.23 12.40 32.09
CA LYS A 648 23.40 11.25 31.76
C LYS A 648 22.34 11.56 30.70
N TRP A 649 21.96 12.83 30.55
CA TRP A 649 21.02 13.19 29.49
C TRP A 649 21.69 13.91 28.31
N SER A 650 22.49 14.92 28.62
CA SER A 650 23.09 15.76 27.58
C SER A 650 23.75 14.93 26.50
N ASN A 651 24.43 13.84 26.88
CA ASN A 651 25.14 13.03 25.89
C ASN A 651 24.20 12.09 25.14
N ALA A 652 23.23 11.49 25.86
CA ALA A 652 22.40 10.45 25.26
C ALA A 652 21.55 10.99 24.12
N TYR A 653 21.04 12.21 24.30
CA TYR A 653 20.21 12.89 23.31
C TYR A 653 20.89 14.22 23.04
N ASP A 654 21.21 14.52 21.79
CA ASP A 654 21.89 15.80 21.56
C ASP A 654 20.78 16.77 21.26
N PHE A 655 20.36 17.47 22.31
CA PHE A 655 19.16 18.29 22.29
C PHE A 655 19.34 19.48 21.36
N ASN A 656 18.26 19.85 20.65
CA ASN A 656 18.25 21.08 19.87
C ASN A 656 16.91 21.75 20.17
N PHE A 657 16.89 22.54 21.25
CA PHE A 657 15.69 23.21 21.70
C PHE A 657 15.38 24.44 20.86
N SER A 658 14.13 24.86 20.93
CA SER A 658 13.72 26.16 20.44
C SER A 658 14.34 27.26 21.30
N GLU A 659 14.50 28.44 20.72
CA GLU A 659 14.86 29.58 21.55
C GLU A 659 13.77 29.77 22.58
N THR A 660 14.16 29.99 23.84
CA THR A 660 13.22 30.00 24.94
C THR A 660 12.15 31.07 24.80
N GLU A 661 12.39 32.06 23.94
CA GLU A 661 11.39 33.12 23.81
C GLU A 661 10.27 32.72 22.87
N LYS A 662 10.38 31.58 22.19
CA LYS A 662 9.32 31.11 21.31
C LYS A 662 8.34 30.16 21.97
N TYR A 663 8.52 29.81 23.27
CA TYR A 663 7.59 28.92 23.96
C TYR A 663 6.43 29.72 24.52
N LYS A 664 5.21 29.22 24.34
CA LYS A 664 4.11 29.91 25.01
C LYS A 664 3.85 29.35 26.40
N ASP A 665 4.06 28.07 26.62
CA ASP A 665 3.75 27.47 27.90
C ASP A 665 4.82 26.44 28.26
N ILE A 666 4.75 25.91 29.48
CA ILE A 666 5.75 24.95 29.91
C ILE A 666 5.68 23.71 29.03
N ALA A 667 4.47 23.36 28.57
CA ALA A 667 4.28 22.20 27.70
C ALA A 667 5.13 22.28 26.45
N GLY A 668 5.23 23.47 25.86
CA GLY A 668 5.96 23.61 24.63
C GLY A 668 7.39 23.10 24.74
N PHE A 669 8.01 23.35 25.87
CA PHE A 669 9.38 22.91 26.09
C PHE A 669 9.44 21.43 26.44
N TYR A 670 8.66 21.01 27.43
CA TYR A 670 8.49 19.59 27.74
C TYR A 670 8.26 18.72 26.50
N ARG A 671 7.35 19.15 25.61
CA ARG A 671 7.07 18.36 24.43
C ARG A 671 8.32 18.21 23.59
N GLU A 672 9.20 19.22 23.59
CA GLU A 672 10.46 19.08 22.86
C GLU A 672 11.39 18.11 23.56
N VAL A 673 11.51 18.19 24.89
CA VAL A 673 12.35 17.23 25.62
C VAL A 673 11.86 15.81 25.39
N GLU A 674 10.55 15.59 25.57
CA GLU A 674 10.05 14.22 25.49
C GLU A 674 10.25 13.64 24.11
N GLU A 675 10.01 14.44 23.07
CA GLU A 675 10.19 13.94 21.73
C GLU A 675 11.62 13.50 21.50
N GLN A 676 12.60 14.30 21.93
CA GLN A 676 14.01 14.01 21.73
C GLN A 676 14.57 13.00 22.74
N GLY A 677 13.90 12.81 23.86
CA GLY A 677 14.44 11.98 24.91
C GLY A 677 14.23 10.48 24.71
N TYR A 678 14.42 9.98 23.48
CA TYR A 678 14.26 8.55 23.20
C TYR A 678 15.24 8.17 22.10
N LYS A 679 16.06 7.14 22.32
CA LYS A 679 17.01 6.70 21.31
C LYS A 679 17.13 5.18 21.34
N VAL A 680 17.11 4.54 20.18
CA VAL A 680 17.31 3.10 20.09
C VAL A 680 18.38 2.84 19.03
N SER A 681 19.37 2.00 19.37
CA SER A 681 20.43 1.61 18.45
C SER A 681 20.90 0.21 18.80
N PHE A 682 21.87 -0.30 18.05
CA PHE A 682 22.45 -1.60 18.37
C PHE A 682 23.97 -1.54 18.35
N GLU A 683 24.60 -2.11 19.38
CA GLU A 683 26.03 -2.24 19.44
C GLU A 683 26.38 -3.72 19.32
N SER A 684 27.55 -4.02 18.78
CA SER A 684 27.88 -5.41 18.56
C SER A 684 28.31 -6.07 19.89
N ALA A 685 28.04 -7.36 20.01
CA ALA A 685 28.42 -8.16 21.17
C ALA A 685 28.74 -9.57 20.70
N SER A 686 29.95 -10.04 21.05
CA SER A 686 30.44 -11.32 20.55
C SER A 686 29.46 -12.46 20.81
N LYS A 687 29.21 -13.26 19.76
CA LYS A 687 28.36 -14.43 19.92
C LYS A 687 29.04 -15.51 20.75
N LYS A 688 30.38 -15.64 20.64
CA LYS A 688 31.05 -16.69 21.41
C LYS A 688 30.89 -16.46 22.91
N GLU A 689 31.18 -15.25 23.37
CA GLU A 689 31.14 -15.04 24.80
C GLU A 689 29.72 -15.08 25.32
N VAL A 690 28.75 -14.65 24.50
CA VAL A 690 27.36 -14.69 24.93
C VAL A 690 26.89 -16.12 24.99
N ASP A 691 27.16 -16.89 23.93
CA ASP A 691 26.72 -18.27 23.91
C ASP A 691 27.28 -19.07 25.06
N LYS A 692 28.47 -18.71 25.56
CA LYS A 692 29.02 -19.44 26.69
C LYS A 692 28.32 -19.08 28.00
N LEU A 693 27.97 -17.79 28.19
CA LEU A 693 27.20 -17.38 29.38
C LEU A 693 25.94 -18.22 29.50
N VAL A 694 25.32 -18.50 28.36
CA VAL A 694 24.14 -19.35 28.30
C VAL A 694 24.47 -20.78 28.68
N GLU A 695 25.61 -21.28 28.17
CA GLU A 695 26.09 -22.62 28.53
C GLU A 695 26.31 -22.74 30.03
N GLU A 696 27.10 -21.85 30.60
CA GLU A 696 27.44 -21.86 32.02
C GLU A 696 26.25 -21.59 32.93
N GLY A 697 25.13 -21.12 32.41
CA GLY A 697 24.04 -20.74 33.29
C GLY A 697 24.18 -19.37 33.89
N LYS A 698 24.96 -18.49 33.29
CA LYS A 698 25.06 -17.10 33.74
C LYS A 698 24.05 -16.19 33.07
N LEU A 699 23.50 -16.63 31.94
CA LEU A 699 22.53 -15.89 31.15
C LEU A 699 21.50 -16.88 30.64
N TYR A 700 20.27 -16.42 30.51
CA TYR A 700 19.23 -17.24 29.89
C TYR A 700 18.69 -16.54 28.65
N MET A 701 18.61 -17.28 27.53
CA MET A 701 18.23 -16.69 26.25
C MET A 701 16.95 -17.32 25.73
N PHE A 702 16.02 -16.48 25.30
CA PHE A 702 14.79 -16.88 24.65
C PHE A 702 14.68 -16.13 23.34
N GLN A 703 14.36 -16.83 22.26
CA GLN A 703 14.07 -16.14 21.01
C GLN A 703 12.67 -15.56 21.13
N ILE A 704 12.50 -14.31 20.75
CA ILE A 704 11.16 -13.76 20.69
C ILE A 704 10.53 -14.28 19.40
N TYR A 705 9.38 -14.93 19.50
CA TYR A 705 8.93 -15.75 18.39
C TYR A 705 7.43 -15.64 18.17
N ASN A 706 7.02 -15.53 16.89
CA ASN A 706 5.73 -16.02 16.40
C ASN A 706 5.94 -16.61 15.00
N LYS A 707 4.91 -17.29 14.47
CA LYS A 707 5.11 -18.12 13.28
C LYS A 707 5.64 -17.35 12.08
N ASP A 708 5.38 -16.04 11.99
CA ASP A 708 6.01 -15.25 10.94
C ASP A 708 7.54 -15.39 10.96
N PHE A 709 8.12 -15.65 12.13
CA PHE A 709 9.57 -15.76 12.24
C PHE A 709 10.10 -17.12 11.81
N SER A 710 9.23 -18.00 11.37
CA SER A 710 9.71 -19.33 11.03
C SER A 710 10.42 -19.26 9.70
N ASP A 711 11.36 -20.18 9.51
CA ASP A 711 12.05 -20.24 8.21
C ASP A 711 11.12 -20.71 7.10
N LYS A 712 9.94 -21.23 7.42
CA LYS A 712 8.99 -21.69 6.41
C LYS A 712 7.93 -20.65 6.04
N SER A 713 8.04 -19.43 6.57
CA SER A 713 7.00 -18.41 6.40
C SER A 713 7.17 -17.67 5.08
N HIS A 714 6.13 -17.66 4.26
CA HIS A 714 6.02 -16.80 3.09
C HIS A 714 4.76 -15.95 3.23
N GLY A 715 4.70 -14.83 2.59
CA GLY A 715 3.45 -14.11 2.65
C GLY A 715 3.35 -13.17 3.82
N THR A 716 2.18 -12.55 3.93
CA THR A 716 2.04 -11.33 4.71
C THR A 716 2.19 -11.62 6.20
N PRO A 717 2.98 -10.83 6.92
CA PRO A 717 3.14 -11.03 8.36
C PRO A 717 1.93 -10.49 9.12
N ASN A 718 1.85 -10.87 10.40
CA ASN A 718 0.84 -10.30 11.26
C ASN A 718 1.04 -8.80 11.35
N LEU A 719 -0.08 -8.08 11.48
CA LEU A 719 0.04 -6.65 11.73
C LEU A 719 1.03 -6.42 12.87
N HIS A 720 0.86 -7.17 13.95
CA HIS A 720 1.70 -7.01 15.13
C HIS A 720 3.17 -7.39 14.86
N THR A 721 3.42 -8.33 13.94
CA THR A 721 4.80 -8.60 13.58
C THR A 721 5.41 -7.37 12.90
N MET A 722 4.64 -6.69 12.07
CA MET A 722 5.11 -5.43 11.50
C MET A 722 5.47 -4.45 12.61
N TYR A 723 4.57 -4.26 13.59
CA TYR A 723 4.82 -3.31 14.68
C TYR A 723 6.13 -3.62 15.42
N PHE A 724 6.30 -4.89 15.82
CA PHE A 724 7.54 -5.27 16.51
C PHE A 724 8.77 -4.92 15.67
N LYS A 725 8.87 -5.49 14.47
CA LYS A 725 9.99 -5.20 13.60
C LYS A 725 10.21 -3.71 13.44
N LEU A 726 9.12 -2.96 13.26
CA LEU A 726 9.30 -1.53 13.01
C LEU A 726 9.82 -0.79 14.25
N LEU A 727 9.72 -1.40 15.44
CA LEU A 727 10.24 -0.76 16.64
C LEU A 727 11.69 -0.34 16.47
N PHE A 728 12.49 -1.16 15.80
CA PHE A 728 13.92 -0.93 15.63
C PHE A 728 14.33 -0.50 14.21
N ASP A 729 13.38 -0.17 13.32
CA ASP A 729 13.70 0.23 11.95
C ASP A 729 14.13 1.68 11.91
N GLU A 730 15.21 1.95 11.16
CA GLU A 730 15.71 3.32 11.11
C GLU A 730 14.63 4.30 10.59
N ASN A 731 13.75 3.83 9.71
CA ASN A 731 12.73 4.72 9.16
C ASN A 731 11.65 5.06 10.18
N ASN A 732 11.61 4.36 11.31
CA ASN A 732 10.66 4.64 12.38
C ASN A 732 11.22 5.73 13.27
N HIS A 733 10.75 6.97 13.07
CA HIS A 733 11.28 8.12 13.78
C HIS A 733 10.39 8.49 14.96
N GLY A 734 10.09 7.49 15.77
CA GLY A 734 9.27 7.67 16.95
C GLY A 734 7.81 7.44 16.74
N GLN A 735 7.39 7.01 15.56
CA GLN A 735 5.97 6.75 15.38
C GLN A 735 5.53 5.62 16.31
N ILE A 736 6.35 4.58 16.45
CA ILE A 736 6.10 3.53 17.44
C ILE A 736 7.35 3.41 18.30
N ARG A 737 7.19 3.64 19.61
CA ARG A 737 8.28 3.45 20.57
C ARG A 737 8.12 2.12 21.25
N LEU A 738 9.26 1.51 21.63
CA LEU A 738 9.24 0.32 22.48
C LEU A 738 9.18 0.76 23.94
N SER A 739 8.16 0.29 24.66
CA SER A 739 7.87 0.78 26.00
C SER A 739 8.36 -0.19 27.07
N GLY A 740 8.37 0.28 28.31
CA GLY A 740 8.73 -0.55 29.43
C GLY A 740 7.55 -1.35 29.92
N GLY A 741 7.73 -2.01 31.06
CA GLY A 741 6.65 -2.79 31.64
C GLY A 741 6.27 -4.03 30.86
N ALA A 742 7.22 -4.63 30.17
CA ALA A 742 6.99 -5.93 29.61
C ALA A 742 6.88 -6.94 30.73
N GLU A 743 6.28 -8.08 30.40
CA GLU A 743 6.13 -9.19 31.34
C GLU A 743 6.40 -10.49 30.59
N LEU A 744 6.95 -11.45 31.31
CA LEU A 744 7.20 -12.78 30.79
C LEU A 744 6.44 -13.78 31.65
N PHE A 745 5.65 -14.65 31.04
CA PHE A 745 4.85 -15.61 31.79
C PHE A 745 5.26 -17.02 31.43
N MET A 746 4.85 -17.98 32.26
CA MET A 746 4.98 -19.40 31.94
C MET A 746 3.60 -20.02 31.89
N ARG A 747 3.28 -20.69 30.78
CA ARG A 747 1.99 -21.35 30.62
C ARG A 747 2.21 -22.85 30.51
N ARG A 748 1.97 -23.56 31.60
CA ARG A 748 2.14 -25.00 31.58
C ARG A 748 1.19 -25.65 30.57
N ALA A 749 1.64 -26.76 29.99
CA ALA A 749 0.78 -27.54 29.13
C ALA A 749 -0.45 -28.01 29.92
N SER A 750 -1.59 -28.04 29.22
CA SER A 750 -2.82 -28.57 29.77
C SER A 750 -3.35 -29.77 28.99
N LEU A 751 -2.67 -30.18 27.91
CA LEU A 751 -2.99 -31.41 27.18
C LEU A 751 -1.69 -32.16 26.97
N LYS A 752 -1.79 -33.41 26.54
CA LYS A 752 -0.60 -34.09 26.08
C LYS A 752 -0.90 -34.66 24.69
N LYS A 753 0.13 -34.70 23.83
CA LYS A 753 -0.06 -34.93 22.38
C LYS A 753 -0.90 -36.15 22.07
N GLU A 754 -0.76 -37.12 22.92
CA GLU A 754 -1.35 -38.43 22.95
C GLU A 754 -2.89 -38.44 23.03
N GLU A 755 -3.47 -37.42 23.64
CA GLU A 755 -4.90 -37.17 23.61
C GLU A 755 -5.28 -36.16 22.55
N LEU A 756 -4.31 -35.49 21.93
CA LEU A 756 -4.60 -34.56 20.84
C LEU A 756 -5.15 -35.24 19.58
N VAL A 757 -6.21 -34.66 19.02
CA VAL A 757 -6.67 -35.08 17.69
C VAL A 757 -5.54 -34.93 16.67
N VAL A 758 -5.39 -35.93 15.80
CA VAL A 758 -4.26 -35.96 14.88
C VAL A 758 -4.71 -36.26 13.45
N HIS A 759 -4.03 -35.63 12.49
CA HIS A 759 -4.07 -36.01 11.09
C HIS A 759 -2.71 -36.60 10.74
N PRO A 760 -2.62 -37.91 10.58
CA PRO A 760 -1.31 -38.55 10.49
C PRO A 760 -0.66 -38.29 9.15
N ALA A 761 0.67 -38.34 9.15
CA ALA A 761 1.41 -38.12 7.93
C ALA A 761 0.99 -39.12 6.86
N ASN A 762 0.91 -38.63 5.62
CA ASN A 762 0.65 -39.36 4.39
C ASN A 762 -0.77 -39.89 4.28
N SER A 763 -1.61 -39.74 5.28
CA SER A 763 -2.95 -40.05 4.83
C SER A 763 -3.67 -38.77 4.37
N PRO A 764 -4.42 -38.81 3.28
CA PRO A 764 -5.02 -37.57 2.74
C PRO A 764 -6.08 -36.99 3.67
N ILE A 765 -5.98 -35.66 3.90
CA ILE A 765 -6.94 -34.87 4.68
C ILE A 765 -7.91 -34.21 3.74
N ALA A 766 -9.17 -34.07 4.18
CA ALA A 766 -10.17 -33.45 3.33
C ALA A 766 -10.06 -31.94 3.45
N ASN A 767 -10.21 -31.26 2.34
CA ASN A 767 -10.27 -29.80 2.27
C ASN A 767 -11.71 -29.39 2.52
N LYS A 768 -11.90 -28.24 3.16
CA LYS A 768 -13.24 -27.89 3.57
C LYS A 768 -13.96 -26.90 2.65
N ASN A 769 -13.27 -26.24 1.69
CA ASN A 769 -13.97 -25.29 0.81
C ASN A 769 -14.41 -25.96 -0.49
N PRO A 770 -15.70 -26.01 -0.79
CA PRO A 770 -16.17 -26.79 -1.95
C PRO A 770 -15.93 -26.16 -3.31
N ASP A 771 -15.65 -24.87 -3.40
CA ASP A 771 -15.29 -24.24 -4.66
C ASP A 771 -13.84 -24.52 -5.05
N ASN A 772 -13.10 -25.23 -4.20
CA ASN A 772 -11.70 -25.56 -4.43
C ASN A 772 -11.59 -26.93 -5.09
N PRO A 773 -11.08 -27.04 -6.32
CA PRO A 773 -11.08 -28.33 -7.01
C PRO A 773 -10.08 -29.32 -6.50
N LYS A 774 -9.18 -28.91 -5.61
CA LYS A 774 -8.26 -29.78 -4.88
C LYS A 774 -8.97 -30.21 -3.60
N LYS A 775 -9.69 -31.33 -3.65
CA LYS A 775 -10.57 -31.66 -2.53
C LYS A 775 -9.85 -32.38 -1.39
N THR A 776 -8.52 -32.41 -1.42
CA THR A 776 -7.69 -33.25 -0.57
C THR A 776 -6.34 -32.58 -0.44
N THR A 777 -5.76 -32.63 0.77
CA THR A 777 -4.37 -32.27 1.00
C THR A 777 -3.66 -33.44 1.66
N THR A 778 -2.43 -33.72 1.25
CA THR A 778 -1.69 -34.84 1.80
C THR A 778 -0.27 -34.38 2.12
N LEU A 779 0.08 -34.38 3.40
CA LEU A 779 1.34 -33.85 3.91
C LEU A 779 2.26 -34.96 4.37
N SER A 780 3.53 -34.62 4.55
CA SER A 780 4.50 -35.60 5.00
C SER A 780 4.70 -35.64 6.52
N TYR A 781 3.84 -35.00 7.31
CA TYR A 781 4.06 -34.98 8.74
C TYR A 781 2.70 -34.97 9.44
N ASP A 782 2.74 -35.22 10.76
CA ASP A 782 1.50 -35.18 11.52
C ASP A 782 1.05 -33.74 11.69
N VAL A 783 -0.27 -33.56 11.73
CA VAL A 783 -0.94 -32.31 12.10
C VAL A 783 -1.78 -32.57 13.33
N TYR A 784 -1.72 -31.67 14.31
CA TYR A 784 -2.39 -31.92 15.58
C TYR A 784 -3.28 -30.75 15.95
N LYS A 785 -4.51 -31.03 16.37
CA LYS A 785 -5.35 -29.96 16.90
C LYS A 785 -4.79 -29.49 18.23
N ASP A 786 -4.82 -28.17 18.46
CA ASP A 786 -4.43 -27.57 19.73
C ASP A 786 -3.03 -27.97 20.19
N LYS A 787 -2.14 -28.25 19.23
CA LYS A 787 -0.75 -28.60 19.57
C LYS A 787 -0.12 -27.57 20.50
N ARG A 788 -0.40 -26.29 20.29
CA ARG A 788 0.23 -25.23 21.05
C ARG A 788 0.01 -25.35 22.57
N PHE A 789 -1.02 -26.10 23.02
CA PHE A 789 -1.27 -26.31 24.43
C PHE A 789 -0.70 -27.63 24.96
N SER A 790 -0.02 -28.41 24.11
CA SER A 790 0.51 -29.69 24.53
C SER A 790 1.93 -29.59 25.04
N GLU A 791 2.46 -28.38 25.22
CA GLU A 791 3.81 -28.19 25.71
C GLU A 791 3.84 -26.90 26.52
N ASP A 792 4.72 -26.84 27.52
CA ASP A 792 4.91 -25.60 28.23
C ASP A 792 5.30 -24.52 27.23
N GLN A 793 4.89 -23.28 27.52
CA GLN A 793 5.16 -22.15 26.64
C GLN A 793 5.41 -20.89 27.47
N TYR A 794 6.54 -20.24 27.20
CA TYR A 794 6.83 -18.92 27.78
C TYR A 794 6.12 -17.85 26.95
N GLU A 795 5.46 -16.91 27.64
CA GLU A 795 4.80 -15.78 26.99
C GLU A 795 5.50 -14.47 27.32
N LEU A 796 5.76 -13.66 26.29
CA LEU A 796 6.35 -12.33 26.44
C LEU A 796 5.35 -11.28 25.96
N HIS A 797 5.04 -10.32 26.81
CA HIS A 797 4.12 -9.22 26.50
C HIS A 797 4.94 -7.95 26.44
N ILE A 798 4.87 -7.24 25.33
CA ILE A 798 5.73 -6.06 25.12
C ILE A 798 4.81 -4.90 24.77
N PRO A 799 4.69 -3.92 25.66
CA PRO A 799 3.85 -2.76 25.38
C PRO A 799 4.58 -1.80 24.48
N ILE A 800 3.83 -1.20 23.57
CA ILE A 800 4.35 -0.21 22.64
C ILE A 800 3.59 1.09 22.81
N ALA A 801 4.13 2.14 22.20
CA ALA A 801 3.58 3.48 22.31
C ALA A 801 3.44 3.99 20.88
N ILE A 802 2.21 4.18 20.44
CA ILE A 802 1.96 4.68 19.10
C ILE A 802 1.70 6.17 19.19
N ASN A 803 2.44 6.95 18.38
CA ASN A 803 2.25 8.38 18.21
C ASN A 803 2.47 9.15 19.53
N LYS A 804 3.53 8.76 20.26
CA LYS A 804 3.84 9.33 21.57
C LYS A 804 4.00 10.86 21.52
N CYS A 805 4.33 11.44 20.35
CA CYS A 805 4.37 12.89 20.21
C CYS A 805 3.53 13.29 19.03
N PRO A 806 2.23 13.49 19.24
CA PRO A 806 1.35 13.88 18.15
C PRO A 806 1.58 15.32 17.77
N LYS A 807 1.55 15.57 16.46
CA LYS A 807 1.64 16.92 15.93
C LYS A 807 0.33 17.46 15.37
N ASN A 808 -0.54 16.58 14.86
CA ASN A 808 -1.79 17.00 14.22
C ASN A 808 -2.92 17.13 15.22
N ILE A 809 -2.77 18.02 16.21
CA ILE A 809 -3.77 18.16 17.26
C ILE A 809 -4.93 19.00 16.74
N PHE A 810 -6.12 18.42 16.71
CA PHE A 810 -7.33 19.21 16.51
C PHE A 810 -8.48 18.38 17.03
N LYS A 811 -9.64 19.02 17.18
CA LYS A 811 -10.79 18.26 17.60
C LYS A 811 -11.23 17.45 16.40
N ILE A 812 -11.18 16.12 16.55
CA ILE A 812 -11.42 15.25 15.41
C ILE A 812 -12.84 15.44 14.89
N ASN A 813 -13.83 15.48 15.78
CA ASN A 813 -15.20 15.64 15.29
C ASN A 813 -15.36 16.91 14.46
N THR A 814 -14.72 18.02 14.85
CA THR A 814 -14.95 19.24 14.07
C THR A 814 -14.16 19.22 12.78
N GLU A 815 -13.01 18.56 12.78
CA GLU A 815 -12.26 18.38 11.54
C GLU A 815 -13.06 17.57 10.51
N VAL A 816 -13.72 16.49 10.95
CA VAL A 816 -14.56 15.71 10.07
C VAL A 816 -15.69 16.54 9.49
N ARG A 817 -16.20 17.49 10.25
CA ARG A 817 -17.26 18.35 9.73
C ARG A 817 -16.76 19.31 8.66
N VAL A 818 -15.61 19.96 8.91
CA VAL A 818 -15.05 20.89 7.93
C VAL A 818 -14.76 20.18 6.60
N LEU A 819 -14.02 19.05 6.66
CA LEU A 819 -13.70 18.33 5.44
C LEU A 819 -14.97 17.85 4.74
N LEU A 820 -15.95 17.38 5.52
CA LEU A 820 -17.22 16.99 4.92
C LEU A 820 -17.90 18.19 4.27
N LYS A 821 -17.84 19.36 4.91
CA LYS A 821 -18.50 20.52 4.32
C LYS A 821 -17.96 20.83 2.93
N HIS A 822 -16.65 20.76 2.75
CA HIS A 822 -16.01 21.15 1.49
C HIS A 822 -15.73 19.95 0.59
N ASP A 823 -16.39 18.81 0.83
CA ASP A 823 -16.25 17.62 -0.02
C ASP A 823 -17.41 17.61 -1.03
N ASP A 824 -17.07 17.74 -2.33
CA ASP A 824 -18.08 17.83 -3.40
C ASP A 824 -18.93 16.56 -3.48
N ASN A 825 -18.33 15.41 -3.23
CA ASN A 825 -19.04 14.13 -3.37
C ASN A 825 -18.67 13.18 -2.22
N PRO A 826 -19.13 13.46 -1.01
CA PRO A 826 -18.74 12.62 0.14
C PRO A 826 -19.57 11.36 0.21
N TYR A 827 -18.90 10.21 0.27
CA TYR A 827 -19.59 8.92 0.34
C TYR A 827 -19.96 8.55 1.76
N VAL A 828 -20.99 7.74 1.90
CA VAL A 828 -21.42 7.27 3.21
C VAL A 828 -21.66 5.77 3.16
N ILE A 829 -21.19 5.07 4.19
CA ILE A 829 -21.39 3.64 4.39
C ILE A 829 -22.50 3.47 5.42
N GLY A 830 -23.64 2.97 5.04
CA GLY A 830 -24.70 2.69 6.01
C GLY A 830 -24.70 1.24 6.39
N ILE A 831 -24.66 0.98 7.70
CA ILE A 831 -24.56 -0.36 8.22
C ILE A 831 -25.72 -0.62 9.17
N ASP A 832 -26.40 -1.72 8.92
CA ASP A 832 -27.71 -2.04 9.45
C ASP A 832 -27.75 -3.48 9.93
N ARG A 833 -28.54 -3.75 10.98
CA ARG A 833 -28.78 -5.11 11.48
C ARG A 833 -30.26 -5.46 11.31
N GLY A 834 -30.53 -6.66 10.79
CA GLY A 834 -31.88 -7.18 10.74
C GLY A 834 -31.90 -8.63 11.19
N GLU A 835 -33.06 -9.07 11.68
CA GLU A 835 -33.13 -10.43 12.23
C GLU A 835 -32.67 -11.46 11.21
N ARG A 836 -33.02 -11.27 9.94
CA ARG A 836 -32.60 -12.14 8.84
C ARG A 836 -31.10 -12.03 8.49
N ASN A 837 -30.53 -10.81 8.54
CA ASN A 837 -29.16 -10.50 8.13
C ASN A 837 -28.34 -9.94 9.29
N LEU A 838 -27.18 -10.55 9.57
CA LEU A 838 -26.36 -10.12 10.70
C LEU A 838 -25.98 -8.65 10.57
N LEU A 839 -25.53 -8.25 9.39
CA LEU A 839 -25.21 -6.87 9.09
C LEU A 839 -25.59 -6.67 7.63
N TYR A 840 -26.17 -5.54 7.32
CA TYR A 840 -26.45 -5.20 5.94
C TYR A 840 -25.75 -3.89 5.65
N ILE A 841 -25.30 -3.73 4.41
CA ILE A 841 -24.42 -2.66 4.03
C ILE A 841 -24.92 -2.03 2.75
N VAL A 842 -25.05 -0.70 2.74
CA VAL A 842 -25.32 0.06 1.54
C VAL A 842 -24.29 1.19 1.48
N VAL A 843 -23.67 1.37 0.32
CA VAL A 843 -22.77 2.49 0.11
C VAL A 843 -23.44 3.48 -0.83
N VAL A 844 -23.49 4.75 -0.43
CA VAL A 844 -24.05 5.79 -1.27
C VAL A 844 -22.97 6.82 -1.56
N ASP A 845 -23.08 7.47 -2.72
CA ASP A 845 -22.20 8.58 -3.06
C ASP A 845 -22.79 9.85 -2.46
N GLY A 846 -22.20 11.01 -2.79
CA GLY A 846 -22.64 12.27 -2.18
C GLY A 846 -23.98 12.76 -2.65
N LYS A 847 -24.64 12.02 -3.55
CA LYS A 847 -25.99 12.34 -4.00
C LYS A 847 -27.00 11.27 -3.60
N GLY A 848 -26.61 10.30 -2.80
CA GLY A 848 -27.57 9.28 -2.41
C GLY A 848 -27.71 8.17 -3.43
N ASN A 849 -26.88 8.15 -4.44
CA ASN A 849 -26.89 7.04 -5.38
C ASN A 849 -26.34 5.78 -4.73
N ILE A 850 -27.10 4.68 -4.85
CA ILE A 850 -26.63 3.40 -4.32
C ILE A 850 -25.45 2.92 -5.16
N VAL A 851 -24.28 2.78 -4.53
CA VAL A 851 -23.10 2.30 -5.22
C VAL A 851 -22.87 0.80 -4.98
N GLU A 852 -23.10 0.36 -3.74
CA GLU A 852 -22.96 -1.03 -3.37
C GLU A 852 -24.02 -1.32 -2.32
N GLN A 853 -24.55 -2.53 -2.35
CA GLN A 853 -25.50 -2.96 -1.33
C GLN A 853 -25.42 -4.47 -1.27
N TYR A 854 -25.15 -5.01 -0.10
CA TYR A 854 -25.04 -6.46 0.03
C TYR A 854 -25.12 -6.86 1.49
N SER A 855 -25.43 -8.13 1.70
CA SER A 855 -25.48 -8.70 3.03
C SER A 855 -24.11 -9.20 3.44
N LEU A 856 -23.75 -8.96 4.70
CA LEU A 856 -22.53 -9.48 5.31
C LEU A 856 -22.77 -10.77 6.08
N ASN A 857 -23.88 -11.46 5.80
CA ASN A 857 -24.14 -12.75 6.42
C ASN A 857 -23.04 -13.74 6.06
N GLU A 858 -22.54 -13.65 4.83
CA GLU A 858 -21.41 -14.43 4.35
C GLU A 858 -20.23 -13.49 4.15
N ILE A 859 -19.03 -13.92 4.57
CA ILE A 859 -17.80 -13.18 4.30
C ILE A 859 -17.10 -13.80 3.10
N ILE A 860 -16.89 -13.00 2.06
CA ILE A 860 -16.17 -13.46 0.88
C ILE A 860 -14.70 -13.15 1.07
N ASN A 861 -13.85 -14.08 0.65
CA ASN A 861 -12.43 -13.81 0.62
C ASN A 861 -11.85 -14.44 -0.62
N ASN A 862 -10.98 -13.70 -1.31
CA ASN A 862 -10.25 -14.22 -2.46
C ASN A 862 -8.76 -13.97 -2.25
N PHE A 863 -8.00 -15.05 -2.12
CA PHE A 863 -6.54 -15.00 -2.25
C PHE A 863 -6.08 -16.26 -2.97
N ASN A 864 -5.00 -16.11 -3.76
CA ASN A 864 -4.52 -17.15 -4.69
C ASN A 864 -5.65 -17.67 -5.59
N GLY A 865 -6.49 -16.74 -6.10
CA GLY A 865 -7.57 -17.05 -7.01
C GLY A 865 -8.69 -17.93 -6.47
N ILE A 866 -8.55 -18.49 -5.27
CA ILE A 866 -9.53 -19.39 -4.67
C ILE A 866 -10.54 -18.56 -3.89
N ARG A 867 -11.72 -18.36 -4.44
CA ARG A 867 -12.72 -17.60 -3.69
C ARG A 867 -13.43 -18.57 -2.76
N ILE A 868 -13.40 -18.26 -1.48
CA ILE A 868 -14.12 -18.99 -0.44
C ILE A 868 -15.15 -18.04 0.18
N LYS A 869 -16.34 -18.54 0.38
CA LYS A 869 -17.38 -17.79 1.07
C LYS A 869 -17.62 -18.53 2.37
N THR A 870 -17.66 -17.81 3.49
CA THR A 870 -17.94 -18.43 4.77
C THR A 870 -19.17 -17.76 5.37
N ASP A 871 -20.27 -18.49 5.41
CA ASP A 871 -21.53 -17.99 5.94
C ASP A 871 -21.50 -18.09 7.47
N TYR A 872 -21.10 -16.98 8.13
CA TYR A 872 -21.06 -16.97 9.58
C TYR A 872 -22.43 -17.00 10.21
N HIS A 873 -23.47 -16.61 9.46
CA HIS A 873 -24.83 -16.69 9.99
C HIS A 873 -25.19 -18.14 10.32
N SER A 874 -24.98 -19.03 9.35
CA SER A 874 -25.17 -20.45 9.61
C SER A 874 -24.31 -20.90 10.79
N LEU A 875 -22.99 -20.63 10.73
CA LEU A 875 -22.05 -21.03 11.78
C LEU A 875 -22.49 -20.51 13.15
N LEU A 876 -22.89 -19.24 13.21
CA LEU A 876 -23.27 -18.67 14.50
C LEU A 876 -24.46 -19.41 15.10
N ASP A 877 -25.41 -19.85 14.26
CA ASP A 877 -26.54 -20.59 14.80
C ASP A 877 -26.17 -22.04 15.11
N LYS A 878 -25.35 -22.66 14.25
CA LYS A 878 -24.91 -24.04 14.50
C LYS A 878 -24.14 -24.15 15.81
N LYS A 879 -23.22 -23.21 16.07
CA LYS A 879 -22.49 -23.22 17.33
C LYS A 879 -23.38 -22.83 18.49
N GLU A 880 -24.38 -22.00 18.24
CA GLU A 880 -25.39 -21.69 19.25
C GLU A 880 -26.07 -22.95 19.74
N LYS A 881 -26.46 -23.81 18.82
CA LYS A 881 -27.18 -25.04 19.15
C LYS A 881 -26.24 -26.09 19.74
N GLU A 882 -24.93 -26.01 19.41
CA GLU A 882 -23.92 -26.86 20.03
C GLU A 882 -23.73 -26.56 21.51
N ARG A 883 -24.09 -25.34 21.94
CA ARG A 883 -24.06 -24.96 23.35
C ARG A 883 -25.26 -25.43 24.15
N PHE A 884 -26.43 -25.58 23.51
CA PHE A 884 -27.56 -26.19 24.22
C PHE A 884 -27.41 -27.71 24.28
N GLU A 885 -26.78 -28.29 23.27
CA GLU A 885 -26.55 -29.72 23.28
C GLU A 885 -25.51 -30.15 24.31
N ALA A 886 -24.48 -29.32 24.54
CA ALA A 886 -23.43 -29.72 25.48
C ALA A 886 -23.90 -29.70 26.94
N ARG A 887 -24.76 -28.73 27.30
CA ARG A 887 -25.25 -28.65 28.68
C ARG A 887 -26.09 -29.88 29.03
N GLN A 888 -26.85 -30.41 28.08
CA GLN A 888 -27.64 -31.59 28.38
C GLN A 888 -26.82 -32.87 28.24
N ASN A 889 -25.85 -32.89 27.33
CA ASN A 889 -25.05 -34.09 27.13
C ASN A 889 -23.75 -34.07 27.94
N TRP A 890 -23.47 -32.98 28.66
CA TRP A 890 -22.27 -32.86 29.49
C TRP A 890 -21.00 -33.03 28.65
N THR A 891 -20.97 -32.39 27.49
CA THR A 891 -19.74 -32.29 26.71
C THR A 891 -19.26 -30.84 26.71
N SER A 892 -17.97 -30.69 26.43
CA SER A 892 -17.27 -29.42 26.60
C SER A 892 -17.97 -28.25 25.93
N ILE A 893 -17.87 -27.08 26.58
CA ILE A 893 -18.45 -25.85 26.06
C ILE A 893 -18.05 -25.68 24.62
N GLU A 894 -19.01 -25.36 23.77
CA GLU A 894 -18.61 -24.78 22.50
C GLU A 894 -18.46 -23.30 22.76
N ASN A 895 -17.29 -22.77 22.41
CA ASN A 895 -16.97 -21.37 22.61
C ASN A 895 -17.61 -20.55 21.50
N ILE A 896 -18.64 -19.77 21.84
CA ILE A 896 -19.29 -18.88 20.90
C ILE A 896 -18.92 -17.43 21.18
N LYS A 897 -18.39 -17.12 22.36
CA LYS A 897 -17.74 -15.83 22.56
C LYS A 897 -16.82 -15.50 21.39
N GLU A 898 -16.01 -16.46 20.99
CA GLU A 898 -14.96 -16.13 20.05
C GLU A 898 -15.38 -16.26 18.60
N LEU A 899 -16.41 -17.05 18.30
CA LEU A 899 -16.90 -17.07 16.92
C LEU A 899 -17.36 -15.70 16.49
N LYS A 900 -17.98 -14.95 17.41
CA LYS A 900 -18.33 -13.57 17.13
C LYS A 900 -17.09 -12.74 16.83
N ALA A 901 -16.11 -12.78 17.74
CA ALA A 901 -14.88 -12.03 17.52
C ALA A 901 -14.25 -12.39 16.20
N GLY A 902 -14.30 -13.67 15.85
CA GLY A 902 -13.74 -14.11 14.59
C GLY A 902 -14.50 -13.52 13.43
N TYR A 903 -15.83 -13.57 13.51
CA TYR A 903 -16.66 -12.96 12.48
C TYR A 903 -16.48 -11.45 12.43
N ILE A 904 -16.45 -10.79 13.60
CA ILE A 904 -16.27 -9.34 13.59
C ILE A 904 -14.92 -8.97 12.99
N SER A 905 -13.89 -9.79 13.25
CA SER A 905 -12.58 -9.48 12.68
C SER A 905 -12.67 -9.38 11.15
N GLN A 906 -13.42 -10.29 10.53
CA GLN A 906 -13.59 -10.22 9.07
C GLN A 906 -14.35 -8.97 8.67
N VAL A 907 -15.46 -8.69 9.36
CA VAL A 907 -16.25 -7.50 9.04
C VAL A 907 -15.38 -6.25 9.11
N VAL A 908 -14.62 -6.10 10.19
CA VAL A 908 -13.91 -4.85 10.43
C VAL A 908 -12.91 -4.60 9.31
N HIS A 909 -12.22 -5.64 8.86
CA HIS A 909 -11.31 -5.46 7.73
C HIS A 909 -12.05 -4.98 6.48
N LYS A 910 -13.27 -5.49 6.26
CA LYS A 910 -14.02 -5.11 5.06
C LYS A 910 -14.52 -3.69 5.15
N ILE A 911 -15.04 -3.28 6.30
CA ILE A 911 -15.44 -1.89 6.44
C ILE A 911 -14.24 -0.97 6.25
N CYS A 912 -13.09 -1.33 6.81
CA CYS A 912 -11.96 -0.42 6.66
C CYS A 912 -11.51 -0.32 5.22
N GLU A 913 -11.68 -1.41 4.44
CA GLU A 913 -11.35 -1.35 3.02
C GLU A 913 -12.38 -0.53 2.24
N LEU A 914 -13.66 -0.56 2.66
CA LEU A 914 -14.64 0.33 2.05
C LEU A 914 -14.33 1.78 2.40
N VAL A 915 -13.95 2.03 3.65
CA VAL A 915 -13.62 3.41 4.04
C VAL A 915 -12.48 3.94 3.18
N GLU A 916 -11.40 3.17 3.04
CA GLU A 916 -10.27 3.63 2.25
C GLU A 916 -10.66 3.78 0.79
N LYS A 917 -11.42 2.82 0.26
CA LYS A 917 -11.83 2.87 -1.13
C LYS A 917 -12.63 4.12 -1.45
N TYR A 918 -13.58 4.49 -0.58
CA TYR A 918 -14.55 5.54 -0.86
C TYR A 918 -14.30 6.84 -0.12
N ASP A 919 -13.26 6.94 0.71
CA ASP A 919 -13.09 8.12 1.56
C ASP A 919 -14.40 8.42 2.27
N ALA A 920 -14.99 7.37 2.84
CA ALA A 920 -16.39 7.42 3.26
C ALA A 920 -16.52 7.50 4.78
N VAL A 921 -17.61 8.11 5.23
CA VAL A 921 -17.91 8.10 6.64
C VAL A 921 -18.94 7.00 6.92
N ILE A 922 -19.06 6.60 8.19
CA ILE A 922 -19.85 5.43 8.53
C ILE A 922 -21.14 5.90 9.17
N ALA A 923 -22.27 5.26 8.79
CA ALA A 923 -23.58 5.55 9.37
C ALA A 923 -24.07 4.30 10.07
N LEU A 924 -24.16 4.37 11.41
CA LEU A 924 -24.44 3.24 12.29
C LEU A 924 -25.83 3.38 12.92
N GLU A 925 -26.50 2.24 13.09
CA GLU A 925 -27.83 2.20 13.69
C GLU A 925 -27.74 2.34 15.21
N ASP A 926 -28.37 3.39 15.74
CA ASP A 926 -28.66 3.42 17.16
C ASP A 926 -29.42 2.14 17.55
N LEU A 927 -29.09 1.59 18.73
CA LEU A 927 -29.53 0.25 19.10
C LEU A 927 -30.42 0.23 20.34
N ASN A 928 -31.47 -0.62 20.27
CA ASN A 928 -32.52 -0.70 21.29
C ASN A 928 -32.05 -1.40 22.55
N SER A 929 -32.61 -0.97 23.70
CA SER A 929 -32.33 -1.61 24.99
C SER A 929 -32.80 -3.07 25.03
N GLY A 930 -34.02 -3.34 24.57
CA GLY A 930 -34.60 -4.69 24.70
C GLY A 930 -34.09 -5.64 23.64
N PHE A 931 -34.20 -6.94 23.90
CA PHE A 931 -34.02 -7.94 22.83
C PHE A 931 -35.25 -8.82 23.00
N LYS A 932 -35.68 -9.44 21.91
CA LYS A 932 -36.98 -10.10 21.82
C LYS A 932 -36.88 -11.61 21.79
N ASN A 933 -36.04 -12.17 20.93
CA ASN A 933 -35.88 -13.59 20.66
C ASN A 933 -34.46 -14.02 21.05
N SER A 934 -34.24 -15.33 21.21
CA SER A 934 -32.93 -15.77 21.67
C SER A 934 -31.88 -15.83 20.55
N ARG A 935 -32.32 -15.93 19.30
CA ARG A 935 -31.46 -15.66 18.15
C ARG A 935 -31.28 -14.15 17.94
N VAL A 936 -32.24 -13.34 18.38
CA VAL A 936 -32.13 -11.91 18.15
C VAL A 936 -31.20 -11.23 19.15
N LYS A 937 -31.09 -11.75 20.39
CA LYS A 937 -30.05 -11.27 21.32
C LYS A 937 -28.65 -11.52 20.79
N VAL A 938 -28.35 -12.78 20.44
CA VAL A 938 -27.01 -13.11 20.00
C VAL A 938 -26.62 -12.20 18.85
N GLU A 939 -27.58 -11.77 18.06
CA GLU A 939 -27.24 -10.81 17.01
C GLU A 939 -27.13 -9.37 17.55
N LYS A 940 -27.90 -9.00 18.57
CA LYS A 940 -27.73 -7.69 19.20
C LYS A 940 -26.38 -7.57 19.86
N GLN A 941 -25.93 -8.64 20.53
CA GLN A 941 -24.56 -8.63 21.04
C GLN A 941 -23.54 -8.64 19.92
N VAL A 942 -23.78 -9.40 18.85
CA VAL A 942 -22.82 -9.42 17.73
C VAL A 942 -22.67 -8.01 17.17
N TYR A 943 -23.79 -7.29 17.03
CA TYR A 943 -23.70 -5.91 16.57
C TYR A 943 -23.00 -5.05 17.60
N GLN A 944 -23.30 -5.25 18.88
CA GLN A 944 -22.72 -4.42 19.92
C GLN A 944 -21.23 -4.69 20.08
N LYS A 945 -20.79 -5.92 19.84
CA LYS A 945 -19.36 -6.18 19.77
C LYS A 945 -18.75 -5.66 18.46
N PHE A 946 -19.48 -5.71 17.35
CA PHE A 946 -18.98 -5.09 16.11
C PHE A 946 -18.64 -3.63 16.34
N GLU A 947 -19.50 -2.91 17.07
CA GLU A 947 -19.25 -1.50 17.30
C GLU A 947 -17.95 -1.28 18.05
N LYS A 948 -17.75 -2.01 19.16
CA LYS A 948 -16.57 -1.78 19.99
C LYS A 948 -15.28 -1.96 19.18
N MET A 949 -15.20 -3.07 18.42
CA MET A 949 -14.01 -3.36 17.61
C MET A 949 -13.83 -2.36 16.48
N LEU A 950 -14.92 -1.95 15.82
CA LEU A 950 -14.78 -1.01 14.71
C LEU A 950 -14.28 0.35 15.19
N ILE A 951 -14.80 0.84 16.32
CA ILE A 951 -14.20 2.03 16.91
C ILE A 951 -12.72 1.81 17.21
N ASP A 952 -12.35 0.65 17.78
CA ASP A 952 -10.94 0.44 18.11
C ASP A 952 -10.06 0.55 16.87
N LYS A 953 -10.35 -0.26 15.84
CA LYS A 953 -9.49 -0.31 14.67
C LYS A 953 -9.30 1.10 14.08
N LEU A 954 -10.35 1.91 14.15
CA LEU A 954 -10.30 3.27 13.66
C LEU A 954 -9.57 4.23 14.60
N ASN A 955 -9.03 3.75 15.73
CA ASN A 955 -8.12 4.56 16.53
C ASN A 955 -6.77 4.73 15.85
N TYR A 956 -6.25 3.65 15.28
CA TYR A 956 -5.01 3.64 14.49
C TYR A 956 -5.25 2.59 13.41
N MET A 957 -5.67 3.04 12.22
CA MET A 957 -6.16 2.14 11.18
C MET A 957 -5.08 1.95 10.13
N VAL A 958 -4.51 0.76 10.04
CA VAL A 958 -3.35 0.49 9.19
C VAL A 958 -3.72 -0.48 8.09
N ASP A 959 -3.19 -0.22 6.89
CA ASP A 959 -3.22 -1.14 5.74
C ASP A 959 -1.87 -1.85 5.65
N LYS A 960 -1.83 -3.15 5.99
CA LYS A 960 -0.56 -3.89 6.02
C LYS A 960 0.13 -3.90 4.66
N LYS A 961 -0.64 -3.77 3.57
CA LYS A 961 -0.02 -3.79 2.25
C LYS A 961 0.87 -2.57 2.00
N SER A 962 0.41 -1.37 2.43
CA SER A 962 1.14 -0.12 2.20
C SER A 962 2.60 -0.23 2.56
N ASN A 963 3.45 0.51 1.81
CA ASN A 963 4.78 0.85 2.31
C ASN A 963 4.62 1.48 3.68
N PRO A 964 5.41 1.05 4.68
CA PRO A 964 5.05 1.36 6.07
C PRO A 964 5.03 2.82 6.40
N CYS A 965 5.82 3.67 5.71
CA CYS A 965 5.79 5.11 5.95
C CYS A 965 4.87 5.87 5.01
N ALA A 966 4.13 5.19 4.16
CA ALA A 966 3.10 5.91 3.44
C ALA A 966 1.95 6.24 4.36
N THR A 967 1.17 7.24 3.98
CA THR A 967 -0.12 7.39 4.63
C THR A 967 -0.90 6.09 4.54
N GLY A 968 -1.57 5.74 5.64
CA GLY A 968 -2.20 4.47 5.87
C GLY A 968 -1.26 3.32 6.21
N GLY A 969 0.06 3.49 6.06
CA GLY A 969 1.02 2.47 6.44
C GLY A 969 1.11 2.30 7.94
N ALA A 970 1.93 1.33 8.34
CA ALA A 970 2.00 0.96 9.75
C ALA A 970 2.58 2.06 10.62
N LEU A 971 3.46 2.92 10.06
CA LEU A 971 3.98 4.06 10.81
C LEU A 971 3.08 5.28 10.72
N LYS A 972 2.14 5.28 9.80
CA LYS A 972 1.29 6.44 9.59
C LYS A 972 -0.15 5.98 9.51
N GLY A 973 -0.59 5.27 10.55
CA GLY A 973 -1.96 4.81 10.55
C GLY A 973 -2.94 5.96 10.65
N TYR A 974 -4.16 5.73 10.15
CA TYR A 974 -5.19 6.75 10.22
C TYR A 974 -5.78 6.75 11.60
N GLN A 975 -6.23 7.91 12.04
CA GLN A 975 -6.93 8.01 13.32
C GLN A 975 -8.24 8.70 13.00
N ILE A 976 -9.32 7.93 12.81
CA ILE A 976 -10.57 8.55 12.42
C ILE A 976 -11.67 8.31 13.43
N THR A 977 -11.35 7.72 14.58
CA THR A 977 -12.26 7.80 15.73
C THR A 977 -11.50 8.26 16.94
N ASN A 978 -12.24 8.80 17.89
CA ASN A 978 -11.65 9.38 19.08
C ASN A 978 -11.19 8.30 20.04
N LYS A 979 -10.17 8.65 20.84
CA LYS A 979 -9.42 7.71 21.69
C LYS A 979 -10.30 6.72 22.47
N PHE A 980 -11.16 7.24 23.33
CA PHE A 980 -12.03 6.41 24.19
C PHE A 980 -12.90 5.46 23.35
N GLU A 981 -13.22 4.31 23.94
CA GLU A 981 -14.22 3.41 23.33
C GLU A 981 -15.66 3.95 23.48
N SER A 982 -16.10 4.29 24.71
CA SER A 982 -17.53 4.51 24.94
C SER A 982 -17.86 5.89 25.52
N PHE A 983 -17.35 6.27 26.70
CA PHE A 983 -17.82 7.46 27.42
C PHE A 983 -16.65 8.17 28.11
N LYS A 984 -16.82 9.44 28.53
CA LYS A 984 -18.03 10.27 28.42
C LYS A 984 -17.96 11.23 27.21
N SER A 985 -16.85 11.34 26.46
CA SER A 985 -16.87 12.23 25.31
C SER A 985 -17.87 11.78 24.23
N MET A 986 -18.71 10.75 24.48
CA MET A 986 -19.69 10.27 23.50
C MET A 986 -20.64 11.39 23.07
N SER A 987 -21.06 11.32 21.81
CA SER A 987 -21.99 12.25 21.21
C SER A 987 -22.73 11.49 20.10
N THR A 988 -23.53 12.20 19.31
CA THR A 988 -24.13 11.56 18.13
C THR A 988 -23.06 11.16 17.11
N GLN A 989 -21.91 11.85 17.11
CA GLN A 989 -20.78 11.59 16.20
C GLN A 989 -19.54 11.16 16.95
N ASN A 990 -18.86 10.12 16.46
CA ASN A 990 -17.51 9.75 16.93
C ASN A 990 -16.61 9.63 15.70
N GLY A 991 -15.86 10.71 15.42
CA GLY A 991 -14.98 10.72 14.27
C GLY A 991 -15.74 10.56 12.96
N PHE A 992 -15.32 9.59 12.15
CA PHE A 992 -16.06 9.27 10.95
C PHE A 992 -17.39 8.58 11.26
N ILE A 993 -17.59 8.09 12.48
CA ILE A 993 -18.84 7.38 12.75
C ILE A 993 -19.90 8.34 13.27
N PHE A 994 -21.10 8.25 12.69
CA PHE A 994 -22.27 9.02 13.10
C PHE A 994 -23.33 8.02 13.52
N TYR A 995 -23.89 8.21 14.72
CA TYR A 995 -24.89 7.30 15.27
C TYR A 995 -26.26 7.80 14.87
N ILE A 996 -27.04 6.95 14.19
CA ILE A 996 -28.24 7.37 13.50
C ILE A 996 -29.45 6.62 14.11
N PRO A 997 -30.52 7.35 14.47
CA PRO A 997 -31.74 6.66 14.93
C PRO A 997 -32.42 5.97 13.77
N ALA A 998 -33.15 4.91 14.08
CA ALA A 998 -33.67 4.05 13.05
C ALA A 998 -35.05 4.45 12.57
N TRP A 999 -35.65 5.49 13.15
CA TRP A 999 -37.07 5.76 12.94
C TRP A 999 -37.39 5.99 11.48
N LEU A 1000 -38.39 5.24 11.01
CA LEU A 1000 -38.81 5.21 9.62
C LEU A 1000 -37.65 5.20 8.63
N THR A 1001 -36.67 4.32 8.89
CA THR A 1001 -35.67 3.95 7.92
C THR A 1001 -36.01 2.65 7.21
N SER A 1002 -36.85 1.82 7.81
CA SER A 1002 -37.22 0.51 7.26
C SER A 1002 -38.57 0.56 6.55
N LYS A 1003 -39.62 0.89 7.31
CA LYS A 1003 -40.98 0.98 6.76
C LYS A 1003 -41.18 2.34 6.10
N ILE A 1004 -40.43 2.56 5.01
CA ILE A 1004 -40.57 3.77 4.22
C ILE A 1004 -40.32 3.41 2.76
N ASP A 1005 -41.23 3.83 1.89
CA ASP A 1005 -41.04 3.63 0.48
C ASP A 1005 -39.85 4.47 0.07
N PRO A 1006 -38.75 3.86 -0.39
CA PRO A 1006 -37.59 4.67 -0.77
C PRO A 1006 -37.77 5.43 -2.06
N SER A 1007 -38.65 4.98 -2.94
CA SER A 1007 -38.85 5.70 -4.20
C SER A 1007 -39.62 7.01 -4.00
N THR A 1008 -40.48 7.10 -3.00
CA THR A 1008 -41.35 8.26 -2.87
C THR A 1008 -41.21 8.98 -1.54
N GLY A 1009 -40.55 8.37 -0.57
CA GLY A 1009 -40.59 8.86 0.79
C GLY A 1009 -41.89 8.62 1.53
N PHE A 1010 -42.82 7.84 0.96
CA PHE A 1010 -44.10 7.66 1.63
C PHE A 1010 -43.94 6.78 2.87
N VAL A 1011 -44.60 7.19 3.96
CA VAL A 1011 -44.72 6.37 5.16
C VAL A 1011 -46.16 6.42 5.62
N ASN A 1012 -46.50 5.46 6.50
CA ASN A 1012 -47.85 5.26 7.02
C ASN A 1012 -48.04 5.97 8.36
N LEU A 1013 -48.78 7.07 8.34
CA LEU A 1013 -49.10 7.82 9.55
C LEU A 1013 -50.56 7.71 9.95
N LEU A 1014 -51.32 6.81 9.33
CA LEU A 1014 -52.71 6.60 9.70
C LEU A 1014 -52.80 5.53 10.78
N LYS A 1015 -53.74 5.72 11.69
CA LYS A 1015 -54.06 4.72 12.69
C LYS A 1015 -55.33 4.01 12.24
N THR A 1016 -55.23 2.71 11.96
CA THR A 1016 -56.32 1.96 11.35
C THR A 1016 -56.91 0.87 12.23
N LYS A 1017 -56.50 0.78 13.49
CA LYS A 1017 -57.12 -0.20 14.39
C LYS A 1017 -58.60 0.17 14.56
N TYR A 1018 -59.45 -0.85 14.64
CA TYR A 1018 -60.87 -0.65 14.34
C TYR A 1018 -61.54 0.36 15.28
N THR A 1019 -61.34 0.25 16.60
CA THR A 1019 -62.01 1.14 17.53
C THR A 1019 -63.53 0.95 17.43
N SER A 1020 -64.25 1.93 16.86
CA SER A 1020 -65.71 1.96 16.87
C SER A 1020 -66.26 2.09 15.47
N ILE A 1021 -67.57 1.83 15.32
CA ILE A 1021 -68.31 2.24 14.13
C ILE A 1021 -68.30 3.76 14.00
N ALA A 1022 -68.51 4.46 15.11
CA ALA A 1022 -68.58 5.92 15.08
C ALA A 1022 -67.29 6.56 14.56
N ASP A 1023 -66.13 6.10 15.07
CA ASP A 1023 -64.83 6.59 14.60
C ASP A 1023 -64.56 6.19 13.15
N SER A 1024 -64.93 4.97 12.77
CA SER A 1024 -64.65 4.46 11.43
C SER A 1024 -65.26 5.29 10.33
N LYS A 1025 -66.32 6.05 10.60
CA LYS A 1025 -66.93 6.82 9.53
C LYS A 1025 -66.13 8.11 9.24
N LYS A 1026 -65.46 8.71 10.26
CA LYS A 1026 -64.72 9.95 9.96
C LYS A 1026 -63.40 9.62 9.27
N PHE A 1027 -62.84 8.44 9.56
CA PHE A 1027 -61.71 7.95 8.79
C PHE A 1027 -62.08 7.90 7.31
N ILE A 1028 -63.16 7.18 6.99
CA ILE A 1028 -63.55 7.05 5.60
C ILE A 1028 -64.00 8.39 5.05
N SER A 1029 -64.42 9.31 5.92
CA SER A 1029 -64.90 10.61 5.45
C SER A 1029 -63.84 11.71 5.46
N SER A 1030 -62.65 11.43 6.04
CA SER A 1030 -61.53 12.36 5.91
C SER A 1030 -60.82 12.18 4.58
N PHE A 1031 -61.01 11.02 3.94
CA PHE A 1031 -60.44 10.81 2.62
C PHE A 1031 -61.06 11.77 1.61
N ASP A 1032 -60.21 12.32 0.75
CA ASP A 1032 -60.71 13.17 -0.33
C ASP A 1032 -61.60 12.38 -1.28
N ARG A 1033 -61.27 11.12 -1.50
CA ARG A 1033 -62.04 10.30 -2.43
C ARG A 1033 -61.67 8.82 -2.25
N ILE A 1034 -62.60 7.92 -2.56
CA ILE A 1034 -62.30 6.49 -2.63
C ILE A 1034 -63.06 5.89 -3.81
N MET A 1035 -62.35 5.37 -4.80
CA MET A 1035 -63.00 5.01 -6.05
C MET A 1035 -62.41 3.70 -6.59
N TYR A 1036 -62.92 3.25 -7.75
CA TYR A 1036 -62.42 2.07 -8.46
C TYR A 1036 -61.96 2.47 -9.85
N VAL A 1037 -60.73 2.08 -10.22
CA VAL A 1037 -60.20 2.35 -11.56
C VAL A 1037 -60.17 1.06 -12.36
N PRO A 1038 -61.14 0.86 -13.26
CA PRO A 1038 -61.19 -0.44 -13.95
C PRO A 1038 -60.02 -0.69 -14.87
N GLU A 1039 -59.45 0.35 -15.46
CA GLU A 1039 -58.33 0.19 -16.40
C GLU A 1039 -57.10 -0.42 -15.72
N GLU A 1040 -57.05 -0.42 -14.39
CA GLU A 1040 -55.91 -0.94 -13.68
C GLU A 1040 -56.29 -2.01 -12.66
N ASP A 1041 -57.57 -2.37 -12.56
CA ASP A 1041 -58.08 -3.25 -11.50
C ASP A 1041 -57.54 -2.85 -10.14
N LEU A 1042 -57.72 -1.59 -9.78
CA LEU A 1042 -57.23 -1.10 -8.50
C LEU A 1042 -58.24 -0.16 -7.86
N PHE A 1043 -58.25 -0.16 -6.53
CA PHE A 1043 -59.03 0.81 -5.75
C PHE A 1043 -58.11 1.91 -5.27
N GLU A 1044 -58.47 3.15 -5.58
CA GLU A 1044 -57.69 4.34 -5.25
C GLU A 1044 -58.31 5.05 -4.06
N PHE A 1045 -57.50 5.33 -3.04
CA PHE A 1045 -57.93 6.06 -1.84
C PHE A 1045 -57.11 7.35 -1.78
N ALA A 1046 -57.71 8.48 -2.19
CA ALA A 1046 -56.98 9.73 -2.33
C ALA A 1046 -57.03 10.48 -1.00
N LEU A 1047 -55.87 10.66 -0.37
CA LEU A 1047 -55.80 11.20 0.99
C LEU A 1047 -55.00 12.48 1.03
N ASP A 1048 -55.49 13.40 1.87
CA ASP A 1048 -54.75 14.56 2.31
C ASP A 1048 -54.49 14.31 3.78
N TYR A 1049 -53.23 14.09 4.13
CA TYR A 1049 -52.87 13.80 5.50
C TYR A 1049 -53.30 14.91 6.46
N LYS A 1050 -53.50 16.13 5.94
CA LYS A 1050 -53.93 17.24 6.77
C LYS A 1050 -55.29 16.98 7.40
N ASN A 1051 -56.08 16.05 6.85
CA ASN A 1051 -57.37 15.66 7.41
C ASN A 1051 -57.28 14.63 8.53
N PHE A 1052 -56.08 14.23 8.92
CA PHE A 1052 -55.91 13.17 9.91
C PHE A 1052 -55.02 13.65 11.03
N SER A 1053 -55.12 12.96 12.17
CA SER A 1053 -54.41 13.41 13.35
C SER A 1053 -52.93 13.07 13.26
N ARG A 1054 -52.12 14.02 13.75
CA ARG A 1054 -50.74 13.75 14.10
C ARG A 1054 -49.92 13.40 12.86
N THR A 1055 -50.20 14.10 11.77
CA THR A 1055 -49.49 13.96 10.50
C THR A 1055 -48.61 15.16 10.16
N ASP A 1056 -48.18 15.94 11.17
CA ASP A 1056 -47.30 17.06 10.84
C ASP A 1056 -46.03 16.56 10.18
N ALA A 1057 -45.55 15.39 10.60
CA ALA A 1057 -44.24 14.93 10.14
C ALA A 1057 -44.17 14.91 8.62
N ASP A 1058 -45.25 14.47 7.97
CA ASP A 1058 -45.26 14.28 6.54
C ASP A 1058 -45.16 15.61 5.80
N TYR A 1059 -44.24 15.68 4.83
CA TYR A 1059 -44.07 16.90 4.05
C TYR A 1059 -45.11 17.02 2.94
N ILE A 1060 -45.23 15.99 2.11
CA ILE A 1060 -46.14 15.99 0.96
C ILE A 1060 -47.52 15.60 1.50
N LYS A 1061 -48.38 16.58 1.77
CA LYS A 1061 -49.63 16.27 2.45
C LYS A 1061 -50.48 15.27 1.68
N LYS A 1062 -50.55 15.39 0.35
CA LYS A 1062 -51.48 14.63 -0.47
C LYS A 1062 -50.85 13.41 -1.10
N TRP A 1063 -51.45 12.24 -0.86
CA TRP A 1063 -51.03 10.98 -1.47
C TRP A 1063 -52.26 10.27 -2.03
N LYS A 1064 -52.07 9.47 -3.09
CA LYS A 1064 -53.10 8.56 -3.57
C LYS A 1064 -52.65 7.12 -3.34
N LEU A 1065 -53.42 6.37 -2.54
CA LEU A 1065 -53.11 4.99 -2.20
C LEU A 1065 -53.90 4.02 -3.07
N TYR A 1066 -53.28 2.88 -3.39
CA TYR A 1066 -53.90 1.89 -4.27
C TYR A 1066 -53.91 0.50 -3.65
N SER A 1067 -54.84 -0.32 -4.11
CA SER A 1067 -54.93 -1.72 -3.68
C SER A 1067 -54.00 -2.58 -4.54
N TYR A 1068 -52.69 -2.33 -4.43
CA TYR A 1068 -51.79 -2.90 -5.42
C TYR A 1068 -51.08 -4.12 -4.86
N GLY A 1069 -51.10 -5.21 -5.64
CA GLY A 1069 -50.34 -6.39 -5.27
C GLY A 1069 -50.91 -7.08 -4.04
N ASN A 1070 -50.03 -7.73 -3.31
CA ASN A 1070 -50.43 -8.57 -2.19
C ASN A 1070 -49.69 -8.15 -0.94
N ARG A 1071 -50.25 -8.54 0.20
CA ARG A 1071 -49.65 -8.35 1.52
C ARG A 1071 -49.68 -9.68 2.25
N ILE A 1072 -49.05 -9.74 3.42
CA ILE A 1072 -49.06 -10.95 4.24
C ILE A 1072 -49.64 -10.62 5.60
N ARG A 1073 -50.64 -11.40 6.01
CA ARG A 1073 -51.37 -11.26 7.26
C ARG A 1073 -50.84 -12.26 8.30
N ILE A 1074 -50.85 -11.86 9.55
CA ILE A 1074 -50.47 -12.72 10.67
C ILE A 1074 -51.70 -13.42 11.26
N PHE A 1075 -51.54 -14.70 11.65
CA PHE A 1075 -52.57 -15.37 12.45
C PHE A 1075 -52.80 -14.58 13.72
N ARG A 1076 -54.07 -14.31 14.06
CA ARG A 1076 -54.29 -13.78 15.40
C ARG A 1076 -54.29 -14.91 16.43
N ASN A 1077 -54.75 -16.12 16.03
CA ASN A 1077 -54.63 -17.31 16.84
C ASN A 1077 -54.78 -18.58 15.96
N PHE A 1084 -48.97 -22.81 9.94
CA PHE A 1084 -49.12 -21.62 9.11
C PHE A 1084 -49.91 -20.55 9.85
N ASP A 1085 -49.20 -19.69 10.58
CA ASP A 1085 -49.85 -18.58 11.25
C ASP A 1085 -49.78 -17.30 10.42
N TRP A 1086 -49.63 -17.45 9.10
CA TRP A 1086 -49.64 -16.37 8.12
C TRP A 1086 -50.49 -16.78 6.93
N GLU A 1087 -51.36 -15.88 6.50
CA GLU A 1087 -52.08 -16.03 5.24
C GLU A 1087 -51.74 -14.85 4.35
N GLU A 1088 -51.76 -15.08 3.04
CA GLU A 1088 -51.39 -14.01 2.11
C GLU A 1088 -52.68 -13.44 1.53
N VAL A 1089 -52.86 -12.14 1.67
CA VAL A 1089 -54.05 -11.44 1.21
C VAL A 1089 -53.79 -10.88 -0.18
N CYS A 1090 -54.80 -10.93 -1.06
CA CYS A 1090 -54.76 -10.20 -2.32
C CYS A 1090 -55.68 -8.97 -2.19
N LEU A 1091 -55.06 -7.79 -2.21
CA LEU A 1091 -55.74 -6.60 -1.71
C LEU A 1091 -56.96 -6.27 -2.54
N THR A 1092 -56.80 -6.21 -3.86
CA THR A 1092 -57.92 -5.75 -4.68
C THR A 1092 -59.09 -6.74 -4.64
N SER A 1093 -58.82 -8.04 -4.52
CA SER A 1093 -59.93 -8.98 -4.55
C SER A 1093 -60.63 -9.06 -3.21
N ALA A 1094 -59.95 -8.76 -2.10
CA ALA A 1094 -60.59 -8.70 -0.81
C ALA A 1094 -61.52 -7.50 -0.70
N TYR A 1095 -61.10 -6.37 -1.26
CA TYR A 1095 -61.97 -5.20 -1.26
C TYR A 1095 -63.27 -5.50 -1.99
N LYS A 1096 -63.17 -6.21 -3.11
CA LYS A 1096 -64.38 -6.55 -3.86
C LYS A 1096 -65.21 -7.58 -3.11
N GLU A 1097 -64.56 -8.53 -2.44
CA GLU A 1097 -65.28 -9.48 -1.59
C GLU A 1097 -66.07 -8.74 -0.52
N LEU A 1098 -65.40 -7.81 0.17
CA LEU A 1098 -66.07 -7.07 1.24
C LEU A 1098 -67.24 -6.24 0.70
N PHE A 1099 -66.99 -5.44 -0.34
CA PHE A 1099 -68.05 -4.59 -0.89
C PHE A 1099 -69.16 -5.43 -1.51
N ASN A 1100 -68.79 -6.56 -2.14
CA ASN A 1100 -69.80 -7.50 -2.63
C ASN A 1100 -70.53 -8.18 -1.49
N LYS A 1101 -69.81 -8.58 -0.44
CA LYS A 1101 -70.45 -9.29 0.66
C LYS A 1101 -71.58 -8.44 1.27
N TYR A 1102 -71.39 -7.11 1.41
CA TYR A 1102 -72.38 -6.27 2.09
C TYR A 1102 -73.22 -5.45 1.15
N GLY A 1103 -73.14 -5.71 -0.14
CA GLY A 1103 -73.97 -4.90 -1.03
C GLY A 1103 -73.55 -3.45 -1.01
N ILE A 1104 -72.43 -3.20 -1.65
CA ILE A 1104 -71.98 -1.80 -1.82
C ILE A 1104 -71.42 -1.61 -3.23
N ASN A 1105 -72.24 -1.12 -4.12
CA ASN A 1105 -71.84 -0.97 -5.49
C ASN A 1105 -70.52 -0.22 -5.58
N TYR A 1106 -69.38 -0.91 -5.82
CA TYR A 1106 -68.08 -0.23 -5.76
C TYR A 1106 -67.70 0.56 -7.04
N GLN A 1107 -68.34 0.27 -8.18
CA GLN A 1107 -68.03 0.92 -9.45
C GLN A 1107 -68.64 2.32 -9.58
N GLN A 1108 -69.26 2.84 -8.51
CA GLN A 1108 -70.01 4.10 -8.60
C GLN A 1108 -69.17 5.27 -8.08
N GLY A 1109 -68.18 5.69 -8.89
CA GLY A 1109 -67.41 6.89 -8.63
C GLY A 1109 -66.97 6.97 -7.17
N ASP A 1110 -67.15 8.14 -6.56
CA ASP A 1110 -66.77 8.34 -5.16
C ASP A 1110 -67.72 7.54 -4.25
N ILE A 1111 -67.18 6.57 -3.51
CA ILE A 1111 -68.01 5.65 -2.76
C ILE A 1111 -67.89 5.88 -1.25
N ARG A 1112 -67.38 7.04 -0.82
CA ARG A 1112 -67.22 7.28 0.62
C ARG A 1112 -68.57 7.37 1.33
N ALA A 1113 -69.55 7.99 0.67
CA ALA A 1113 -70.88 8.10 1.24
C ALA A 1113 -71.48 6.71 1.50
N LEU A 1114 -71.40 5.82 0.50
CA LEU A 1114 -72.05 4.52 0.63
C LEU A 1114 -71.42 3.67 1.73
N LEU A 1115 -70.10 3.76 1.89
CA LEU A 1115 -69.45 2.96 2.92
C LEU A 1115 -69.97 3.36 4.29
N CYS A 1116 -70.23 4.65 4.51
CA CYS A 1116 -70.77 5.07 5.80
C CYS A 1116 -72.29 4.89 5.90
N GLU A 1117 -72.96 4.49 4.81
CA GLU A 1117 -74.35 4.10 4.89
C GLU A 1117 -74.55 2.75 5.57
N GLN A 1118 -73.60 1.83 5.42
CA GLN A 1118 -73.63 0.58 6.18
C GLN A 1118 -73.63 0.85 7.68
N SER A 1119 -74.33 -0.02 8.43
CA SER A 1119 -74.24 0.04 9.88
C SER A 1119 -73.92 -1.31 10.50
N ASP A 1120 -73.60 -2.33 9.70
CA ASP A 1120 -73.13 -3.58 10.30
C ASP A 1120 -71.65 -3.39 10.66
N LYS A 1121 -71.31 -3.57 11.95
CA LYS A 1121 -69.92 -3.35 12.36
C LYS A 1121 -69.00 -4.38 11.75
N ALA A 1122 -69.52 -5.60 11.47
CA ALA A 1122 -68.74 -6.59 10.75
C ALA A 1122 -68.14 -6.00 9.47
N PHE A 1123 -68.88 -5.11 8.79
CA PHE A 1123 -68.30 -4.44 7.64
C PHE A 1123 -67.14 -3.54 8.05
N TYR A 1124 -67.39 -2.58 8.94
CA TYR A 1124 -66.37 -1.57 9.23
C TYR A 1124 -65.09 -2.21 9.76
N SER A 1125 -65.21 -3.13 10.72
CA SER A 1125 -64.06 -3.90 11.22
C SER A 1125 -63.26 -4.49 10.05
N SER A 1126 -63.95 -5.14 9.11
CA SER A 1126 -63.24 -5.79 8.01
C SER A 1126 -62.69 -4.76 7.02
N PHE A 1127 -63.35 -3.61 6.87
CA PHE A 1127 -62.80 -2.54 6.04
C PHE A 1127 -61.54 -1.95 6.65
N MET A 1128 -61.55 -1.74 7.96
CA MET A 1128 -60.36 -1.19 8.61
C MET A 1128 -59.21 -2.19 8.60
N ALA A 1129 -59.51 -3.49 8.68
CA ALA A 1129 -58.45 -4.50 8.60
C ALA A 1129 -57.79 -4.51 7.23
N LEU A 1130 -58.59 -4.40 6.17
CA LEU A 1130 -58.00 -4.35 4.84
C LEU A 1130 -57.14 -3.09 4.68
N MET A 1131 -57.62 -1.95 5.20
CA MET A 1131 -56.85 -0.72 5.09
C MET A 1131 -55.50 -0.86 5.76
N SER A 1132 -55.40 -1.64 6.85
CA SER A 1132 -54.12 -1.83 7.53
C SER A 1132 -53.19 -2.69 6.72
N LEU A 1133 -53.74 -3.62 5.94
CA LEU A 1133 -52.91 -4.45 5.09
C LEU A 1133 -52.34 -3.65 3.92
N MET A 1134 -53.14 -2.75 3.37
CA MET A 1134 -52.64 -1.97 2.23
C MET A 1134 -51.44 -1.13 2.63
N LEU A 1135 -51.45 -0.55 3.84
CA LEU A 1135 -50.41 0.34 4.30
C LEU A 1135 -49.25 -0.39 4.98
N GLN A 1136 -49.37 -1.70 5.17
CA GLN A 1136 -48.27 -2.47 5.74
C GLN A 1136 -47.27 -2.77 4.63
N MET A 1137 -46.27 -1.90 4.47
CA MET A 1137 -45.33 -1.99 3.36
C MET A 1137 -44.32 -3.10 3.56
N ARG A 1138 -43.92 -3.38 4.80
CA ARG A 1138 -43.00 -4.47 5.06
C ARG A 1138 -43.83 -5.70 5.38
N ASN A 1139 -43.70 -6.72 4.53
CA ASN A 1139 -44.40 -7.97 4.70
C ASN A 1139 -43.36 -9.04 4.89
N SER A 1140 -43.47 -9.80 5.97
CA SER A 1140 -42.69 -11.02 5.95
C SER A 1140 -43.06 -11.99 7.03
N ILE A 1141 -42.50 -13.17 6.85
CA ILE A 1141 -42.58 -14.27 7.78
C ILE A 1141 -41.30 -14.52 8.56
N THR A 1142 -41.47 -14.57 9.88
CA THR A 1142 -40.40 -14.87 10.79
C THR A 1142 -40.07 -16.35 10.70
N GLY A 1143 -38.80 -16.67 10.94
CA GLY A 1143 -38.27 -18.00 10.72
C GLY A 1143 -37.91 -18.26 9.27
N ARG A 1144 -38.90 -18.29 8.36
CA ARG A 1144 -38.59 -18.40 6.95
C ARG A 1144 -37.75 -17.19 6.54
N THR A 1145 -36.59 -17.46 5.96
CA THR A 1145 -35.61 -16.46 5.55
C THR A 1145 -35.86 -16.00 4.11
N ASP A 1146 -36.97 -16.47 3.51
CA ASP A 1146 -37.21 -16.33 2.08
C ASP A 1146 -37.73 -14.98 1.63
N VAL A 1147 -38.75 -14.47 2.30
CA VAL A 1147 -39.45 -13.27 1.89
C VAL A 1147 -39.18 -12.17 2.90
N ASP A 1148 -38.79 -11.01 2.38
CA ASP A 1148 -38.64 -9.79 3.17
C ASP A 1148 -38.99 -8.61 2.30
N PHE A 1149 -39.97 -8.79 1.42
CA PHE A 1149 -40.23 -7.80 0.39
C PHE A 1149 -40.90 -6.56 0.95
N LEU A 1150 -40.65 -5.45 0.26
CA LEU A 1150 -41.09 -4.11 0.63
C LEU A 1150 -41.89 -3.55 -0.53
N ILE A 1151 -43.18 -3.37 -0.34
CA ILE A 1151 -44.05 -2.96 -1.43
C ILE A 1151 -44.77 -1.71 -0.99
N SER A 1152 -45.10 -0.85 -1.95
CA SER A 1152 -45.69 0.43 -1.56
C SER A 1152 -47.07 0.60 -2.18
N PRO A 1153 -47.98 1.26 -1.46
CA PRO A 1153 -49.29 1.58 -2.04
C PRO A 1153 -49.34 2.85 -2.86
N VAL A 1154 -48.22 3.55 -3.02
CA VAL A 1154 -48.16 4.86 -3.64
C VAL A 1154 -47.43 4.74 -4.98
N LYS A 1155 -47.96 5.41 -6.01
CA LYS A 1155 -47.30 5.48 -7.30
C LYS A 1155 -46.20 6.54 -7.28
N ASN A 1156 -45.17 6.33 -8.11
CA ASN A 1156 -44.06 7.27 -8.23
C ASN A 1156 -44.23 8.18 -9.46
N SER A 1157 -43.23 9.06 -9.68
CA SER A 1157 -43.24 9.99 -10.82
C SER A 1157 -43.68 9.35 -12.15
N ASP A 1158 -43.11 8.20 -12.48
CA ASP A 1158 -43.43 7.43 -13.69
C ASP A 1158 -44.58 6.45 -13.49
N GLY A 1159 -45.25 6.50 -12.36
CA GLY A 1159 -46.54 5.83 -12.20
C GLY A 1159 -46.49 4.35 -11.91
N ILE A 1160 -45.39 3.87 -11.33
CA ILE A 1160 -45.18 2.45 -11.07
C ILE A 1160 -44.94 2.25 -9.57
N PHE A 1161 -45.45 1.14 -9.04
CA PHE A 1161 -45.30 0.86 -7.62
C PHE A 1161 -43.93 0.28 -7.36
N TYR A 1162 -43.45 0.49 -6.14
CA TYR A 1162 -42.11 0.07 -5.76
C TYR A 1162 -42.19 -1.36 -5.24
N ASP A 1163 -41.39 -2.24 -5.82
CA ASP A 1163 -41.35 -3.64 -5.36
C ASP A 1163 -39.91 -3.97 -5.03
N SER A 1164 -39.62 -4.25 -3.76
CA SER A 1164 -38.28 -4.69 -3.40
C SER A 1164 -37.82 -5.85 -4.29
N ARG A 1165 -38.74 -6.76 -4.62
CA ARG A 1165 -38.37 -7.96 -5.37
C ARG A 1165 -37.98 -7.64 -6.79
N ASN A 1166 -38.47 -6.53 -7.34
CA ASN A 1166 -37.97 -6.12 -8.65
C ASN A 1166 -36.48 -5.83 -8.60
N TYR A 1167 -35.94 -5.54 -7.43
CA TYR A 1167 -34.52 -5.20 -7.29
C TYR A 1167 -33.69 -6.31 -6.67
N GLU A 1168 -34.27 -7.13 -5.77
CA GLU A 1168 -33.57 -8.32 -5.27
C GLU A 1168 -33.00 -9.15 -6.41
N ALA A 1169 -33.72 -9.24 -7.53
CA ALA A 1169 -33.29 -10.09 -8.65
C ALA A 1169 -32.04 -9.53 -9.31
N GLN A 1170 -31.97 -8.20 -9.45
CA GLN A 1170 -30.85 -7.59 -10.16
C GLN A 1170 -29.57 -7.71 -9.34
N GLU A 1171 -28.44 -7.57 -10.02
CA GLU A 1171 -27.18 -7.46 -9.31
C GLU A 1171 -26.69 -6.02 -9.16
N ASN A 1172 -27.11 -5.09 -10.02
CA ASN A 1172 -26.74 -3.68 -9.86
C ASN A 1172 -28.00 -2.82 -9.69
N ALA A 1173 -28.68 -3.04 -8.55
CA ALA A 1173 -29.94 -2.39 -8.23
C ALA A 1173 -29.73 -0.96 -7.73
N ILE A 1174 -30.42 0.01 -8.37
CA ILE A 1174 -30.36 1.41 -7.96
C ILE A 1174 -31.30 1.76 -6.82
N LEU A 1175 -32.09 0.82 -6.32
CA LEU A 1175 -32.92 0.98 -5.14
C LEU A 1175 -32.72 -0.20 -4.20
N PRO A 1176 -33.09 -0.07 -2.92
CA PRO A 1176 -32.87 -1.18 -1.97
C PRO A 1176 -33.43 -2.49 -2.50
N LYS A 1177 -32.82 -3.60 -2.09
CA LYS A 1177 -33.25 -4.92 -2.54
C LYS A 1177 -34.18 -5.62 -1.55
N ASN A 1178 -34.37 -5.07 -0.35
CA ASN A 1178 -35.28 -5.61 0.65
C ASN A 1178 -35.32 -4.67 1.85
N ALA A 1179 -36.14 -4.98 2.86
CA ALA A 1179 -36.32 -4.05 3.97
C ALA A 1179 -35.01 -3.80 4.71
N ASP A 1180 -34.12 -4.80 4.79
CA ASP A 1180 -32.85 -4.57 5.46
C ASP A 1180 -31.99 -3.61 4.66
N ALA A 1181 -31.89 -3.83 3.35
CA ALA A 1181 -31.16 -2.88 2.53
C ALA A 1181 -31.77 -1.48 2.64
N ASN A 1182 -33.11 -1.42 2.61
CA ASN A 1182 -33.79 -0.13 2.76
C ASN A 1182 -33.36 0.57 4.04
N GLY A 1183 -33.26 -0.16 5.15
CA GLY A 1183 -32.81 0.48 6.38
C GLY A 1183 -31.45 1.10 6.21
N ALA A 1184 -30.44 0.29 5.84
CA ALA A 1184 -29.07 0.78 5.69
C ALA A 1184 -29.00 1.99 4.79
N TYR A 1185 -29.60 1.88 3.61
CA TYR A 1185 -29.69 2.99 2.67
C TYR A 1185 -30.11 4.26 3.39
N ASN A 1186 -31.26 4.20 4.09
CA ASN A 1186 -31.82 5.38 4.72
C ASN A 1186 -31.04 5.80 5.95
N ILE A 1187 -30.41 4.85 6.63
CA ILE A 1187 -29.45 5.24 7.66
C ILE A 1187 -28.36 6.11 7.05
N ALA A 1188 -27.87 5.72 5.87
CA ALA A 1188 -26.88 6.55 5.21
C ALA A 1188 -27.49 7.89 4.80
N ARG A 1189 -28.77 7.88 4.39
CA ARG A 1189 -29.35 9.10 3.87
C ARG A 1189 -29.48 10.17 4.96
N LYS A 1190 -29.85 9.76 6.17
CA LYS A 1190 -29.89 10.74 7.26
C LYS A 1190 -28.52 11.37 7.49
N VAL A 1191 -27.43 10.64 7.30
CA VAL A 1191 -26.11 11.27 7.44
C VAL A 1191 -25.83 12.20 6.27
N LEU A 1192 -26.24 11.80 5.06
CA LEU A 1192 -26.19 12.73 3.94
C LEU A 1192 -26.92 14.03 4.31
N TRP A 1193 -28.13 13.91 4.84
CA TRP A 1193 -28.85 15.09 5.28
C TRP A 1193 -28.02 15.92 6.24
N ALA A 1194 -27.43 15.26 7.24
CA ALA A 1194 -26.54 15.96 8.17
C ALA A 1194 -25.47 16.75 7.43
N ILE A 1195 -24.76 16.07 6.51
CA ILE A 1195 -23.72 16.71 5.71
C ILE A 1195 -24.29 17.96 5.05
N GLY A 1196 -25.57 17.92 4.66
CA GLY A 1196 -26.20 19.09 4.06
C GLY A 1196 -26.19 20.28 5.02
N GLN A 1197 -26.64 20.07 6.24
CA GLN A 1197 -26.53 21.06 7.31
C GLN A 1197 -25.11 21.60 7.43
N PHE A 1198 -24.12 20.71 7.45
CA PHE A 1198 -22.73 21.15 7.51
C PHE A 1198 -22.43 22.12 6.39
N LYS A 1199 -23.02 21.89 5.22
CA LYS A 1199 -22.72 22.77 4.11
C LYS A 1199 -23.43 24.10 4.23
N LYS A 1200 -24.45 24.19 5.10
CA LYS A 1200 -25.21 25.42 5.34
C LYS A 1200 -24.68 26.26 6.50
N ALA A 1201 -23.73 25.75 7.28
CA ALA A 1201 -23.12 26.47 8.38
C ALA A 1201 -21.77 26.98 7.95
N GLU A 1202 -21.34 28.09 8.57
CA GLU A 1202 -19.98 28.58 8.35
C GLU A 1202 -19.00 27.80 9.21
N ASP A 1203 -17.75 27.69 8.74
CA ASP A 1203 -16.80 26.78 9.38
C ASP A 1203 -16.73 26.99 10.89
N GLU A 1204 -16.71 28.24 11.32
CA GLU A 1204 -16.58 28.59 12.72
C GLU A 1204 -17.78 28.11 13.54
N LYS A 1205 -18.88 27.74 12.89
CA LYS A 1205 -20.08 27.28 13.58
C LYS A 1205 -20.33 25.79 13.39
N LEU A 1206 -19.43 25.07 12.72
CA LEU A 1206 -19.71 23.68 12.36
C LEU A 1206 -19.93 22.81 13.58
N ASP A 1207 -19.11 22.99 14.64
CA ASP A 1207 -19.19 22.14 15.82
C ASP A 1207 -20.44 22.40 16.66
N LYS A 1208 -21.38 23.22 16.17
CA LYS A 1208 -22.67 23.42 16.83
C LYS A 1208 -23.87 22.94 16.01
N VAL A 1209 -23.64 22.39 14.81
CA VAL A 1209 -24.73 21.95 13.94
C VAL A 1209 -25.42 20.71 14.50
N LYS A 1210 -26.77 20.70 14.45
CA LYS A 1210 -27.53 19.56 14.95
C LYS A 1210 -27.55 18.48 13.88
N ILE A 1211 -26.92 17.32 14.15
CA ILE A 1211 -26.97 16.18 13.25
C ILE A 1211 -28.13 15.26 13.59
N ALA A 1212 -28.96 15.62 14.57
CA ALA A 1212 -30.13 14.86 15.01
C ALA A 1212 -31.31 15.14 14.08
N ILE A 1213 -31.49 14.28 13.08
CA ILE A 1213 -32.57 14.48 12.11
C ILE A 1213 -33.93 14.36 12.82
N SER A 1214 -34.74 15.41 12.70
CA SER A 1214 -36.12 15.30 13.18
C SER A 1214 -36.93 14.41 12.26
N ASN A 1215 -37.97 13.77 12.82
CA ASN A 1215 -38.88 13.01 11.97
C ASN A 1215 -39.52 13.90 10.91
N LYS A 1216 -39.76 15.17 11.24
CA LYS A 1216 -40.36 16.07 10.25
C LYS A 1216 -39.35 16.47 9.18
N GLU A 1217 -38.08 16.64 9.56
CA GLU A 1217 -37.04 16.92 8.58
C GLU A 1217 -36.75 15.72 7.69
N TRP A 1218 -36.67 14.52 8.31
CA TRP A 1218 -36.40 13.31 7.56
C TRP A 1218 -37.40 13.11 6.44
N LEU A 1219 -38.70 13.17 6.78
CA LEU A 1219 -39.72 12.96 5.76
C LEU A 1219 -39.57 13.97 4.63
N GLU A 1220 -39.38 15.24 4.97
CA GLU A 1220 -39.15 16.27 3.95
C GLU A 1220 -37.95 15.91 3.09
N TYR A 1221 -36.86 15.48 3.72
CA TYR A 1221 -35.68 15.15 2.93
C TYR A 1221 -35.97 13.97 2.01
N ALA A 1222 -36.57 12.91 2.58
CA ALA A 1222 -36.88 11.69 1.82
C ALA A 1222 -37.95 11.94 0.77
N GLN A 1223 -38.92 12.81 1.06
CA GLN A 1223 -39.96 13.10 0.08
C GLN A 1223 -39.51 14.10 -1.00
N THR A 1224 -38.41 14.85 -0.78
CA THR A 1224 -37.95 15.82 -1.78
C THR A 1224 -36.75 15.38 -2.59
N SER A 1225 -35.91 14.56 -2.02
CA SER A 1225 -34.65 14.26 -2.67
C SER A 1225 -34.82 13.27 -3.85
N VAL A 1226 -35.95 12.55 -3.99
CA VAL A 1226 -36.09 11.77 -5.23
C VAL A 1226 -36.96 12.47 -6.29
N MET E 1 -10.86 11.59 -4.82
CA MET E 1 -10.36 12.64 -3.89
C MET E 1 -8.97 13.24 -4.23
N SER E 2 -7.96 12.44 -4.55
CA SER E 2 -6.70 12.99 -5.05
C SER E 2 -6.76 13.17 -6.56
N LYS E 3 -5.93 14.09 -7.07
CA LYS E 3 -5.89 14.29 -8.51
C LYS E 3 -5.47 13.02 -9.22
N LEU E 4 -4.50 12.31 -8.63
CA LEU E 4 -4.02 11.06 -9.21
C LEU E 4 -5.16 10.09 -9.54
N GLU E 5 -6.15 9.98 -8.65
CA GLU E 5 -7.10 8.87 -8.72
C GLU E 5 -8.02 8.93 -9.93
N LYS E 6 -8.04 10.06 -10.65
CA LYS E 6 -8.85 10.08 -11.87
C LYS E 6 -8.20 9.28 -13.01
N PHE E 7 -6.88 9.15 -13.01
CA PHE E 7 -6.17 8.61 -14.16
C PHE E 7 -5.91 7.10 -14.07
N THR E 8 -6.98 6.31 -14.01
CA THR E 8 -6.88 4.85 -14.15
C THR E 8 -7.85 4.35 -15.21
N ASN E 9 -7.40 3.33 -15.98
CA ASN E 9 -8.22 2.69 -17.01
C ASN E 9 -8.45 3.64 -18.20
N CYS E 10 -7.39 4.33 -18.64
CA CYS E 10 -7.53 5.39 -19.63
C CYS E 10 -7.30 4.92 -21.06
N TYR E 11 -6.31 4.03 -21.24
CA TYR E 11 -5.95 3.51 -22.55
C TYR E 11 -5.15 2.22 -22.38
N SER E 12 -5.10 1.45 -23.46
CA SER E 12 -4.45 0.16 -23.46
C SER E 12 -3.00 0.31 -23.90
N LEU E 13 -2.13 -0.52 -23.34
CA LEU E 13 -0.74 -0.55 -23.73
C LEU E 13 -0.28 -1.99 -23.69
N SER E 14 0.80 -2.31 -24.40
CA SER E 14 1.27 -3.69 -24.49
C SER E 14 2.62 -3.83 -23.81
N LYS E 15 2.84 -5.02 -23.23
CA LYS E 15 4.12 -5.30 -22.60
C LYS E 15 4.46 -6.77 -22.77
N THR E 16 5.76 -7.02 -22.74
CA THR E 16 6.29 -8.37 -22.81
C THR E 16 6.91 -8.74 -21.46
N LEU E 17 6.52 -9.92 -20.94
CA LEU E 17 7.10 -10.49 -19.74
C LEU E 17 8.15 -11.52 -20.17
N ARG E 18 9.32 -11.47 -19.55
CA ARG E 18 10.38 -12.41 -19.90
C ARG E 18 10.62 -13.39 -18.77
N PHE E 19 10.77 -14.67 -19.15
CA PHE E 19 11.02 -15.74 -18.20
C PHE E 19 12.03 -16.72 -18.75
N LYS E 20 12.83 -17.26 -17.83
CA LYS E 20 13.54 -18.50 -18.08
C LYS E 20 12.53 -19.62 -18.15
N ALA E 21 12.84 -20.64 -18.96
CA ALA E 21 11.99 -21.81 -19.10
C ALA E 21 12.85 -23.05 -18.88
N ILE E 22 12.55 -23.80 -17.84
CA ILE E 22 13.41 -24.89 -17.36
C ILE E 22 12.83 -26.21 -17.76
N PRO E 23 13.57 -27.06 -18.48
CA PRO E 23 13.07 -28.38 -18.86
C PRO E 23 12.76 -29.22 -17.63
N VAL E 24 11.67 -29.98 -17.72
CA VAL E 24 11.21 -30.86 -16.65
C VAL E 24 11.48 -32.30 -17.08
N GLY E 25 12.09 -33.09 -16.19
CA GLY E 25 12.23 -34.50 -16.47
C GLY E 25 13.04 -34.74 -17.74
N LYS E 26 12.56 -35.65 -18.58
CA LYS E 26 13.36 -36.11 -19.70
C LYS E 26 13.13 -35.31 -20.98
N THR E 27 12.69 -34.04 -20.90
CA THR E 27 12.45 -33.32 -22.16
C THR E 27 13.76 -32.86 -22.78
N GLN E 28 14.78 -32.49 -21.96
CA GLN E 28 16.03 -32.11 -22.61
C GLN E 28 16.70 -33.32 -23.27
N GLU E 29 16.58 -34.50 -22.63
CA GLU E 29 17.08 -35.72 -23.26
C GLU E 29 16.37 -35.96 -24.58
N ASN E 30 15.05 -35.91 -24.57
CA ASN E 30 14.29 -36.13 -25.79
C ASN E 30 14.61 -35.05 -26.82
N ILE E 31 14.62 -33.79 -26.39
CA ILE E 31 14.95 -32.68 -27.30
C ILE E 31 16.31 -32.95 -27.93
N ASP E 32 17.28 -33.39 -27.15
CA ASP E 32 18.58 -33.70 -27.72
C ASP E 32 18.52 -34.90 -28.66
N ASN E 33 17.84 -35.98 -28.22
CA ASN E 33 17.82 -37.22 -29.00
C ASN E 33 17.15 -37.02 -30.35
N LYS E 34 16.17 -36.14 -30.40
CA LYS E 34 15.54 -35.82 -31.65
C LYS E 34 16.26 -34.70 -32.37
N ARG E 35 17.42 -34.28 -31.84
CA ARG E 35 18.24 -33.24 -32.48
C ARG E 35 17.42 -32.04 -32.96
N LEU E 36 16.40 -31.64 -32.19
CA LEU E 36 15.50 -30.57 -32.60
C LEU E 36 16.19 -29.22 -32.60
N LEU E 37 17.13 -29.00 -31.67
CA LEU E 37 17.66 -27.65 -31.48
C LEU E 37 18.58 -27.25 -32.62
N VAL E 38 19.41 -28.20 -33.12
CA VAL E 38 20.24 -27.88 -34.27
C VAL E 38 19.39 -27.46 -35.48
N GLU E 39 18.25 -28.12 -35.70
CA GLU E 39 17.43 -27.75 -36.85
C GLU E 39 16.93 -26.31 -36.72
N ASP E 40 16.56 -25.91 -35.49
CA ASP E 40 16.10 -24.55 -35.27
C ASP E 40 17.26 -23.57 -35.38
N GLU E 41 18.45 -23.98 -34.93
CA GLU E 41 19.64 -23.13 -35.03
C GLU E 41 20.02 -22.89 -36.48
N LYS E 42 19.91 -23.92 -37.33
CA LYS E 42 20.18 -23.74 -38.75
C LYS E 42 19.09 -22.90 -39.41
N ARG E 43 17.83 -23.24 -39.16
CA ARG E 43 16.70 -22.48 -39.69
C ARG E 43 16.90 -21.00 -39.46
N ALA E 44 17.40 -20.64 -38.27
CA ALA E 44 17.64 -19.24 -37.94
C ALA E 44 18.60 -18.59 -38.93
N GLU E 45 19.68 -19.29 -39.29
CA GLU E 45 20.66 -18.71 -40.20
C GLU E 45 20.22 -18.81 -41.65
N ASP E 46 19.54 -19.91 -42.01
CA ASP E 46 18.91 -19.99 -43.33
C ASP E 46 17.91 -18.86 -43.53
N TYR E 47 17.00 -18.66 -42.58
CA TYR E 47 16.05 -17.55 -42.59
C TYR E 47 16.69 -16.21 -42.97
N LYS E 48 17.77 -15.84 -42.25
CA LYS E 48 18.48 -14.61 -42.57
C LYS E 48 18.90 -14.62 -44.04
N GLY E 49 19.42 -15.75 -44.50
CA GLY E 49 19.87 -15.83 -45.88
C GLY E 49 18.74 -15.64 -46.87
N VAL E 50 17.60 -16.30 -46.64
CA VAL E 50 16.49 -16.20 -47.58
C VAL E 50 15.90 -14.80 -47.54
N LYS E 51 15.83 -14.18 -46.37
CA LYS E 51 15.38 -12.79 -46.33
C LYS E 51 16.25 -11.91 -47.24
N LYS E 52 17.57 -12.06 -47.12
CA LYS E 52 18.45 -11.32 -48.03
C LYS E 52 18.15 -11.67 -49.48
N LEU E 53 17.78 -12.91 -49.76
CA LEU E 53 17.42 -13.28 -51.14
C LEU E 53 16.11 -12.61 -51.58
N LEU E 54 15.05 -12.66 -50.76
CA LEU E 54 13.82 -11.93 -51.12
C LEU E 54 14.09 -10.44 -51.28
N ASP E 55 14.93 -9.88 -50.41
CA ASP E 55 15.22 -8.45 -50.47
C ASP E 55 15.83 -8.08 -51.81
N ARG E 56 16.71 -8.95 -52.32
CA ARG E 56 17.21 -8.79 -53.69
C ARG E 56 16.06 -8.73 -54.69
N TYR E 57 15.09 -9.63 -54.58
CA TYR E 57 13.94 -9.58 -55.48
C TYR E 57 13.11 -8.32 -55.28
N TYR E 58 12.77 -8.00 -54.02
CA TYR E 58 12.00 -6.81 -53.72
C TYR E 58 12.69 -5.55 -54.23
N LEU E 59 14.02 -5.47 -54.07
CA LEU E 59 14.71 -4.27 -54.53
C LEU E 59 14.58 -4.14 -56.04
N SER E 60 14.70 -5.26 -56.77
CA SER E 60 14.54 -5.23 -58.22
C SER E 60 13.14 -4.78 -58.62
N PHE E 61 12.12 -5.26 -57.90
CA PHE E 61 10.74 -4.83 -58.15
C PHE E 61 10.57 -3.32 -57.94
N ILE E 62 11.05 -2.80 -56.80
CA ILE E 62 10.95 -1.37 -56.52
C ILE E 62 11.54 -0.56 -57.67
N ASN E 63 12.78 -0.89 -58.04
CA ASN E 63 13.48 -0.12 -59.05
C ASN E 63 12.73 -0.16 -60.37
N ASP E 64 12.29 -1.35 -60.78
CA ASP E 64 11.61 -1.46 -62.06
C ASP E 64 10.39 -0.54 -62.11
N VAL E 65 9.63 -0.49 -61.01
CA VAL E 65 8.52 0.46 -60.93
C VAL E 65 9.02 1.90 -60.82
N LEU E 66 10.02 2.14 -59.98
CA LEU E 66 10.43 3.51 -59.72
C LEU E 66 11.05 4.18 -60.94
N HIS E 67 11.84 3.45 -61.74
CA HIS E 67 12.36 4.02 -62.99
C HIS E 67 11.22 4.36 -63.94
N SER E 68 10.24 3.46 -64.04
CA SER E 68 9.05 3.64 -64.86
C SER E 68 8.24 4.88 -64.47
N ILE E 69 8.25 5.29 -63.21
CA ILE E 69 7.28 6.29 -62.79
C ILE E 69 7.63 7.64 -63.38
N LYS E 70 6.62 8.31 -63.93
CA LYS E 70 6.64 9.75 -64.06
C LYS E 70 5.40 10.30 -63.36
N LEU E 71 5.62 11.19 -62.38
CA LEU E 71 4.55 11.62 -61.52
C LEU E 71 3.91 12.86 -62.13
N LYS E 72 2.60 12.79 -62.37
CA LYS E 72 1.94 13.92 -62.98
C LYS E 72 1.47 14.90 -61.90
N ASN E 73 1.28 16.16 -62.31
CA ASN E 73 1.00 17.27 -61.40
C ASN E 73 2.09 17.43 -60.36
N LEU E 74 3.29 17.00 -60.72
CA LEU E 74 4.47 17.32 -59.95
C LEU E 74 4.73 18.82 -59.96
N ASN E 75 4.86 19.41 -61.15
CA ASN E 75 5.23 20.82 -61.22
C ASN E 75 4.23 21.72 -60.51
N ASN E 76 2.95 21.34 -60.46
CA ASN E 76 1.98 22.19 -59.79
C ASN E 76 2.08 22.02 -58.27
N TYR E 77 2.39 20.80 -57.80
CA TYR E 77 2.66 20.64 -56.37
C TYR E 77 3.81 21.54 -55.92
N ILE E 78 4.87 21.64 -56.73
CA ILE E 78 5.97 22.53 -56.38
C ILE E 78 5.55 23.97 -56.56
N SER E 79 4.79 24.26 -57.62
CA SER E 79 4.28 25.60 -57.84
C SER E 79 3.51 26.07 -56.62
N LEU E 80 2.56 25.26 -56.14
CA LEU E 80 1.81 25.61 -54.94
C LEU E 80 2.69 25.59 -53.69
N PHE E 81 3.63 24.65 -53.60
CA PHE E 81 4.48 24.56 -52.42
C PHE E 81 5.32 25.81 -52.29
N ARG E 82 5.84 26.31 -53.42
CA ARG E 82 6.79 27.41 -53.39
C ARG E 82 6.15 28.72 -52.96
N LYS E 83 4.83 28.79 -53.00
CA LYS E 83 4.07 29.91 -52.45
C LYS E 83 4.62 30.29 -51.07
N LYS E 84 5.10 31.54 -50.93
CA LYS E 84 5.39 32.02 -49.58
C LYS E 84 4.10 32.33 -48.83
N THR E 85 3.16 33.00 -49.48
CA THR E 85 1.84 33.22 -48.90
C THR E 85 0.84 32.37 -49.67
N ARG E 86 0.24 31.41 -48.97
CA ARG E 86 -0.75 30.58 -49.62
C ARG E 86 -1.91 30.50 -48.67
N THR E 87 -3.09 30.78 -49.24
CA THR E 87 -4.33 30.89 -48.51
C THR E 87 -4.64 29.58 -47.77
N GLU E 88 -5.41 29.72 -46.68
CA GLU E 88 -5.94 28.57 -45.95
C GLU E 88 -6.77 27.67 -46.86
N LYS E 89 -7.52 28.27 -47.80
CA LYS E 89 -7.93 27.62 -49.05
C LYS E 89 -6.83 26.63 -49.48
N GLU E 90 -5.76 27.19 -50.08
CA GLU E 90 -4.80 26.39 -50.84
C GLU E 90 -3.81 25.64 -49.94
N ASN E 91 -3.76 25.94 -48.64
CA ASN E 91 -2.86 25.21 -47.77
C ASN E 91 -3.25 23.74 -47.70
N LYS E 92 -4.56 23.46 -47.64
CA LYS E 92 -5.08 22.10 -47.72
C LYS E 92 -5.54 21.73 -49.10
N GLU E 93 -5.54 22.67 -50.06
CA GLU E 93 -5.75 22.24 -51.44
C GLU E 93 -4.48 21.54 -51.88
N LEU E 94 -3.33 21.99 -51.35
CA LEU E 94 -2.01 21.41 -51.62
C LEU E 94 -1.77 20.10 -50.88
N GLU E 95 -2.07 20.06 -49.58
CA GLU E 95 -1.82 18.83 -48.82
C GLU E 95 -2.66 17.69 -49.38
N ASN E 96 -3.75 18.02 -50.09
CA ASN E 96 -4.48 16.99 -50.82
C ASN E 96 -3.69 16.53 -52.04
N LEU E 97 -2.88 17.42 -52.62
CA LEU E 97 -1.98 17.03 -53.70
C LEU E 97 -0.83 16.17 -53.18
N GLU E 98 -0.31 16.48 -51.99
CA GLU E 98 0.66 15.59 -51.36
C GLU E 98 0.08 14.19 -51.22
N ILE E 99 -1.18 14.09 -50.78
CA ILE E 99 -1.84 12.80 -50.64
C ILE E 99 -1.93 12.07 -51.97
N ASN E 100 -2.28 12.79 -53.05
CA ASN E 100 -2.46 12.16 -54.36
C ASN E 100 -1.12 11.72 -54.94
N LEU E 101 -0.06 12.48 -54.69
CA LEU E 101 1.28 12.11 -55.15
C LEU E 101 1.74 10.81 -54.52
N ARG E 102 1.55 10.68 -53.20
CA ARG E 102 1.89 9.42 -52.56
C ARG E 102 1.03 8.29 -53.11
N LYS E 103 -0.26 8.57 -53.33
CA LYS E 103 -1.18 7.56 -53.87
C LYS E 103 -0.73 7.08 -55.24
N GLU E 104 -0.14 7.96 -56.05
CA GLU E 104 0.33 7.56 -57.37
C GLU E 104 1.47 6.56 -57.27
N ILE E 105 2.41 6.80 -56.34
CA ILE E 105 3.52 5.88 -56.15
C ILE E 105 3.03 4.53 -55.68
N ALA E 106 2.08 4.51 -54.74
CA ALA E 106 1.52 3.25 -54.29
C ALA E 106 0.79 2.53 -55.42
N LYS E 107 -0.03 3.26 -56.18
CA LYS E 107 -0.77 2.64 -57.28
C LYS E 107 0.17 2.09 -58.35
N ALA E 108 1.34 2.70 -58.54
CA ALA E 108 2.30 2.13 -59.48
C ALA E 108 2.77 0.75 -59.03
N PHE E 109 3.03 0.61 -57.72
CA PHE E 109 3.47 -0.66 -57.14
C PHE E 109 2.37 -1.72 -57.20
N LYS E 110 1.24 -1.44 -56.53
CA LYS E 110 0.15 -2.40 -56.44
C LYS E 110 -0.51 -2.61 -57.78
N GLY E 111 -0.31 -1.69 -58.72
CA GLY E 111 -0.78 -1.92 -60.06
C GLY E 111 0.02 -2.98 -60.77
N ASN E 112 1.27 -3.19 -60.36
CA ASN E 112 2.10 -4.17 -61.06
C ASN E 112 1.56 -5.59 -60.91
N GLU E 113 2.03 -6.43 -61.83
CA GLU E 113 1.67 -7.85 -61.90
C GLU E 113 2.02 -8.64 -60.64
N GLY E 114 3.19 -8.35 -60.03
CA GLY E 114 3.71 -9.15 -58.93
C GLY E 114 3.10 -8.88 -57.56
N TYR E 115 2.45 -7.71 -57.38
CA TYR E 115 2.15 -7.23 -56.03
C TYR E 115 1.39 -8.27 -55.21
N LYS E 116 0.58 -9.12 -55.86
CA LYS E 116 -0.29 -10.01 -55.12
C LYS E 116 0.48 -11.09 -54.35
N SER E 117 1.54 -11.63 -54.93
CA SER E 117 2.24 -12.74 -54.30
C SER E 117 3.52 -12.33 -53.61
N LEU E 118 3.77 -11.03 -53.48
CA LEU E 118 4.96 -10.55 -52.80
C LEU E 118 4.97 -10.93 -51.33
N PHE E 119 3.80 -11.15 -50.75
CA PHE E 119 3.65 -11.47 -49.33
C PHE E 119 2.71 -12.68 -49.15
N LYS E 120 2.86 -13.66 -50.04
CA LYS E 120 2.12 -14.92 -50.02
C LYS E 120 3.07 -16.05 -50.39
N LYS E 121 2.61 -17.30 -50.21
CA LYS E 121 3.52 -18.44 -50.30
C LYS E 121 4.17 -18.59 -51.66
N ASP E 122 3.62 -17.97 -52.70
CA ASP E 122 4.12 -18.20 -54.05
C ASP E 122 5.49 -17.55 -54.27
N ILE E 123 5.80 -16.46 -53.54
CA ILE E 123 7.12 -15.86 -53.67
C ILE E 123 8.19 -16.84 -53.23
N ILE E 124 7.91 -17.65 -52.22
CA ILE E 124 8.89 -18.64 -51.79
C ILE E 124 8.88 -19.85 -52.71
N GLU E 125 7.69 -20.34 -53.06
CA GLU E 125 7.60 -21.60 -53.79
C GLU E 125 7.93 -21.43 -55.26
N THR E 126 7.50 -20.31 -55.86
CA THR E 126 7.60 -20.11 -57.30
C THR E 126 8.38 -18.85 -57.70
N ILE E 127 7.97 -17.66 -57.25
CA ILE E 127 8.48 -16.43 -57.86
C ILE E 127 9.97 -16.28 -57.63
N LEU E 128 10.41 -16.28 -56.37
CA LEU E 128 11.83 -16.10 -56.11
C LEU E 128 12.68 -17.16 -56.78
N PRO E 129 12.32 -18.45 -56.76
CA PRO E 129 13.21 -19.44 -57.42
C PRO E 129 13.46 -19.13 -58.87
N GLU E 130 12.42 -18.75 -59.63
CA GLU E 130 12.62 -18.39 -61.03
C GLU E 130 13.50 -17.15 -61.17
N PHE E 131 13.35 -16.18 -60.28
CA PHE E 131 14.13 -14.96 -60.38
C PHE E 131 15.61 -15.27 -60.18
N LEU E 132 15.96 -16.07 -59.17
CA LEU E 132 17.36 -16.45 -59.00
C LEU E 132 17.68 -17.62 -59.90
N ASP E 133 18.93 -17.77 -60.26
CA ASP E 133 19.28 -18.99 -60.97
C ASP E 133 20.37 -19.85 -60.30
N ASP E 134 21.20 -19.32 -59.39
CA ASP E 134 22.18 -20.16 -58.71
C ASP E 134 21.46 -21.33 -58.03
N LYS E 135 21.93 -22.57 -58.29
CA LYS E 135 21.24 -23.75 -57.79
C LYS E 135 21.27 -23.84 -56.27
N ASP E 136 22.36 -23.40 -55.62
CA ASP E 136 22.38 -23.42 -54.17
C ASP E 136 21.34 -22.48 -53.59
N GLU E 137 21.29 -21.25 -54.13
CA GLU E 137 20.34 -20.26 -53.62
C GLU E 137 18.91 -20.78 -53.69
N ILE E 138 18.56 -21.49 -54.76
CA ILE E 138 17.20 -21.99 -54.85
C ILE E 138 16.99 -23.11 -53.84
N ALA E 139 18.05 -23.89 -53.55
CA ALA E 139 17.94 -24.92 -52.53
C ALA E 139 17.57 -24.31 -51.20
N LEU E 140 18.19 -23.17 -50.86
CA LEU E 140 17.89 -22.48 -49.62
C LEU E 140 16.42 -22.05 -49.57
N VAL E 141 15.92 -21.45 -50.65
CA VAL E 141 14.54 -20.95 -50.63
C VAL E 141 13.56 -22.08 -50.38
N ASN E 142 13.72 -23.19 -51.10
CA ASN E 142 12.77 -24.30 -51.04
C ASN E 142 12.77 -25.01 -49.70
N SER E 143 13.84 -24.88 -48.90
CA SER E 143 13.81 -25.51 -47.58
C SER E 143 12.77 -24.88 -46.68
N PHE E 144 12.09 -23.85 -47.16
CA PHE E 144 10.96 -23.26 -46.47
C PHE E 144 9.63 -23.63 -47.11
N ASN E 145 9.62 -24.65 -47.98
CA ASN E 145 8.43 -24.90 -48.77
C ASN E 145 7.24 -25.26 -47.89
N GLY E 146 7.47 -25.92 -46.77
CA GLY E 146 6.35 -26.11 -45.88
C GLY E 146 6.12 -25.02 -44.86
N PHE E 147 6.92 -23.97 -44.90
CA PHE E 147 7.12 -23.10 -43.76
C PHE E 147 6.84 -21.62 -44.04
N THR E 148 6.20 -21.28 -45.18
CA THR E 148 6.11 -19.86 -45.52
C THR E 148 5.45 -19.06 -44.39
N THR E 149 4.46 -19.65 -43.69
CA THR E 149 3.82 -18.95 -42.58
C THR E 149 4.84 -18.32 -41.65
N ALA E 150 6.03 -18.91 -41.52
CA ALA E 150 7.08 -18.35 -40.66
C ALA E 150 7.47 -16.93 -41.06
N PHE E 151 7.29 -16.56 -42.34
CA PHE E 151 7.63 -15.25 -42.88
C PHE E 151 6.55 -14.17 -42.67
N THR E 152 5.47 -14.44 -41.91
CA THR E 152 4.37 -13.49 -41.91
C THR E 152 4.81 -12.16 -41.33
N GLY E 153 5.76 -12.16 -40.39
CA GLY E 153 6.30 -10.93 -39.84
C GLY E 153 7.05 -10.09 -40.86
N PHE E 154 8.09 -10.70 -41.43
CA PHE E 154 8.89 -10.06 -42.46
C PHE E 154 8.00 -9.49 -43.55
N PHE E 155 6.98 -10.26 -43.97
CA PHE E 155 6.06 -9.80 -45.02
C PHE E 155 5.27 -8.60 -44.58
N ASP E 156 4.97 -8.50 -43.28
CA ASP E 156 4.33 -7.31 -42.80
C ASP E 156 5.29 -6.15 -42.86
N ASN E 157 6.57 -6.39 -42.53
CA ASN E 157 7.57 -5.32 -42.60
C ASN E 157 7.75 -4.80 -44.01
N ARG E 158 7.54 -5.62 -45.01
CA ARG E 158 7.72 -5.19 -46.37
C ARG E 158 6.48 -4.50 -46.93
N GLU E 159 5.27 -4.93 -46.54
CA GLU E 159 4.10 -4.18 -46.98
C GLU E 159 4.16 -2.71 -46.57
N ASN E 160 4.85 -2.40 -45.47
CA ASN E 160 4.92 -1.01 -45.04
C ASN E 160 5.67 -0.16 -46.06
N MET E 161 6.60 -0.77 -46.81
CA MET E 161 7.29 -0.03 -47.85
C MET E 161 6.34 0.44 -48.93
N PHE E 162 5.31 -0.35 -49.23
CA PHE E 162 4.40 -0.01 -50.31
C PHE E 162 3.13 0.73 -49.85
N SER E 163 3.07 1.17 -48.60
CA SER E 163 1.91 1.92 -48.16
C SER E 163 1.93 3.32 -48.76
N GLU E 164 0.75 3.89 -48.92
CA GLU E 164 0.59 5.25 -49.38
C GLU E 164 0.55 6.26 -48.24
N GLU E 165 0.51 5.82 -47.00
CA GLU E 165 0.30 6.77 -45.92
C GLU E 165 1.63 7.36 -45.45
N ALA E 166 1.52 8.39 -44.62
CA ALA E 166 2.67 9.17 -44.17
C ALA E 166 3.37 8.50 -42.99
N LYS E 167 4.05 7.40 -43.30
CA LYS E 167 4.78 6.62 -42.31
C LYS E 167 6.25 6.55 -42.71
N SER E 168 7.15 6.66 -41.72
CA SER E 168 8.59 6.51 -41.91
C SER E 168 8.95 5.35 -42.83
N THR E 169 8.24 4.24 -42.70
CA THR E 169 8.57 3.02 -43.41
C THR E 169 8.13 3.04 -44.87
N SER E 170 7.20 3.91 -45.24
CA SER E 170 6.66 3.91 -46.59
C SER E 170 7.66 4.45 -47.59
N ILE E 171 7.70 3.82 -48.78
CA ILE E 171 8.49 4.33 -49.90
C ILE E 171 7.95 5.68 -50.35
N ALA E 172 6.62 5.75 -50.53
CA ALA E 172 6.01 7.01 -50.95
C ALA E 172 6.32 8.13 -49.97
N PHE E 173 6.32 7.84 -48.67
CA PHE E 173 6.70 8.86 -47.69
C PHE E 173 8.16 9.30 -47.85
N ARG E 174 9.05 8.37 -48.22
CA ARG E 174 10.43 8.75 -48.46
C ARG E 174 10.55 9.67 -49.66
N CYS E 175 9.85 9.36 -50.75
CA CYS E 175 9.97 10.19 -51.95
C CYS E 175 9.37 11.57 -51.74
N ILE E 176 8.16 11.63 -51.22
CA ILE E 176 7.32 12.83 -51.30
C ILE E 176 7.46 13.70 -50.07
N ASN E 177 7.18 13.13 -48.89
CA ASN E 177 7.29 13.93 -47.68
C ASN E 177 8.75 14.32 -47.40
N GLU E 178 9.69 13.42 -47.65
CA GLU E 178 11.09 13.66 -47.25
C GLU E 178 11.97 14.17 -48.38
N ASN E 179 12.12 13.40 -49.46
CA ASN E 179 13.12 13.78 -50.46
C ASN E 179 12.65 14.87 -51.41
N LEU E 180 11.37 14.89 -51.76
CA LEU E 180 10.87 15.92 -52.67
C LEU E 180 10.95 17.31 -52.04
N THR E 181 10.66 17.42 -50.74
CA THR E 181 10.78 18.73 -50.10
C THR E 181 12.22 19.18 -50.07
N ARG E 182 13.15 18.27 -49.83
CA ARG E 182 14.57 18.62 -49.86
C ARG E 182 15.01 19.03 -51.26
N TYR E 183 14.44 18.40 -52.28
CA TYR E 183 14.74 18.76 -53.67
C TYR E 183 14.33 20.20 -53.94
N ILE E 184 13.20 20.63 -53.35
CA ILE E 184 12.67 21.99 -53.49
C ILE E 184 13.44 22.98 -52.62
N SER E 185 13.88 22.57 -51.44
CA SER E 185 14.77 23.42 -50.66
C SER E 185 16.06 23.72 -51.41
N ASN E 186 16.58 22.73 -52.13
CA ASN E 186 17.77 22.95 -52.96
C ASN E 186 17.43 23.85 -54.14
N MET E 187 16.25 23.66 -54.73
CA MET E 187 15.79 24.54 -55.81
C MET E 187 15.90 26.00 -55.40
N ASP E 188 15.41 26.32 -54.20
CA ASP E 188 15.55 27.67 -53.68
C ASP E 188 17.03 28.08 -53.62
N ILE E 189 17.88 27.25 -53.03
CA ILE E 189 19.29 27.61 -52.92
C ILE E 189 19.91 27.77 -54.30
N PHE E 190 19.66 26.82 -55.21
CA PHE E 190 20.39 26.82 -56.49
C PHE E 190 20.10 28.09 -57.28
N GLU E 191 18.90 28.64 -57.16
CA GLU E 191 18.58 29.87 -57.87
C GLU E 191 19.24 31.08 -57.23
N LYS E 192 19.66 30.95 -55.97
CA LYS E 192 20.39 32.02 -55.28
C LYS E 192 21.86 32.04 -55.63
N VAL E 193 22.49 30.87 -55.76
CA VAL E 193 23.94 30.82 -55.85
C VAL E 193 24.44 30.32 -57.21
N ASP E 194 23.59 30.19 -58.24
CA ASP E 194 24.11 29.69 -59.53
C ASP E 194 25.18 30.62 -60.14
N ALA E 195 25.13 31.93 -59.84
CA ALA E 195 26.14 32.85 -60.36
C ALA E 195 27.55 32.42 -59.96
N ILE E 196 27.69 31.78 -58.80
CA ILE E 196 28.98 31.40 -58.23
C ILE E 196 29.75 30.44 -59.13
N PHE E 197 29.05 29.64 -59.91
CA PHE E 197 29.66 28.50 -60.60
C PHE E 197 30.26 28.91 -61.95
N ASP E 198 31.56 28.65 -62.11
CA ASP E 198 32.32 29.00 -63.31
C ASP E 198 31.77 28.20 -64.51
N LYS E 199 32.04 28.71 -65.71
CA LYS E 199 31.55 28.08 -66.94
C LYS E 199 32.10 26.67 -67.15
N HIS E 200 33.44 26.52 -67.21
CA HIS E 200 34.07 25.21 -67.26
C HIS E 200 33.63 24.39 -66.05
N GLU E 201 33.48 25.08 -64.93
CA GLU E 201 33.14 24.49 -63.64
C GLU E 201 31.94 23.55 -63.73
N VAL E 202 30.81 24.07 -64.22
CA VAL E 202 29.61 23.26 -64.34
C VAL E 202 29.83 22.08 -65.28
N GLN E 203 30.57 22.27 -66.39
CA GLN E 203 30.75 21.13 -67.29
C GLN E 203 31.77 20.15 -66.75
N GLU E 204 32.67 20.59 -65.87
CA GLU E 204 33.45 19.65 -65.08
C GLU E 204 32.53 18.67 -64.37
N ILE E 205 31.49 19.20 -63.74
CA ILE E 205 30.41 18.38 -63.21
C ILE E 205 29.62 17.70 -64.33
N LYS E 206 29.25 18.47 -65.37
CA LYS E 206 28.36 17.94 -66.40
C LYS E 206 29.00 16.78 -67.15
N GLU E 207 30.25 16.94 -67.59
CA GLU E 207 30.86 15.88 -68.40
C GLU E 207 31.09 14.62 -67.56
N LYS E 208 31.79 14.75 -66.43
CA LYS E 208 32.25 13.56 -65.73
C LYS E 208 31.19 12.97 -64.82
N ILE E 209 30.47 13.79 -64.05
CA ILE E 209 29.46 13.21 -63.15
C ILE E 209 28.30 12.68 -63.97
N LEU E 210 27.88 13.42 -64.98
CA LEU E 210 26.63 13.17 -65.67
C LEU E 210 26.75 12.39 -66.99
N ASN E 211 27.97 12.05 -67.44
CA ASN E 211 28.25 11.40 -68.72
C ASN E 211 28.13 12.43 -69.84
N SER E 212 27.96 13.71 -69.48
CA SER E 212 27.48 14.75 -70.40
C SER E 212 26.08 14.43 -70.90
N ASP E 213 25.44 13.42 -70.30
CA ASP E 213 24.10 13.03 -70.70
C ASP E 213 23.07 14.07 -70.26
N TYR E 214 23.30 14.70 -69.10
CA TYR E 214 22.39 15.69 -68.52
C TYR E 214 23.18 16.93 -68.13
N ASP E 215 22.52 18.09 -68.18
CA ASP E 215 23.10 19.35 -67.77
C ASP E 215 22.88 19.61 -66.27
N VAL E 216 23.86 20.29 -65.64
CA VAL E 216 23.85 20.48 -64.19
C VAL E 216 22.60 21.20 -63.65
N GLU E 217 22.06 22.20 -64.36
CA GLU E 217 20.81 22.76 -63.83
C GLU E 217 19.60 21.88 -64.13
N ASP E 218 19.76 20.87 -65.02
CA ASP E 218 18.61 20.00 -65.25
C ASP E 218 18.13 19.36 -63.94
N PHE E 219 19.08 19.07 -63.03
CA PHE E 219 18.85 18.48 -61.72
C PHE E 219 18.23 19.43 -60.71
N PHE E 220 18.07 20.71 -61.04
CA PHE E 220 17.34 21.63 -60.16
C PHE E 220 16.05 22.16 -60.79
N GLU E 221 15.63 21.60 -61.93
CA GLU E 221 14.36 21.93 -62.57
C GLU E 221 13.24 21.03 -62.09
N GLY E 222 12.03 21.58 -62.07
CA GLY E 222 10.94 20.93 -61.36
C GLY E 222 10.64 19.50 -61.74
N GLU E 223 10.31 19.24 -62.98
CA GLU E 223 9.82 17.92 -63.33
C GLU E 223 10.95 16.97 -63.70
N PHE E 224 12.18 17.33 -63.37
CA PHE E 224 13.29 16.38 -63.45
C PHE E 224 13.37 15.55 -62.19
N PHE E 225 12.50 15.84 -61.22
CA PHE E 225 12.48 15.17 -59.94
C PHE E 225 12.35 13.65 -60.09
N ASN E 226 11.54 13.18 -61.05
CA ASN E 226 11.35 11.75 -61.24
C ASN E 226 12.68 11.01 -61.37
N PHE E 227 13.74 11.69 -61.86
CA PHE E 227 15.04 11.04 -62.01
C PHE E 227 15.58 10.55 -60.68
N VAL E 228 15.25 11.24 -59.60
CA VAL E 228 15.87 11.00 -58.31
C VAL E 228 14.97 10.16 -57.37
N LEU E 229 13.91 9.56 -57.90
CA LEU E 229 13.15 8.58 -57.11
C LEU E 229 13.98 7.32 -56.86
N THR E 230 14.70 6.89 -57.89
CA THR E 230 15.53 5.69 -57.83
C THR E 230 16.82 5.94 -57.05
N GLN E 231 17.34 4.89 -56.42
CA GLN E 231 18.58 5.07 -55.68
C GLN E 231 19.73 5.41 -56.61
N GLU E 232 19.75 4.80 -57.78
CA GLU E 232 20.78 5.12 -58.77
C GLU E 232 20.78 6.61 -59.09
N GLY E 233 19.60 7.20 -59.19
CA GLY E 233 19.48 8.62 -59.43
C GLY E 233 19.80 9.50 -58.23
N ILE E 234 19.57 8.99 -57.01
CA ILE E 234 19.92 9.76 -55.83
C ILE E 234 21.42 9.88 -55.70
N ASP E 235 22.15 8.83 -56.07
CA ASP E 235 23.60 8.87 -55.95
C ASP E 235 24.22 9.80 -57.00
N VAL E 236 23.66 9.81 -58.21
CA VAL E 236 24.04 10.83 -59.20
C VAL E 236 23.85 12.22 -58.64
N TYR E 237 22.67 12.50 -58.12
CA TYR E 237 22.34 13.82 -57.60
C TYR E 237 23.20 14.21 -56.40
N ASN E 238 23.39 13.28 -55.45
CA ASN E 238 24.21 13.56 -54.27
C ASN E 238 25.69 13.68 -54.62
N ALA E 239 26.09 13.16 -55.79
CA ALA E 239 27.42 13.40 -56.32
C ALA E 239 27.60 14.83 -56.80
N ILE E 240 26.54 15.46 -57.34
CA ILE E 240 26.64 16.85 -57.78
C ILE E 240 27.02 17.75 -56.61
N ILE E 241 26.44 17.48 -55.44
CA ILE E 241 26.69 18.32 -54.28
C ILE E 241 27.98 17.91 -53.56
N GLY E 242 28.11 16.63 -53.23
CA GLY E 242 29.25 16.14 -52.46
C GLY E 242 30.53 15.90 -53.23
N GLY E 243 30.47 15.91 -54.57
CA GLY E 243 31.60 15.49 -55.38
C GLY E 243 31.63 14.01 -55.67
N PHE E 244 32.73 13.61 -56.31
CA PHE E 244 32.86 12.23 -56.73
C PHE E 244 34.32 11.97 -57.11
N VAL E 245 34.68 10.70 -57.01
CA VAL E 245 35.97 10.21 -57.44
C VAL E 245 35.73 9.05 -58.38
N THR E 246 36.17 9.20 -59.63
CA THR E 246 36.12 8.04 -60.48
C THR E 246 37.28 7.12 -60.11
N GLU E 247 37.35 6.02 -60.82
CA GLU E 247 38.24 4.90 -60.64
C GLU E 247 39.60 5.19 -61.18
N SER E 248 39.70 6.31 -61.84
CA SER E 248 40.98 6.92 -62.03
C SER E 248 41.49 7.69 -60.75
N GLY E 249 40.69 7.80 -59.66
CA GLY E 249 41.09 8.55 -58.47
C GLY E 249 40.86 10.04 -58.61
N GLU E 250 40.23 10.43 -59.72
CA GLU E 250 39.73 11.76 -60.05
C GLU E 250 39.09 12.42 -58.84
N LYS E 251 39.68 13.49 -58.33
CA LYS E 251 38.98 14.30 -57.35
C LYS E 251 38.17 15.34 -58.12
N ILE E 252 36.86 15.27 -57.99
CA ILE E 252 35.97 16.27 -58.55
C ILE E 252 35.34 17.05 -57.41
N LYS E 253 35.49 18.38 -57.42
CA LYS E 253 34.80 19.22 -56.46
C LYS E 253 33.30 19.23 -56.74
N GLY E 254 32.48 19.04 -55.68
CA GLY E 254 31.04 19.21 -55.79
C GLY E 254 30.53 20.64 -55.52
N LEU E 255 29.24 20.86 -55.83
CA LEU E 255 28.65 22.19 -55.76
C LEU E 255 28.61 22.74 -54.34
N ASN E 256 28.39 21.90 -53.34
CA ASN E 256 28.49 22.39 -51.98
C ASN E 256 29.92 22.79 -51.64
N GLU E 257 30.91 22.08 -52.22
CA GLU E 257 32.31 22.40 -51.96
C GLU E 257 32.63 23.81 -52.44
N TYR E 258 32.28 24.14 -53.68
CA TYR E 258 32.48 25.49 -54.20
C TYR E 258 31.84 26.53 -53.30
N ILE E 259 30.68 26.20 -52.72
CA ILE E 259 30.01 27.16 -51.85
C ILE E 259 30.90 27.49 -50.64
N ASN E 260 31.58 26.49 -50.07
CA ASN E 260 32.37 26.75 -48.86
C ASN E 260 33.66 27.55 -49.12
N LEU E 261 34.48 27.19 -50.11
CA LEU E 261 35.61 28.07 -50.39
C LEU E 261 35.24 29.28 -51.27
N TYR E 262 34.09 29.29 -51.96
CA TYR E 262 33.68 30.60 -52.50
C TYR E 262 33.53 31.57 -51.34
N ASN E 263 33.01 31.09 -50.22
CA ASN E 263 32.70 31.93 -49.06
C ASN E 263 33.93 32.36 -48.28
N GLN E 264 35.04 31.65 -48.39
CA GLN E 264 36.25 32.13 -47.73
C GLN E 264 36.87 33.24 -48.56
N LYS E 265 36.93 33.04 -49.88
CA LYS E 265 37.33 34.08 -50.81
C LYS E 265 36.34 35.25 -50.81
N THR E 266 35.07 34.99 -50.40
CA THR E 266 34.07 36.05 -50.32
C THR E 266 34.12 36.81 -49.01
N LYS E 267 34.55 36.15 -47.93
CA LYS E 267 34.42 36.66 -46.56
C LYS E 267 32.95 36.86 -46.16
N GLN E 268 32.02 36.17 -46.82
CA GLN E 268 30.61 36.07 -46.40
C GLN E 268 30.21 34.58 -46.38
N LYS E 269 28.91 34.30 -46.13
CA LYS E 269 28.47 32.93 -45.80
C LYS E 269 27.12 32.57 -46.45
N LEU E 270 27.20 31.83 -47.61
CA LEU E 270 26.02 31.36 -48.33
C LEU E 270 25.58 30.01 -47.75
N PRO E 271 24.30 29.65 -47.83
CA PRO E 271 23.87 28.32 -47.37
C PRO E 271 24.27 27.23 -48.35
N LYS E 272 24.66 26.08 -47.80
CA LYS E 272 24.96 24.92 -48.61
C LYS E 272 23.70 24.07 -48.85
N PHE E 273 23.86 23.06 -49.71
CA PHE E 273 22.79 22.19 -50.11
C PHE E 273 22.57 21.06 -49.11
N LYS E 274 21.35 20.54 -49.10
CA LYS E 274 21.18 19.31 -48.35
C LYS E 274 21.26 18.12 -49.30
N PRO E 275 21.96 17.05 -48.93
CA PRO E 275 21.90 15.84 -49.76
C PRO E 275 20.57 15.14 -49.54
N LEU E 276 20.12 14.42 -50.57
CA LEU E 276 18.89 13.66 -50.50
C LEU E 276 19.08 12.39 -49.67
N TYR E 277 17.96 11.80 -49.24
CA TYR E 277 18.02 10.61 -48.40
C TYR E 277 18.04 9.32 -49.22
N LYS E 278 18.46 8.25 -48.57
CA LYS E 278 18.50 6.94 -49.20
C LYS E 278 17.10 6.45 -49.50
N GLN E 279 16.98 5.54 -50.46
CA GLN E 279 15.70 4.91 -50.77
C GLN E 279 15.55 3.64 -49.95
N VAL E 280 14.31 3.37 -49.52
CA VAL E 280 14.08 2.20 -48.67
C VAL E 280 14.43 0.94 -49.43
N LEU E 281 15.25 0.10 -48.79
CA LEU E 281 15.71 -1.25 -49.17
C LEU E 281 16.88 -1.24 -50.16
N SER E 282 17.40 -0.08 -50.54
CA SER E 282 18.67 -0.05 -51.23
C SER E 282 19.74 -0.50 -50.26
N ASP E 283 20.74 -1.23 -50.73
CA ASP E 283 21.86 -1.53 -49.84
C ASP E 283 23.14 -0.95 -50.40
N ARG E 284 23.73 -0.05 -49.62
CA ARG E 284 25.02 0.64 -49.78
C ARG E 284 25.87 0.25 -51.02
N GLY E 291 39.52 -4.48 -41.48
CA GLY E 291 39.69 -5.90 -41.26
C GLY E 291 38.75 -6.47 -40.20
N GLU E 292 38.05 -7.55 -40.56
CA GLU E 292 36.95 -8.06 -39.74
C GLU E 292 37.46 -8.75 -38.47
N GLY E 293 36.69 -8.60 -37.39
CA GLY E 293 37.12 -9.08 -36.09
C GLY E 293 37.13 -10.59 -36.00
N TYR E 294 38.09 -11.10 -35.21
CA TYR E 294 38.25 -12.55 -35.06
C TYR E 294 37.11 -13.15 -34.24
N THR E 295 36.66 -14.34 -34.64
CA THR E 295 35.61 -15.09 -33.98
C THR E 295 36.14 -16.09 -32.94
N SER E 296 37.01 -17.01 -33.35
CA SER E 296 37.41 -18.16 -32.54
C SER E 296 38.49 -17.79 -31.52
N ASP E 297 38.78 -18.76 -30.63
CA ASP E 297 39.85 -18.62 -29.64
C ASP E 297 41.19 -19.04 -30.23
N GLU E 298 41.26 -20.23 -30.85
CA GLU E 298 42.51 -20.68 -31.45
C GLU E 298 42.81 -19.97 -32.77
N GLU E 299 41.83 -19.31 -33.39
CA GLU E 299 42.11 -18.41 -34.51
C GLU E 299 43.13 -17.34 -34.12
N VAL E 300 42.88 -16.64 -33.00
CA VAL E 300 43.80 -15.59 -32.56
C VAL E 300 45.19 -16.16 -32.29
N LEU E 301 45.26 -17.29 -31.58
CA LEU E 301 46.57 -17.87 -31.33
C LEU E 301 47.27 -18.24 -32.63
N GLU E 302 46.52 -18.75 -33.61
CA GLU E 302 47.12 -19.12 -34.88
C GLU E 302 47.65 -17.88 -35.58
N VAL E 303 46.84 -16.83 -35.63
CA VAL E 303 47.30 -15.59 -36.25
C VAL E 303 48.41 -14.95 -35.43
N PHE E 304 48.43 -15.19 -34.12
CA PHE E 304 49.57 -14.78 -33.32
C PHE E 304 50.83 -15.57 -33.65
N ARG E 305 50.77 -16.92 -33.56
CA ARG E 305 51.99 -17.71 -33.72
C ARG E 305 52.62 -17.50 -35.10
N ASN E 306 51.81 -17.43 -36.15
CA ASN E 306 52.36 -17.46 -37.48
C ASN E 306 52.61 -16.07 -38.06
N THR E 307 52.03 -15.03 -37.44
CA THR E 307 52.39 -13.67 -37.83
C THR E 307 53.59 -13.15 -37.05
N LEU E 308 53.88 -13.69 -35.87
CA LEU E 308 54.95 -13.10 -35.09
C LEU E 308 56.03 -14.07 -34.65
N ASN E 309 56.03 -15.32 -35.11
CA ASN E 309 57.12 -16.19 -34.70
C ASN E 309 58.40 -15.76 -35.40
N LYS E 310 59.51 -16.45 -35.10
CA LYS E 310 60.78 -15.96 -35.60
C LYS E 310 60.95 -16.15 -37.11
N ASN E 311 60.23 -17.08 -37.74
CA ASN E 311 60.40 -17.27 -39.19
C ASN E 311 59.63 -16.26 -40.02
N SER E 312 58.64 -15.58 -39.44
CA SER E 312 57.78 -14.65 -40.16
C SER E 312 58.57 -13.54 -40.85
N GLU E 313 57.92 -12.93 -41.83
CA GLU E 313 58.46 -11.72 -42.45
C GLU E 313 58.57 -10.59 -41.44
N ILE E 314 57.63 -10.48 -40.52
CA ILE E 314 57.66 -9.36 -39.58
C ILE E 314 58.94 -9.43 -38.75
N PHE E 315 59.34 -10.64 -38.40
CA PHE E 315 60.58 -10.79 -37.66
C PHE E 315 61.78 -10.51 -38.55
N SER E 316 61.70 -10.93 -39.82
CA SER E 316 62.82 -10.74 -40.75
C SER E 316 63.03 -9.25 -41.02
N SER E 317 61.94 -8.51 -41.26
CA SER E 317 62.06 -7.05 -41.39
C SER E 317 62.78 -6.44 -40.20
N ILE E 318 62.46 -6.87 -38.98
CA ILE E 318 63.14 -6.34 -37.80
C ILE E 318 64.63 -6.63 -37.87
N LYS E 319 64.97 -7.88 -38.21
CA LYS E 319 66.39 -8.26 -38.33
C LYS E 319 67.02 -7.63 -39.57
N LYS E 320 66.24 -7.33 -40.62
CA LYS E 320 66.80 -6.59 -41.74
C LYS E 320 67.02 -5.12 -41.36
N LEU E 321 66.08 -4.55 -40.58
CA LEU E 321 66.25 -3.18 -40.08
C LEU E 321 67.40 -3.07 -39.09
N GLU E 322 67.63 -4.08 -38.26
CA GLU E 322 68.76 -3.99 -37.34
C GLU E 322 70.08 -3.92 -38.11
N LYS E 323 70.22 -4.73 -39.16
CA LYS E 323 71.44 -4.73 -39.97
C LYS E 323 71.67 -3.35 -40.58
N LEU E 324 70.59 -2.65 -40.93
CA LEU E 324 70.72 -1.32 -41.54
C LEU E 324 71.27 -0.30 -40.53
N PHE E 325 70.78 -0.33 -39.30
CA PHE E 325 71.29 0.61 -38.30
C PHE E 325 72.68 0.22 -37.83
N LYS E 326 72.98 -1.07 -37.89
CA LYS E 326 74.25 -1.60 -37.43
C LYS E 326 75.38 -1.14 -38.35
N ASN E 327 75.08 -0.85 -39.60
CA ASN E 327 75.99 -0.18 -40.51
C ASN E 327 75.50 1.22 -40.84
N PHE E 328 75.01 1.93 -39.81
CA PHE E 328 74.55 3.31 -39.97
C PHE E 328 75.68 4.22 -40.42
N ASP E 329 76.93 3.86 -40.06
CA ASP E 329 78.09 4.66 -40.40
C ASP E 329 78.25 4.82 -41.91
N GLU E 330 77.82 3.83 -42.69
CA GLU E 330 78.17 3.69 -44.11
C GLU E 330 77.37 4.60 -45.06
N TYR E 331 76.19 5.06 -44.65
CA TYR E 331 75.32 5.88 -45.48
C TYR E 331 75.60 7.38 -45.25
N SER E 332 74.98 8.25 -46.05
CA SER E 332 75.33 9.69 -46.01
C SER E 332 74.49 10.38 -44.94
N SER E 333 75.15 11.12 -44.05
CA SER E 333 74.39 11.74 -42.97
C SER E 333 73.55 12.90 -43.47
N ALA E 334 73.81 13.41 -44.66
CA ALA E 334 72.93 14.40 -45.25
C ALA E 334 71.69 13.80 -45.91
N GLY E 335 71.65 12.48 -46.04
CA GLY E 335 70.59 11.79 -46.76
C GLY E 335 69.54 11.08 -45.92
N ILE E 336 69.68 11.01 -44.59
CA ILE E 336 68.67 10.40 -43.72
C ILE E 336 68.08 11.47 -42.80
N PHE E 337 66.76 11.36 -42.55
CA PHE E 337 65.99 12.40 -41.86
C PHE E 337 65.08 11.82 -40.78
N VAL E 338 64.90 12.58 -39.71
CA VAL E 338 63.99 12.24 -38.62
C VAL E 338 62.88 13.28 -38.59
N LYS E 339 61.63 12.81 -38.63
CA LYS E 339 60.47 13.69 -38.72
C LYS E 339 60.33 14.58 -37.49
N ASN E 340 59.67 15.71 -37.69
CA ASN E 340 59.41 16.68 -36.64
C ASN E 340 57.93 16.61 -36.30
N GLY E 341 57.63 16.04 -35.15
CA GLY E 341 56.28 15.88 -34.67
C GLY E 341 56.30 16.19 -33.20
N PRO E 342 55.21 15.90 -32.49
CA PRO E 342 55.33 15.84 -31.02
C PRO E 342 56.24 14.69 -30.57
N ALA E 343 56.35 13.65 -31.41
CA ALA E 343 57.23 12.51 -31.14
C ALA E 343 58.71 12.88 -31.18
N ILE E 344 59.06 14.11 -31.56
CA ILE E 344 60.48 14.42 -31.78
C ILE E 344 61.21 14.59 -30.47
N SER E 345 60.49 14.97 -29.41
CA SER E 345 61.17 15.26 -28.17
C SER E 345 61.59 13.97 -27.47
N THR E 346 60.95 12.86 -27.82
CA THR E 346 61.39 11.57 -27.30
C THR E 346 62.73 11.19 -27.88
N ILE E 347 62.96 11.54 -29.15
CA ILE E 347 64.25 11.27 -29.79
C ILE E 347 65.31 12.19 -29.23
N SER E 348 64.91 13.37 -28.77
CA SER E 348 65.90 14.35 -28.34
C SER E 348 66.63 13.87 -27.10
N LYS E 349 65.89 13.42 -26.09
CA LYS E 349 66.57 12.96 -24.88
C LYS E 349 67.00 11.49 -24.94
N ASP E 350 66.60 10.76 -25.98
CA ASP E 350 67.22 9.46 -26.20
C ASP E 350 68.64 9.64 -26.73
N ILE E 351 68.84 10.70 -27.50
CA ILE E 351 70.12 10.98 -28.13
C ILE E 351 71.00 11.83 -27.24
N PHE E 352 70.46 12.88 -26.62
CA PHE E 352 71.27 13.80 -25.84
C PHE E 352 71.01 13.74 -24.33
N GLY E 353 69.82 13.31 -23.90
CA GLY E 353 69.45 13.29 -22.50
C GLY E 353 68.34 14.25 -22.13
N GLU E 354 68.15 15.30 -22.90
CA GLU E 354 67.19 16.33 -22.56
C GLU E 354 66.15 16.34 -23.67
N TRP E 355 64.88 16.30 -23.30
CA TRP E 355 63.82 16.35 -24.30
C TRP E 355 63.76 17.70 -24.99
N ASN E 356 64.33 18.73 -24.34
CA ASN E 356 64.27 20.11 -24.81
C ASN E 356 65.48 20.50 -25.64
N VAL E 357 66.48 19.61 -25.76
CA VAL E 357 67.75 19.98 -26.37
C VAL E 357 67.60 20.25 -27.86
N ILE E 358 66.96 19.34 -28.61
CA ILE E 358 66.91 19.51 -30.06
C ILE E 358 66.35 20.86 -30.48
N ARG E 359 65.14 21.24 -30.00
CA ARG E 359 64.51 22.52 -30.38
C ARG E 359 65.38 23.66 -29.84
N ASP E 360 65.90 23.48 -28.60
CA ASP E 360 66.70 24.51 -27.93
C ASP E 360 67.99 24.85 -28.70
N LYS E 361 68.67 23.82 -29.24
CA LYS E 361 69.81 24.09 -30.11
C LYS E 361 69.32 24.67 -31.44
N TRP E 362 68.20 24.13 -31.95
CA TRP E 362 67.62 24.65 -33.18
C TRP E 362 67.26 26.12 -33.06
N ASN E 363 66.67 26.53 -31.93
CA ASN E 363 66.37 27.94 -31.76
C ASN E 363 67.64 28.76 -31.79
N ALA E 364 68.70 28.25 -31.19
CA ALA E 364 69.93 29.03 -31.07
C ALA E 364 70.46 29.39 -32.43
N GLU E 365 70.42 28.44 -33.37
CA GLU E 365 70.93 28.75 -34.71
C GLU E 365 69.90 29.55 -35.51
N TYR E 366 68.60 29.38 -35.23
CA TYR E 366 67.59 30.31 -35.74
C TYR E 366 67.83 31.71 -35.19
N ASP E 367 68.27 31.81 -33.93
CA ASP E 367 68.68 33.10 -33.39
C ASP E 367 69.88 33.65 -34.13
N ASP E 368 70.78 32.76 -34.56
CA ASP E 368 72.02 33.20 -35.17
C ASP E 368 71.75 34.11 -36.34
N ILE E 369 70.79 33.73 -37.19
CA ILE E 369 70.49 34.43 -38.44
C ILE E 369 69.33 35.40 -38.32
N HIS E 370 68.22 35.00 -37.70
CA HIS E 370 66.98 35.75 -37.76
C HIS E 370 66.83 36.88 -36.73
N LEU E 371 67.54 36.85 -35.61
CA LEU E 371 67.36 37.93 -34.67
C LEU E 371 68.53 38.88 -34.79
N LYS E 372 68.21 40.18 -34.82
CA LYS E 372 69.19 41.24 -34.79
C LYS E 372 69.29 41.68 -33.33
N LYS E 373 70.49 41.63 -32.76
CA LYS E 373 70.58 41.65 -31.31
C LYS E 373 70.40 43.07 -30.80
N LYS E 374 70.32 44.03 -31.74
CA LYS E 374 69.98 45.40 -31.41
C LYS E 374 68.67 45.42 -30.58
N ALA E 375 67.62 44.77 -31.11
CA ALA E 375 66.34 44.55 -30.44
C ALA E 375 66.43 43.50 -29.33
N VAL E 376 67.40 42.57 -29.42
CA VAL E 376 67.61 41.53 -28.41
C VAL E 376 66.50 40.50 -28.41
N VAL E 377 65.32 40.93 -27.98
CA VAL E 377 64.18 40.05 -27.94
C VAL E 377 62.96 40.90 -28.17
N THR E 378 61.94 40.25 -28.69
CA THR E 378 60.59 40.72 -28.63
C THR E 378 59.83 39.42 -28.41
N GLU E 379 58.72 39.46 -27.70
CA GLU E 379 58.00 38.21 -27.65
C GLU E 379 57.24 38.00 -28.95
N LYS E 380 57.18 39.04 -29.80
CA LYS E 380 56.70 38.97 -31.18
C LYS E 380 57.69 38.26 -32.09
N TYR E 381 58.98 38.45 -31.85
CA TYR E 381 59.98 37.64 -32.55
C TYR E 381 60.29 36.31 -31.82
N GLU E 382 60.16 36.24 -30.49
CA GLU E 382 60.15 34.87 -30.02
C GLU E 382 58.78 34.22 -30.36
N ASP E 383 57.87 35.00 -31.02
CA ASP E 383 56.53 34.51 -31.38
C ASP E 383 56.43 33.75 -32.69
N ASP E 384 57.30 34.00 -33.67
CA ASP E 384 57.27 33.15 -34.85
C ASP E 384 58.48 32.23 -34.98
N ARG E 385 59.49 32.38 -34.12
CA ARG E 385 60.45 31.29 -33.96
C ARG E 385 59.73 30.09 -33.37
N ARG E 386 58.69 30.45 -32.64
CA ARG E 386 57.67 29.60 -32.06
C ARG E 386 56.88 28.80 -33.11
N LYS E 387 56.64 29.37 -34.30
CA LYS E 387 55.89 28.63 -35.31
C LYS E 387 56.74 27.91 -36.35
N SER E 388 57.91 28.44 -36.75
CA SER E 388 58.55 27.93 -37.97
C SER E 388 59.14 26.55 -37.86
N PHE E 389 59.50 26.18 -36.61
CA PHE E 389 59.89 24.84 -36.21
C PHE E 389 58.77 23.82 -36.44
N LYS E 390 57.53 24.19 -36.21
CA LYS E 390 56.52 23.18 -36.50
C LYS E 390 56.28 23.13 -38.00
N LYS E 391 56.78 24.11 -38.72
CA LYS E 391 56.80 23.99 -40.18
C LYS E 391 58.07 23.29 -40.70
N ILE E 392 59.18 23.35 -39.95
CA ILE E 392 60.33 22.51 -40.26
C ILE E 392 59.85 21.05 -40.27
N GLY E 393 59.98 20.40 -41.43
CA GLY E 393 59.41 19.08 -41.63
C GLY E 393 60.25 17.94 -41.08
N SER E 394 61.57 18.02 -41.20
CA SER E 394 62.45 16.95 -40.75
C SER E 394 63.77 17.53 -40.29
N PHE E 395 64.63 16.64 -39.79
CA PHE E 395 65.99 17.00 -39.40
C PHE E 395 66.96 15.98 -39.98
N SER E 396 67.92 16.46 -40.76
CA SER E 396 68.93 15.58 -41.29
C SER E 396 69.83 15.09 -40.17
N LEU E 397 70.41 13.92 -40.36
CA LEU E 397 71.38 13.42 -39.40
C LEU E 397 72.63 14.28 -39.32
N GLU E 398 72.81 15.24 -40.23
CA GLU E 398 73.98 16.09 -40.09
C GLU E 398 73.68 17.28 -39.19
N GLN E 399 72.50 17.90 -39.31
CA GLN E 399 72.11 18.92 -38.36
C GLN E 399 72.09 18.36 -36.94
N LEU E 400 71.91 17.03 -36.82
CA LEU E 400 71.83 16.51 -35.48
C LEU E 400 73.21 16.43 -34.85
N GLN E 401 74.21 16.03 -35.62
CA GLN E 401 75.56 16.06 -35.10
C GLN E 401 76.06 17.50 -34.96
N GLU E 402 75.50 18.41 -35.76
CA GLU E 402 75.87 19.81 -35.64
C GLU E 402 75.31 20.41 -34.36
N TYR E 403 74.32 19.75 -33.76
CA TYR E 403 73.86 20.05 -32.40
C TYR E 403 74.70 19.38 -31.32
N ALA E 404 75.37 18.28 -31.65
CA ALA E 404 76.06 17.46 -30.67
C ALA E 404 77.38 18.09 -30.22
N ASP E 405 77.67 17.93 -28.92
CA ASP E 405 78.98 18.28 -28.41
C ASP E 405 79.96 17.16 -28.73
N ALA E 406 81.22 17.53 -28.90
CA ALA E 406 82.27 16.56 -29.16
C ALA E 406 82.51 15.69 -27.93
N ASP E 407 82.85 14.42 -28.15
CA ASP E 407 82.89 13.83 -29.46
C ASP E 407 81.75 12.83 -29.55
N LEU E 408 80.66 13.15 -28.84
CA LEU E 408 79.44 12.35 -28.94
C LEU E 408 79.01 12.22 -30.40
N SER E 409 78.99 10.99 -30.90
CA SER E 409 78.61 10.68 -32.27
C SER E 409 77.15 10.26 -32.35
N VAL E 410 76.29 11.16 -32.85
CA VAL E 410 74.85 10.90 -32.86
C VAL E 410 74.52 9.67 -33.69
N VAL E 411 75.35 9.35 -34.68
CA VAL E 411 75.01 8.27 -35.58
C VAL E 411 75.52 6.94 -35.05
N GLU E 412 76.46 6.95 -34.09
CA GLU E 412 76.73 5.71 -33.36
C GLU E 412 75.86 5.57 -32.13
N LYS E 413 75.45 6.67 -31.50
CA LYS E 413 74.45 6.56 -30.43
C LYS E 413 73.14 6.01 -30.97
N LEU E 414 72.74 6.45 -32.18
CA LEU E 414 71.54 5.89 -32.79
C LEU E 414 71.74 4.41 -33.07
N LYS E 415 73.00 3.95 -33.19
CA LYS E 415 73.24 2.51 -33.26
C LYS E 415 73.02 1.81 -31.93
N GLU E 416 73.38 2.45 -30.81
CA GLU E 416 73.14 1.78 -29.55
C GLU E 416 71.66 1.70 -29.26
N ILE E 417 70.95 2.81 -29.45
CA ILE E 417 69.56 2.88 -29.03
C ILE E 417 68.73 1.80 -29.70
N ILE E 418 68.93 1.59 -31.00
CA ILE E 418 68.07 0.67 -31.70
C ILE E 418 68.39 -0.75 -31.30
N ILE E 419 69.67 -1.09 -31.18
CA ILE E 419 70.00 -2.48 -30.85
C ILE E 419 69.58 -2.80 -29.41
N GLN E 420 69.57 -1.81 -28.52
CA GLN E 420 69.04 -2.09 -27.19
C GLN E 420 67.55 -2.45 -27.31
N LYS E 421 66.89 -1.82 -28.27
CA LYS E 421 65.47 -1.99 -28.46
C LYS E 421 65.14 -3.31 -29.14
N VAL E 422 66.00 -3.77 -30.04
CA VAL E 422 65.72 -5.05 -30.69
C VAL E 422 66.22 -6.19 -29.82
N ASP E 423 67.33 -6.00 -29.12
CA ASP E 423 67.76 -7.06 -28.22
C ASP E 423 66.85 -7.19 -26.99
N GLU E 424 65.94 -6.23 -26.76
CA GLU E 424 64.90 -6.46 -25.78
C GLU E 424 63.68 -7.17 -26.35
N ILE E 425 63.39 -6.98 -27.65
CA ILE E 425 62.33 -7.76 -28.30
C ILE E 425 62.68 -9.23 -28.26
N TYR E 426 63.96 -9.55 -28.48
CA TYR E 426 64.45 -10.91 -28.35
C TYR E 426 64.30 -11.41 -26.92
N LYS E 427 64.35 -10.51 -25.94
CA LYS E 427 64.18 -10.95 -24.56
C LYS E 427 62.78 -11.50 -24.33
N VAL E 428 61.75 -10.75 -24.76
CA VAL E 428 60.40 -11.26 -24.54
C VAL E 428 60.04 -12.41 -25.47
N TYR E 429 60.76 -12.60 -26.58
CA TYR E 429 60.51 -13.83 -27.32
C TYR E 429 60.93 -15.05 -26.53
N GLY E 430 61.85 -14.89 -25.56
CA GLY E 430 62.23 -15.99 -24.72
C GLY E 430 61.11 -16.26 -23.76
N SER E 431 60.58 -15.17 -23.19
CA SER E 431 59.43 -15.23 -22.28
C SER E 431 58.18 -15.77 -22.96
N SER E 432 58.16 -15.86 -24.29
CA SER E 432 56.94 -16.20 -25.00
C SER E 432 56.99 -17.46 -25.86
N GLU E 433 58.04 -18.29 -25.77
CA GLU E 433 58.15 -19.34 -26.80
C GLU E 433 57.04 -20.37 -26.67
N LYS E 434 56.50 -20.57 -25.45
CA LYS E 434 55.48 -21.59 -25.27
C LYS E 434 54.20 -21.24 -26.02
N LEU E 435 53.96 -19.96 -26.29
CA LEU E 435 52.89 -19.59 -27.20
C LEU E 435 53.18 -20.06 -28.62
N PHE E 436 54.47 -20.00 -29.02
CA PHE E 436 54.84 -20.28 -30.39
C PHE E 436 54.82 -21.76 -30.72
N ASP E 437 55.10 -22.62 -29.74
CA ASP E 437 55.17 -24.05 -29.97
C ASP E 437 53.87 -24.56 -30.59
N ALA E 438 53.98 -25.64 -31.37
CA ALA E 438 52.80 -26.31 -31.93
C ALA E 438 52.00 -27.07 -30.87
N ASP E 439 52.69 -27.90 -30.09
CA ASP E 439 52.02 -28.65 -29.02
C ASP E 439 51.23 -27.77 -28.06
N PHE E 440 51.59 -26.50 -27.88
CA PHE E 440 50.97 -25.67 -26.85
C PHE E 440 49.46 -25.71 -26.98
N VAL E 441 48.80 -25.93 -25.85
CA VAL E 441 47.35 -26.00 -25.78
C VAL E 441 46.88 -24.92 -24.81
N LEU E 442 45.80 -24.23 -25.17
CA LEU E 442 45.28 -23.19 -24.28
C LEU E 442 44.52 -23.89 -23.17
N GLU E 443 45.02 -23.81 -21.94
CA GLU E 443 44.33 -24.49 -20.86
C GLU E 443 43.05 -23.76 -20.45
N LYS E 444 43.00 -22.44 -20.60
CA LYS E 444 41.81 -21.68 -20.25
C LYS E 444 41.43 -20.79 -21.43
N SER E 445 40.16 -20.37 -21.48
CA SER E 445 39.71 -19.46 -22.51
C SER E 445 40.49 -18.16 -22.51
N LEU E 446 40.75 -17.64 -23.71
CA LEU E 446 41.67 -16.52 -23.86
C LEU E 446 41.20 -15.28 -23.10
N LYS E 447 39.91 -14.91 -23.23
CA LYS E 447 39.45 -13.67 -22.60
C LYS E 447 39.59 -13.71 -21.09
N LYS E 448 39.27 -14.83 -20.46
CA LYS E 448 39.54 -14.95 -19.04
C LYS E 448 41.03 -15.04 -18.75
N ASN E 449 41.80 -15.66 -19.66
CA ASN E 449 43.17 -16.08 -19.41
C ASN E 449 44.10 -14.86 -19.50
N ASP E 450 44.18 -14.10 -18.41
CA ASP E 450 44.98 -12.90 -18.43
C ASP E 450 46.46 -13.22 -18.57
N ALA E 451 46.91 -14.33 -17.97
CA ALA E 451 48.34 -14.63 -17.97
C ALA E 451 48.84 -14.80 -19.40
N VAL E 452 48.11 -15.57 -20.21
CA VAL E 452 48.52 -15.77 -21.60
C VAL E 452 48.36 -14.50 -22.42
N VAL E 453 47.32 -13.71 -22.16
CA VAL E 453 47.10 -12.48 -22.92
C VAL E 453 48.28 -11.53 -22.73
N ALA E 454 48.74 -11.39 -21.49
CA ALA E 454 49.86 -10.49 -21.21
C ALA E 454 51.11 -10.91 -21.98
N ILE E 455 51.26 -12.21 -22.28
CA ILE E 455 52.43 -12.62 -23.04
C ILE E 455 52.32 -12.10 -24.47
N MET E 456 51.13 -12.24 -25.06
CA MET E 456 50.88 -11.62 -26.35
C MET E 456 51.14 -10.13 -26.30
N LYS E 457 50.69 -9.46 -25.24
CA LYS E 457 50.76 -8.02 -25.26
C LYS E 457 52.15 -7.48 -24.96
N ASP E 458 52.94 -8.16 -24.10
CA ASP E 458 54.32 -7.72 -23.94
C ASP E 458 55.09 -7.84 -25.26
N LEU E 459 54.81 -8.90 -26.01
CA LEU E 459 55.42 -9.08 -27.33
C LEU E 459 54.89 -8.02 -28.29
N LEU E 460 53.57 -7.92 -28.41
CA LEU E 460 53.00 -6.92 -29.30
C LEU E 460 53.40 -5.52 -28.87
N ASP E 461 53.53 -5.29 -27.56
CA ASP E 461 53.94 -3.97 -27.11
C ASP E 461 55.36 -3.67 -27.54
N SER E 462 56.28 -4.60 -27.28
CA SER E 462 57.68 -4.34 -27.57
C SER E 462 57.92 -4.17 -29.05
N VAL E 463 57.16 -4.90 -29.88
CA VAL E 463 57.32 -4.78 -31.32
C VAL E 463 56.73 -3.46 -31.80
N LYS E 464 55.51 -3.16 -31.37
CA LYS E 464 54.89 -1.89 -31.73
C LYS E 464 55.73 -0.70 -31.24
N SER E 465 56.22 -0.76 -30.00
CA SER E 465 57.10 0.31 -29.51
C SER E 465 58.36 0.43 -30.36
N PHE E 466 58.82 -0.68 -30.93
CA PHE E 466 59.95 -0.61 -31.84
C PHE E 466 59.54 0.07 -33.14
N GLU E 467 58.36 -0.30 -33.66
CA GLU E 467 57.94 0.14 -34.98
C GLU E 467 57.65 1.64 -35.02
N ASN E 468 56.98 2.16 -34.00
CA ASN E 468 56.69 3.57 -34.09
C ASN E 468 57.90 4.42 -33.82
N TYR E 469 58.94 3.85 -33.20
CA TYR E 469 60.19 4.57 -33.05
C TYR E 469 60.84 4.82 -34.40
N ILE E 470 61.01 3.76 -35.19
CA ILE E 470 61.75 3.89 -36.42
C ILE E 470 60.95 4.63 -37.48
N LYS E 471 59.63 4.75 -37.33
CA LYS E 471 58.88 5.47 -38.34
C LYS E 471 59.33 6.93 -38.40
N ALA E 472 59.82 7.46 -37.28
CA ALA E 472 60.37 8.81 -37.30
C ALA E 472 61.52 8.93 -38.29
N PHE E 473 62.17 7.80 -38.62
CA PHE E 473 63.30 7.79 -39.55
C PHE E 473 62.88 7.79 -41.01
N PHE E 474 61.58 7.70 -41.28
CA PHE E 474 61.08 7.99 -42.60
C PHE E 474 61.27 9.47 -42.95
N GLY E 475 61.01 10.35 -42.00
CA GLY E 475 60.89 11.75 -42.30
C GLY E 475 59.51 11.92 -42.91
N GLU E 476 59.37 12.79 -43.88
CA GLU E 476 58.13 12.91 -44.65
C GLU E 476 58.64 13.26 -46.06
N GLY E 477 59.23 12.28 -46.74
CA GLY E 477 60.03 12.63 -47.89
C GLY E 477 59.67 11.96 -49.21
N LYS E 478 59.50 12.69 -50.31
CA LYS E 478 59.23 14.13 -50.34
C LYS E 478 60.38 15.06 -49.85
N GLU E 479 61.62 14.57 -49.81
CA GLU E 479 62.73 15.35 -49.29
C GLU E 479 63.83 15.34 -50.34
N THR E 480 64.56 16.46 -50.43
CA THR E 480 65.19 16.83 -51.69
C THR E 480 66.05 15.68 -52.22
N ASN E 481 67.01 15.22 -51.41
CA ASN E 481 67.93 14.20 -51.89
C ASN E 481 68.18 13.21 -50.76
N ARG E 482 67.22 12.32 -50.58
CA ARG E 482 67.41 11.18 -49.69
C ARG E 482 68.40 10.19 -50.28
N ASP E 483 69.07 9.46 -49.39
CA ASP E 483 70.07 8.47 -49.75
C ASP E 483 69.38 7.13 -49.98
N GLU E 484 69.02 6.88 -51.24
CA GLU E 484 68.22 5.69 -51.53
C GLU E 484 69.02 4.40 -51.39
N SER E 485 70.33 4.47 -51.13
CA SER E 485 71.01 3.36 -50.49
C SER E 485 70.21 2.85 -49.29
N PHE E 486 69.88 3.77 -48.39
CA PHE E 486 69.23 3.44 -47.12
C PHE E 486 67.73 3.24 -47.28
N TYR E 487 67.03 4.28 -47.73
CA TYR E 487 65.57 4.19 -47.75
C TYR E 487 65.04 3.11 -48.66
N GLY E 488 65.87 2.54 -49.54
CA GLY E 488 65.43 1.43 -50.38
C GLY E 488 65.07 0.18 -49.60
N ASP E 489 66.05 -0.38 -48.88
CA ASP E 489 65.76 -1.51 -48.01
C ASP E 489 64.86 -1.08 -46.87
N PHE E 490 65.10 0.13 -46.33
CA PHE E 490 64.31 0.60 -45.19
C PHE E 490 62.81 0.52 -45.47
N VAL E 491 62.34 1.17 -46.54
CA VAL E 491 60.88 1.26 -46.69
C VAL E 491 60.33 -0.11 -47.09
N LEU E 492 61.16 -1.05 -47.57
CA LEU E 492 60.62 -2.39 -47.70
C LEU E 492 60.36 -3.00 -46.33
N ALA E 493 61.36 -2.94 -45.44
CA ALA E 493 61.20 -3.48 -44.10
C ALA E 493 60.13 -2.72 -43.34
N TYR E 494 60.20 -1.39 -43.35
CA TYR E 494 59.19 -0.60 -42.65
C TYR E 494 57.79 -0.96 -43.14
N ASP E 495 57.63 -1.25 -44.44
CA ASP E 495 56.30 -1.51 -45.02
C ASP E 495 55.73 -2.87 -44.60
N ILE E 496 56.61 -3.81 -44.19
CA ILE E 496 56.19 -5.09 -43.58
C ILE E 496 56.07 -4.98 -42.06
N LEU E 497 56.98 -4.23 -41.41
CA LEU E 497 56.75 -3.91 -40.00
C LEU E 497 55.38 -3.30 -39.77
N LEU E 498 54.85 -2.61 -40.76
CA LEU E 498 53.59 -1.90 -40.56
C LEU E 498 52.39 -2.84 -40.47
N LYS E 499 52.56 -4.12 -40.83
CA LYS E 499 51.45 -5.05 -40.72
C LYS E 499 51.03 -5.29 -39.28
N VAL E 500 51.83 -4.89 -38.28
CA VAL E 500 51.48 -5.18 -36.89
C VAL E 500 50.28 -4.35 -36.46
N ASP E 501 50.08 -3.17 -37.05
CA ASP E 501 49.05 -2.28 -36.53
C ASP E 501 47.66 -2.90 -36.64
N HIS E 502 47.39 -3.68 -37.69
CA HIS E 502 46.08 -4.32 -37.69
C HIS E 502 46.06 -5.50 -36.72
N ILE E 503 47.09 -6.34 -36.74
CA ILE E 503 47.16 -7.45 -35.79
C ILE E 503 47.02 -6.93 -34.36
N TYR E 504 47.73 -5.84 -34.05
CA TYR E 504 47.59 -5.23 -32.73
C TYR E 504 46.13 -4.91 -32.45
N ASP E 505 45.47 -4.22 -33.38
CA ASP E 505 44.08 -3.83 -33.17
C ASP E 505 43.16 -5.04 -33.08
N ALA E 506 43.31 -6.01 -33.99
CA ALA E 506 42.37 -7.13 -34.03
C ALA E 506 42.54 -8.04 -32.82
N ILE E 507 43.79 -8.37 -32.45
CA ILE E 507 44.03 -9.19 -31.26
C ILE E 507 43.56 -8.47 -30.00
N ARG E 508 43.87 -7.17 -29.86
CA ARG E 508 43.36 -6.39 -28.72
C ARG E 508 41.84 -6.38 -28.70
N ASN E 509 41.22 -6.16 -29.86
CA ASN E 509 39.77 -6.03 -29.85
C ASN E 509 39.12 -7.33 -29.40
N TYR E 510 39.66 -8.48 -29.81
CA TYR E 510 39.02 -9.75 -29.48
C TYR E 510 39.01 -10.00 -27.98
N VAL E 511 40.15 -9.83 -27.33
CA VAL E 511 40.28 -10.11 -25.89
C VAL E 511 39.57 -9.06 -25.05
N THR E 512 39.22 -7.90 -25.59
CA THR E 512 38.53 -6.88 -24.81
C THR E 512 37.06 -6.74 -25.17
N GLN E 513 36.44 -7.77 -25.75
CA GLN E 513 34.99 -7.77 -25.91
C GLN E 513 34.37 -8.29 -24.62
N LYS E 514 33.06 -8.08 -24.47
CA LYS E 514 32.35 -8.76 -23.40
C LYS E 514 32.62 -10.25 -23.50
N PRO E 515 32.92 -10.94 -22.40
CA PRO E 515 33.19 -12.39 -22.49
C PRO E 515 31.95 -13.20 -22.81
N TYR E 516 30.79 -12.77 -22.29
CA TYR E 516 29.49 -13.42 -22.47
C TYR E 516 28.73 -12.76 -23.59
N SER E 517 27.83 -13.53 -24.18
CA SER E 517 27.01 -13.09 -25.29
C SER E 517 25.55 -13.46 -25.06
N LYS E 518 24.65 -12.70 -25.68
CA LYS E 518 23.22 -12.93 -25.59
C LYS E 518 22.62 -13.32 -26.94
N ASP E 519 23.45 -13.76 -27.89
CA ASP E 519 22.92 -14.29 -29.14
C ASP E 519 21.98 -15.44 -28.81
N LYS E 520 20.78 -15.40 -29.41
CA LYS E 520 19.82 -16.50 -29.26
C LYS E 520 19.08 -16.70 -30.57
N PHE E 521 18.44 -17.87 -30.70
CA PHE E 521 17.68 -18.21 -31.91
C PHE E 521 16.29 -18.73 -31.56
N LYS E 522 15.34 -18.48 -32.48
CA LYS E 522 13.94 -18.80 -32.25
C LYS E 522 13.67 -20.30 -32.34
N LEU E 523 12.79 -20.79 -31.50
CA LEU E 523 12.40 -22.19 -31.50
C LEU E 523 11.01 -22.37 -32.10
N TYR E 524 10.89 -23.34 -32.99
CA TYR E 524 9.65 -23.62 -33.70
C TYR E 524 9.06 -24.99 -33.39
N PHE E 525 9.89 -25.94 -32.94
CA PHE E 525 9.43 -27.30 -32.69
C PHE E 525 8.63 -27.79 -33.89
N GLN E 526 9.20 -27.58 -35.08
CA GLN E 526 8.61 -28.06 -36.33
C GLN E 526 7.16 -27.59 -36.52
N ASN E 527 6.87 -26.35 -36.11
CA ASN E 527 5.59 -25.71 -36.42
C ASN E 527 5.84 -24.29 -36.92
N PRO E 528 5.53 -23.99 -38.18
CA PRO E 528 5.73 -22.62 -38.68
C PRO E 528 4.91 -21.56 -37.94
N GLN E 529 3.81 -21.94 -37.26
CA GLN E 529 3.04 -20.98 -36.47
C GLN E 529 3.09 -21.36 -34.98
N PHE E 530 4.22 -21.87 -34.51
CA PHE E 530 4.33 -22.40 -33.15
C PHE E 530 3.96 -21.36 -32.09
N MET E 531 3.14 -21.77 -31.12
CA MET E 531 2.76 -20.92 -30.00
C MET E 531 2.13 -19.62 -30.52
N GLY E 532 1.35 -19.74 -31.60
CA GLY E 532 0.75 -18.57 -32.19
C GLY E 532 -0.28 -17.92 -31.30
N GLY E 533 -1.07 -18.74 -30.57
CA GLY E 533 -2.15 -18.23 -29.76
C GLY E 533 -2.45 -19.17 -28.62
N TRP E 534 -3.35 -18.77 -27.73
CA TRP E 534 -3.62 -19.58 -26.55
C TRP E 534 -5.01 -20.20 -26.55
N ASP E 535 -5.83 -19.91 -27.55
CA ASP E 535 -7.22 -20.38 -27.51
C ASP E 535 -7.27 -21.90 -27.51
N LYS E 536 -8.23 -22.45 -26.77
CA LYS E 536 -8.35 -23.89 -26.69
C LYS E 536 -8.60 -24.51 -28.07
N ASP E 537 -9.40 -23.84 -28.92
CA ASP E 537 -9.67 -24.38 -30.26
C ASP E 537 -8.41 -24.57 -31.08
N LYS E 538 -7.34 -23.86 -30.78
CA LYS E 538 -6.16 -23.94 -31.62
C LYS E 538 -4.98 -24.56 -30.87
N GLU E 539 -5.25 -25.18 -29.70
CA GLU E 539 -4.22 -25.87 -28.93
C GLU E 539 -3.46 -26.85 -29.80
N THR E 540 -4.19 -27.66 -30.58
CA THR E 540 -3.62 -28.65 -31.48
C THR E 540 -2.83 -27.99 -32.61
N ASP E 541 -3.42 -26.95 -33.22
CA ASP E 541 -2.76 -26.24 -34.30
C ASP E 541 -1.42 -25.63 -33.85
N TYR E 542 -1.39 -25.01 -32.66
CA TYR E 542 -0.18 -24.34 -32.21
C TYR E 542 0.78 -25.21 -31.40
N ARG E 543 0.31 -26.35 -30.89
CA ARG E 543 1.14 -27.32 -30.18
C ARG E 543 1.88 -26.71 -28.98
N ALA E 544 1.26 -25.71 -28.33
CA ALA E 544 1.78 -25.12 -27.11
C ALA E 544 0.63 -24.75 -26.19
N THR E 545 0.86 -24.90 -24.89
CA THR E 545 -0.13 -24.45 -23.92
C THR E 545 0.55 -24.31 -22.57
N ILE E 546 -0.23 -23.83 -21.59
CA ILE E 546 0.25 -23.55 -20.24
C ILE E 546 -0.45 -24.47 -19.22
N LEU E 547 0.35 -25.15 -18.39
CA LEU E 547 -0.14 -25.97 -17.30
C LEU E 547 0.30 -25.37 -15.97
N ARG E 548 -0.38 -25.76 -14.90
CA ARG E 548 0.07 -25.27 -13.61
C ARG E 548 -0.09 -26.33 -12.53
N TYR E 549 0.87 -26.37 -11.61
CA TYR E 549 0.86 -27.28 -10.45
C TYR E 549 1.09 -26.44 -9.21
N GLY E 550 0.01 -26.13 -8.50
CA GLY E 550 0.15 -25.25 -7.36
C GLY E 550 0.53 -23.88 -7.84
N SER E 551 1.54 -23.30 -7.21
CA SER E 551 2.03 -21.95 -7.47
C SER E 551 2.99 -21.88 -8.65
N LYS E 552 3.32 -23.03 -9.25
CA LYS E 552 4.32 -23.13 -10.31
C LYS E 552 3.64 -23.37 -11.67
N TYR E 553 4.07 -22.61 -12.69
CA TYR E 553 3.47 -22.63 -14.02
C TYR E 553 4.40 -23.24 -15.07
N TYR E 554 3.82 -23.92 -16.05
CA TYR E 554 4.63 -24.63 -17.04
C TYR E 554 4.18 -24.33 -18.47
N LEU E 555 5.17 -24.20 -19.35
CA LEU E 555 4.93 -24.23 -20.78
C LEU E 555 4.99 -25.69 -21.25
N ALA E 556 3.90 -26.16 -21.85
CA ALA E 556 3.77 -27.54 -22.32
C ALA E 556 3.66 -27.50 -23.83
N ILE E 557 4.54 -28.23 -24.52
CA ILE E 557 4.66 -28.25 -25.98
C ILE E 557 4.44 -29.66 -26.50
N MET E 558 3.50 -29.81 -27.43
CA MET E 558 3.26 -31.09 -28.08
C MET E 558 4.24 -31.31 -29.23
N ASP E 559 4.79 -32.53 -29.30
CA ASP E 559 5.58 -32.96 -30.44
C ASP E 559 4.71 -33.06 -31.70
N LYS E 560 5.35 -32.92 -32.86
CA LYS E 560 4.57 -32.90 -34.10
C LYS E 560 3.82 -34.21 -34.34
N LYS E 561 4.33 -35.33 -33.81
CA LYS E 561 3.69 -36.61 -34.07
C LYS E 561 2.46 -36.86 -33.18
N TYR E 562 2.29 -36.11 -32.09
CA TYR E 562 1.23 -36.35 -31.13
C TYR E 562 0.58 -35.03 -30.70
N ALA E 563 0.02 -34.29 -31.65
CA ALA E 563 -0.51 -32.98 -31.30
C ALA E 563 -1.70 -33.11 -30.35
N LYS E 564 -2.39 -34.24 -30.36
CA LYS E 564 -3.59 -34.34 -29.54
C LYS E 564 -3.36 -35.02 -28.20
N CYS E 565 -2.10 -35.20 -27.78
CA CYS E 565 -1.86 -36.03 -26.61
C CYS E 565 -2.40 -35.43 -25.32
N LEU E 566 -2.68 -34.13 -25.29
CA LEU E 566 -3.32 -33.53 -24.13
C LEU E 566 -4.86 -33.52 -24.22
N GLN E 567 -5.44 -33.96 -25.34
CA GLN E 567 -6.84 -33.61 -25.63
C GLN E 567 -7.82 -34.21 -24.61
N LYS E 568 -7.67 -35.48 -24.24
CA LYS E 568 -8.54 -36.07 -23.22
C LYS E 568 -7.75 -36.85 -22.15
N ILE E 569 -7.54 -36.10 -21.09
CA ILE E 569 -6.89 -36.42 -19.84
C ILE E 569 -7.80 -35.74 -18.83
N ASP E 570 -8.12 -36.43 -17.74
CA ASP E 570 -8.97 -35.85 -16.71
C ASP E 570 -8.78 -36.63 -15.42
N LYS E 571 -8.98 -35.92 -14.32
CA LYS E 571 -9.17 -36.47 -12.99
C LYS E 571 -9.98 -35.38 -12.29
N ASP E 572 -10.78 -35.74 -11.31
CA ASP E 572 -11.61 -34.70 -10.70
C ASP E 572 -11.02 -34.10 -9.42
N ASP E 573 -10.11 -34.83 -8.75
CA ASP E 573 -9.34 -34.27 -7.65
C ASP E 573 -8.05 -33.72 -8.23
N VAL E 574 -7.76 -32.43 -7.96
CA VAL E 574 -6.53 -31.78 -8.44
C VAL E 574 -5.32 -32.12 -7.58
N ASN E 575 -5.53 -32.74 -6.42
CA ASN E 575 -4.41 -33.18 -5.60
C ASN E 575 -3.58 -34.21 -6.35
N GLY E 576 -2.30 -33.91 -6.53
CA GLY E 576 -1.50 -34.73 -7.43
C GLY E 576 -1.99 -34.64 -8.87
N ASN E 577 -2.34 -33.43 -9.32
CA ASN E 577 -2.74 -33.19 -10.70
C ASN E 577 -2.33 -31.80 -11.14
N TYR E 578 -2.12 -31.67 -12.45
CA TYR E 578 -1.89 -30.39 -13.09
C TYR E 578 -3.21 -29.70 -13.36
N GLU E 579 -3.16 -28.48 -13.87
CA GLU E 579 -4.35 -27.85 -14.43
C GLU E 579 -4.02 -27.27 -15.80
N LYS E 580 -4.76 -27.70 -16.81
CA LYS E 580 -4.61 -27.17 -18.16
C LYS E 580 -5.45 -25.89 -18.32
N ILE E 581 -4.86 -24.90 -18.99
CA ILE E 581 -5.56 -23.64 -19.20
C ILE E 581 -6.70 -23.84 -20.18
N ASN E 582 -7.81 -23.14 -19.91
CA ASN E 582 -8.97 -23.06 -20.80
C ASN E 582 -9.10 -21.59 -21.19
N TYR E 583 -8.49 -21.23 -22.31
CA TYR E 583 -8.33 -19.85 -22.74
C TYR E 583 -9.23 -19.59 -23.94
N LYS E 584 -10.12 -18.61 -23.85
CA LYS E 584 -10.98 -18.29 -24.99
C LYS E 584 -10.93 -16.80 -25.33
N LEU E 585 -10.56 -16.48 -26.58
CA LEU E 585 -10.42 -15.11 -27.07
C LEU E 585 -11.11 -14.92 -28.41
N LEU E 586 -11.87 -13.82 -28.53
CA LEU E 586 -12.43 -13.32 -29.78
C LEU E 586 -11.63 -12.08 -30.13
N PRO E 587 -10.71 -12.16 -31.09
CA PRO E 587 -9.64 -11.17 -31.20
C PRO E 587 -10.08 -9.75 -31.55
N GLY E 588 -10.66 -9.52 -32.72
CA GLY E 588 -11.03 -8.17 -33.08
C GLY E 588 -12.41 -8.15 -33.70
N PRO E 589 -13.42 -7.76 -32.92
CA PRO E 589 -14.79 -7.86 -33.43
C PRO E 589 -14.93 -7.17 -34.77
N ASN E 590 -14.23 -6.05 -34.92
CA ASN E 590 -14.28 -5.30 -36.17
C ASN E 590 -13.87 -6.16 -37.35
N LYS E 591 -12.91 -7.06 -37.19
CA LYS E 591 -12.52 -7.87 -38.33
C LYS E 591 -13.16 -9.24 -38.33
N MET E 592 -13.41 -9.83 -37.17
CA MET E 592 -13.78 -11.25 -37.19
C MET E 592 -15.28 -11.49 -37.28
N LEU E 593 -16.12 -10.55 -36.85
CA LEU E 593 -17.54 -10.71 -37.11
C LEU E 593 -17.82 -10.65 -38.61
N PRO E 594 -17.30 -9.68 -39.37
CA PRO E 594 -17.45 -9.76 -40.83
C PRO E 594 -16.78 -10.96 -41.42
N LYS E 595 -15.58 -11.29 -40.91
CA LYS E 595 -14.86 -12.41 -41.47
C LYS E 595 -15.73 -13.65 -41.44
N VAL E 596 -16.33 -13.93 -40.29
CA VAL E 596 -17.06 -15.19 -40.15
C VAL E 596 -18.43 -15.12 -40.82
N PHE E 597 -19.20 -14.08 -40.52
CA PHE E 597 -20.59 -14.06 -40.99
C PHE E 597 -20.70 -13.77 -42.48
N PHE E 598 -19.66 -13.19 -43.09
CA PHE E 598 -19.62 -12.99 -44.52
C PHE E 598 -18.70 -13.98 -45.23
N SER E 599 -18.19 -15.00 -44.53
CA SER E 599 -17.45 -16.09 -45.15
C SER E 599 -18.23 -16.68 -46.32
N LYS E 600 -17.52 -17.41 -47.20
CA LYS E 600 -18.25 -18.35 -48.05
C LYS E 600 -18.73 -19.55 -47.25
N LYS E 601 -18.17 -19.76 -46.06
CA LYS E 601 -18.60 -20.86 -45.20
C LYS E 601 -19.97 -20.62 -44.57
N TRP E 602 -20.31 -19.37 -44.23
CA TRP E 602 -21.52 -19.14 -43.43
C TRP E 602 -22.51 -18.14 -44.03
N MET E 603 -22.08 -17.31 -45.00
CA MET E 603 -23.00 -16.30 -45.52
C MET E 603 -24.26 -16.94 -46.11
N ALA E 604 -24.14 -18.19 -46.60
CA ALA E 604 -25.33 -18.95 -46.95
C ALA E 604 -26.21 -19.15 -45.72
N TYR E 605 -25.62 -19.66 -44.64
CA TYR E 605 -26.38 -20.11 -43.46
C TYR E 605 -27.18 -18.96 -42.81
N TYR E 606 -26.53 -17.86 -42.48
CA TYR E 606 -27.23 -16.65 -42.04
C TYR E 606 -27.56 -15.88 -43.30
N ASN E 607 -28.81 -15.69 -43.59
CA ASN E 607 -29.06 -15.10 -44.90
C ASN E 607 -29.11 -13.59 -44.80
N PRO E 608 -28.00 -12.86 -44.95
CA PRO E 608 -28.07 -11.42 -44.75
C PRO E 608 -28.93 -10.81 -45.82
N SER E 609 -29.87 -9.97 -45.39
CA SER E 609 -30.58 -9.05 -46.27
C SER E 609 -29.62 -8.38 -47.24
N GLU E 610 -30.04 -8.26 -48.52
CA GLU E 610 -29.27 -7.44 -49.46
C GLU E 610 -29.16 -5.99 -49.00
N ASP E 611 -30.13 -5.51 -48.22
CA ASP E 611 -29.96 -4.22 -47.56
C ASP E 611 -28.76 -4.27 -46.63
N ILE E 612 -28.63 -5.36 -45.87
CA ILE E 612 -27.51 -5.50 -44.94
C ILE E 612 -26.20 -5.53 -45.69
N GLN E 613 -26.13 -6.36 -46.73
CA GLN E 613 -24.90 -6.43 -47.53
C GLN E 613 -24.63 -5.09 -48.19
N LYS E 614 -25.67 -4.46 -48.76
CA LYS E 614 -25.48 -3.15 -49.37
C LYS E 614 -24.97 -2.14 -48.36
N ILE E 615 -25.51 -2.16 -47.12
CA ILE E 615 -25.05 -1.14 -46.19
C ILE E 615 -23.70 -1.53 -45.59
N TYR E 616 -23.38 -2.81 -45.51
CA TYR E 616 -22.03 -3.16 -45.10
C TYR E 616 -21.04 -2.73 -46.17
N LYS E 617 -21.33 -3.05 -47.45
CA LYS E 617 -20.41 -2.75 -48.54
C LYS E 617 -20.21 -1.24 -48.72
N ASN E 618 -21.30 -0.47 -48.73
CA ASN E 618 -21.24 0.98 -48.93
C ASN E 618 -20.83 1.72 -47.65
N GLY E 619 -20.81 1.04 -46.51
CA GLY E 619 -20.27 1.60 -45.29
C GLY E 619 -21.14 2.61 -44.56
N THR E 620 -22.47 2.43 -44.59
CA THR E 620 -23.38 3.40 -43.99
C THR E 620 -23.52 3.25 -42.48
N PHE E 621 -22.79 2.34 -41.84
CA PHE E 621 -22.81 2.18 -40.39
C PHE E 621 -21.65 2.86 -39.69
N LYS E 622 -20.64 3.31 -40.45
CA LYS E 622 -19.48 3.97 -39.89
C LYS E 622 -19.72 5.47 -39.88
N LYS E 623 -18.96 6.18 -39.05
CA LYS E 623 -19.15 7.62 -38.98
C LYS E 623 -18.74 8.28 -40.30
N GLY E 624 -19.40 9.39 -40.62
CA GLY E 624 -19.14 10.15 -41.82
C GLY E 624 -20.40 10.56 -42.54
N ASP E 625 -20.22 11.10 -43.75
CA ASP E 625 -21.35 11.66 -44.47
C ASP E 625 -22.35 10.57 -44.82
N MET E 626 -21.85 9.38 -45.08
CA MET E 626 -22.74 8.30 -45.45
C MET E 626 -23.28 7.57 -44.22
N PHE E 627 -23.19 8.19 -43.04
CA PHE E 627 -23.68 7.56 -41.82
C PHE E 627 -25.21 7.58 -41.77
N ASN E 628 -25.81 6.43 -41.43
CA ASN E 628 -27.25 6.31 -41.21
C ASN E 628 -27.45 5.55 -39.89
N LEU E 629 -28.01 6.24 -38.87
CA LEU E 629 -28.02 5.65 -37.53
C LEU E 629 -28.75 4.33 -37.50
N ASN E 630 -29.91 4.24 -38.15
CA ASN E 630 -30.68 3.00 -38.04
C ASN E 630 -30.15 1.93 -39.00
N ASP E 631 -29.42 2.33 -40.04
CA ASP E 631 -28.78 1.30 -40.84
C ASP E 631 -27.64 0.65 -40.06
N CYS E 632 -27.06 1.38 -39.10
CA CYS E 632 -26.00 0.83 -38.24
C CYS E 632 -26.61 -0.10 -37.20
N HIS E 633 -27.75 0.31 -36.62
CA HIS E 633 -28.50 -0.57 -35.73
C HIS E 633 -28.94 -1.85 -36.45
N LYS E 634 -29.37 -1.73 -37.72
CA LYS E 634 -29.80 -2.93 -38.43
C LYS E 634 -28.64 -3.91 -38.62
N LEU E 635 -27.44 -3.38 -38.89
CA LEU E 635 -26.28 -4.24 -39.03
C LEU E 635 -25.93 -4.90 -37.71
N ILE E 636 -25.93 -4.13 -36.63
CA ILE E 636 -25.64 -4.69 -35.31
C ILE E 636 -26.55 -5.87 -35.03
N ASP E 637 -27.85 -5.72 -35.33
CA ASP E 637 -28.80 -6.77 -35.01
C ASP E 637 -28.48 -8.05 -35.76
N PHE E 638 -28.13 -7.93 -37.05
CA PHE E 638 -27.64 -9.09 -37.79
C PHE E 638 -26.52 -9.78 -37.04
N PHE E 639 -25.53 -9.00 -36.59
CA PHE E 639 -24.38 -9.57 -35.90
C PHE E 639 -24.79 -10.23 -34.58
N LYS E 640 -25.71 -9.61 -33.83
CA LYS E 640 -26.07 -10.20 -32.53
C LYS E 640 -26.81 -11.51 -32.72
N ASP E 641 -27.62 -11.60 -33.79
CA ASP E 641 -28.38 -12.81 -34.09
C ASP E 641 -27.50 -13.94 -34.58
N SER E 642 -26.46 -13.59 -35.32
CA SER E 642 -25.58 -14.60 -35.87
C SER E 642 -24.61 -15.08 -34.81
N ILE E 643 -24.21 -14.22 -33.88
CA ILE E 643 -23.44 -14.69 -32.74
C ILE E 643 -24.24 -15.70 -31.93
N SER E 644 -25.54 -15.45 -31.74
CA SER E 644 -26.32 -16.34 -30.90
C SER E 644 -26.44 -17.72 -31.51
N ARG E 645 -26.18 -17.85 -32.82
CA ARG E 645 -26.22 -19.14 -33.51
C ARG E 645 -24.86 -19.56 -34.05
N TYR E 646 -23.79 -18.96 -33.56
CA TYR E 646 -22.42 -19.42 -33.84
C TYR E 646 -21.93 -20.05 -32.53
N PRO E 647 -22.17 -21.34 -32.32
CA PRO E 647 -21.80 -21.97 -31.04
C PRO E 647 -20.38 -21.65 -30.55
N LYS E 648 -19.40 -21.54 -31.45
CA LYS E 648 -18.02 -21.32 -31.03
C LYS E 648 -17.86 -20.07 -30.20
N TRP E 649 -18.77 -19.10 -30.35
CA TRP E 649 -18.76 -17.91 -29.50
C TRP E 649 -19.88 -17.94 -28.49
N SER E 650 -21.12 -18.22 -28.93
CA SER E 650 -22.27 -18.18 -28.02
C SER E 650 -22.02 -19.01 -26.78
N ASN E 651 -21.44 -20.17 -26.93
CA ASN E 651 -21.25 -21.03 -25.77
C ASN E 651 -20.09 -20.52 -24.91
N ALA E 652 -18.99 -20.08 -25.53
CA ALA E 652 -17.77 -19.74 -24.79
C ALA E 652 -17.95 -18.51 -23.91
N TYR E 653 -18.56 -17.47 -24.45
CA TYR E 653 -18.77 -16.20 -23.78
C TYR E 653 -20.25 -15.97 -23.72
N ASP E 654 -20.73 -15.60 -22.56
CA ASP E 654 -22.17 -15.64 -22.39
C ASP E 654 -22.54 -14.15 -22.43
N PHE E 655 -22.86 -13.67 -23.63
CA PHE E 655 -22.93 -12.22 -23.87
C PHE E 655 -24.12 -11.55 -23.19
N ASN E 656 -23.89 -10.29 -22.76
CA ASN E 656 -24.97 -9.46 -22.22
C ASN E 656 -24.81 -8.07 -22.86
N PHE E 657 -25.38 -7.91 -24.06
CA PHE E 657 -25.26 -6.64 -24.74
C PHE E 657 -26.29 -5.63 -24.26
N SER E 658 -25.94 -4.35 -24.42
CA SER E 658 -26.90 -3.27 -24.26
C SER E 658 -27.97 -3.36 -25.34
N GLU E 659 -29.15 -2.80 -25.06
CA GLU E 659 -30.20 -2.77 -26.07
C GLU E 659 -29.70 -2.05 -27.32
N THR E 660 -29.99 -2.63 -28.48
CA THR E 660 -29.35 -2.25 -29.74
C THR E 660 -29.53 -0.78 -30.09
N GLU E 661 -30.49 -0.18 -29.50
CA GLU E 661 -31.12 1.10 -29.78
C GLU E 661 -30.49 2.21 -28.97
N LYS E 662 -29.69 1.84 -27.97
CA LYS E 662 -28.89 2.74 -27.18
C LYS E 662 -27.47 2.86 -27.72
N TYR E 663 -27.13 2.16 -28.81
CA TYR E 663 -25.76 2.27 -29.32
C TYR E 663 -25.64 3.56 -30.12
N LYS E 664 -24.55 4.31 -29.90
CA LYS E 664 -24.32 5.56 -30.62
C LYS E 664 -23.62 5.36 -31.97
N ASP E 665 -22.68 4.42 -32.03
CA ASP E 665 -21.94 4.10 -33.25
C ASP E 665 -21.61 2.61 -33.17
N ILE E 666 -21.10 2.04 -34.27
CA ILE E 666 -20.84 0.62 -34.19
C ILE E 666 -19.72 0.32 -33.17
N ALA E 667 -18.80 1.25 -32.91
CA ALA E 667 -17.77 0.97 -31.92
C ALA E 667 -18.39 0.53 -30.61
N GLY E 668 -19.46 1.21 -30.21
CA GLY E 668 -20.10 0.90 -28.95
C GLY E 668 -20.48 -0.57 -28.80
N PHE E 669 -20.83 -1.23 -29.91
CA PHE E 669 -21.20 -2.64 -29.84
C PHE E 669 -19.95 -3.52 -29.83
N TYR E 670 -19.08 -3.34 -30.82
CA TYR E 670 -17.79 -4.00 -30.88
C TYR E 670 -17.07 -3.95 -29.54
N ARG E 671 -17.09 -2.78 -28.89
CA ARG E 671 -16.42 -2.66 -27.59
C ARG E 671 -17.03 -3.60 -26.56
N GLU E 672 -18.35 -3.86 -26.62
CA GLU E 672 -18.96 -4.82 -25.70
C GLU E 672 -18.52 -6.24 -26.05
N VAL E 673 -18.53 -6.59 -27.35
CA VAL E 673 -17.98 -7.87 -27.77
C VAL E 673 -16.51 -7.98 -27.37
N GLU E 674 -15.73 -6.91 -27.62
CA GLU E 674 -14.30 -6.99 -27.36
C GLU E 674 -14.04 -7.24 -25.87
N GLU E 675 -14.80 -6.54 -25.04
CA GLU E 675 -14.69 -6.66 -23.59
C GLU E 675 -15.08 -8.05 -23.11
N GLN E 676 -16.22 -8.56 -23.58
CA GLN E 676 -16.74 -9.82 -23.10
C GLN E 676 -16.10 -11.03 -23.77
N GLY E 677 -15.45 -10.87 -24.93
CA GLY E 677 -14.96 -12.04 -25.64
C GLY E 677 -13.63 -12.60 -25.16
N TYR E 678 -13.37 -12.61 -23.84
CA TYR E 678 -12.10 -13.09 -23.28
C TYR E 678 -12.37 -13.86 -22.00
N LYS E 679 -11.92 -15.10 -21.92
CA LYS E 679 -12.10 -15.86 -20.69
C LYS E 679 -10.92 -16.78 -20.40
N VAL E 680 -10.48 -16.79 -19.14
CA VAL E 680 -9.42 -17.70 -18.70
C VAL E 680 -9.93 -18.46 -17.48
N SER E 681 -9.72 -19.78 -17.50
CA SER E 681 -10.06 -20.63 -16.39
C SER E 681 -9.11 -21.82 -16.42
N PHE E 682 -9.25 -22.71 -15.46
CA PHE E 682 -8.39 -23.89 -15.45
C PHE E 682 -9.19 -25.15 -15.24
N GLU E 683 -8.84 -26.18 -16.00
CA GLU E 683 -9.40 -27.52 -15.92
C GLU E 683 -8.33 -28.50 -15.45
N SER E 684 -8.79 -29.62 -14.90
CA SER E 684 -7.90 -30.64 -14.32
C SER E 684 -7.27 -31.50 -15.40
N ALA E 685 -6.08 -32.00 -15.11
CA ALA E 685 -5.36 -32.89 -16.00
C ALA E 685 -4.53 -33.87 -15.18
N SER E 686 -4.68 -35.17 -15.45
CA SER E 686 -3.98 -36.21 -14.70
C SER E 686 -2.48 -35.95 -14.67
N LYS E 687 -1.91 -35.86 -13.47
CA LYS E 687 -0.47 -35.61 -13.37
C LYS E 687 0.33 -36.82 -13.81
N LYS E 688 -0.17 -38.04 -13.53
CA LYS E 688 0.50 -39.26 -13.99
C LYS E 688 0.45 -39.36 -15.51
N GLU E 689 -0.72 -39.06 -16.11
CA GLU E 689 -0.89 -39.31 -17.54
C GLU E 689 -0.05 -38.34 -18.38
N VAL E 690 0.06 -37.08 -17.95
CA VAL E 690 0.93 -36.17 -18.68
C VAL E 690 2.38 -36.43 -18.32
N ASP E 691 2.67 -36.66 -17.04
CA ASP E 691 4.06 -36.86 -16.67
C ASP E 691 4.67 -37.99 -17.47
N LYS E 692 3.84 -38.96 -17.88
CA LYS E 692 4.33 -40.07 -18.68
C LYS E 692 4.57 -39.63 -20.13
N LEU E 693 3.67 -38.80 -20.68
CA LEU E 693 3.91 -38.19 -21.99
C LEU E 693 5.28 -37.53 -22.05
N VAL E 694 5.68 -36.89 -20.95
CA VAL E 694 6.98 -36.24 -20.88
C VAL E 694 8.09 -37.28 -20.90
N GLU E 695 7.92 -38.39 -20.16
CA GLU E 695 8.82 -39.53 -20.26
C GLU E 695 8.92 -40.07 -21.66
N GLU E 696 7.74 -40.42 -22.23
CA GLU E 696 7.68 -41.01 -23.55
C GLU E 696 8.24 -40.09 -24.62
N GLY E 697 8.46 -38.81 -24.30
CA GLY E 697 8.90 -37.82 -25.27
C GLY E 697 7.83 -37.34 -26.24
N LYS E 698 6.55 -37.51 -25.92
CA LYS E 698 5.47 -37.02 -26.75
C LYS E 698 5.07 -35.61 -26.36
N LEU E 699 5.50 -35.15 -25.19
CA LEU E 699 5.24 -33.82 -24.66
C LEU E 699 6.55 -33.31 -24.07
N TYR E 700 6.75 -31.99 -24.14
CA TYR E 700 7.92 -31.37 -23.52
C TYR E 700 7.42 -30.35 -22.50
N MET E 701 8.00 -30.37 -21.31
CA MET E 701 7.55 -29.47 -20.25
C MET E 701 8.69 -28.62 -19.72
N PHE E 702 8.43 -27.34 -19.57
CA PHE E 702 9.35 -26.42 -18.95
C PHE E 702 8.63 -25.61 -17.87
N GLN E 703 9.29 -25.43 -16.74
CA GLN E 703 8.76 -24.52 -15.74
C GLN E 703 8.96 -23.10 -16.23
N ILE E 704 7.91 -22.31 -16.17
CA ILE E 704 8.04 -20.88 -16.42
C ILE E 704 8.60 -20.28 -15.14
N TYR E 705 9.76 -19.64 -15.24
CA TYR E 705 10.56 -19.38 -14.06
C TYR E 705 11.27 -18.03 -14.13
N ASN E 706 11.25 -17.33 -12.99
CA ASN E 706 12.31 -16.41 -12.59
C ASN E 706 12.45 -16.54 -11.07
N LYS E 707 13.48 -15.89 -10.51
CA LYS E 707 13.93 -16.20 -9.15
C LYS E 707 12.83 -16.04 -8.10
N ASP E 708 11.81 -15.21 -8.37
CA ASP E 708 10.71 -15.06 -7.42
C ASP E 708 10.01 -16.38 -7.13
N PHE E 709 9.98 -17.29 -8.09
CA PHE E 709 9.34 -18.56 -7.88
C PHE E 709 10.20 -19.53 -7.09
N SER E 710 11.38 -19.14 -6.62
CA SER E 710 12.22 -20.12 -5.96
C SER E 710 11.71 -20.37 -4.57
N ASP E 711 11.92 -21.59 -4.07
CA ASP E 711 11.42 -21.90 -2.74
C ASP E 711 12.13 -21.07 -1.68
N LYS E 712 13.25 -20.46 -2.01
CA LYS E 712 13.99 -19.64 -1.06
C LYS E 712 13.70 -18.15 -1.20
N SER E 713 12.73 -17.77 -2.05
CA SER E 713 12.41 -16.37 -2.27
C SER E 713 11.42 -15.88 -1.22
N HIS E 714 11.82 -14.89 -0.42
CA HIS E 714 10.90 -14.17 0.44
C HIS E 714 11.01 -12.69 0.12
N GLY E 715 9.97 -11.94 0.40
CA GLY E 715 10.04 -10.52 0.15
C GLY E 715 9.58 -10.15 -1.24
N THR E 716 9.68 -8.85 -1.54
CA THR E 716 8.84 -8.27 -2.59
C THR E 716 9.20 -8.85 -3.96
N PRO E 717 8.20 -9.28 -4.73
CA PRO E 717 8.45 -9.84 -6.07
C PRO E 717 8.76 -8.75 -7.07
N ASN E 718 9.26 -9.18 -8.22
CA ASN E 718 9.42 -8.25 -9.34
C ASN E 718 8.05 -7.75 -9.79
N LEU E 719 7.99 -6.50 -10.22
CA LEU E 719 6.73 -6.04 -10.80
C LEU E 719 6.22 -7.05 -11.83
N HIS E 720 7.09 -7.50 -12.74
CA HIS E 720 6.62 -8.39 -13.80
C HIS E 720 6.12 -9.73 -13.28
N THR E 721 6.70 -10.29 -12.20
CA THR E 721 6.12 -11.54 -11.74
C THR E 721 4.71 -11.29 -11.21
N MET E 722 4.48 -10.11 -10.58
CA MET E 722 3.09 -9.83 -10.22
C MET E 722 2.16 -9.87 -11.44
N TYR E 723 2.50 -9.14 -12.51
CA TYR E 723 1.65 -9.12 -13.70
C TYR E 723 1.37 -10.54 -14.18
N PHE E 724 2.42 -11.36 -14.27
CA PHE E 724 2.22 -12.75 -14.65
C PHE E 724 1.19 -13.42 -13.74
N LYS E 725 1.46 -13.53 -12.44
CA LYS E 725 0.53 -14.20 -11.53
C LYS E 725 -0.90 -13.66 -11.69
N LEU E 726 -1.02 -12.34 -11.88
CA LEU E 726 -2.34 -11.75 -11.94
C LEU E 726 -3.11 -12.13 -13.21
N LEU E 727 -2.40 -12.61 -14.24
CA LEU E 727 -3.09 -13.05 -15.46
C LEU E 727 -4.17 -14.07 -15.12
N PHE E 728 -3.88 -14.95 -14.17
CA PHE E 728 -4.77 -16.06 -13.83
C PHE E 728 -5.52 -15.84 -12.53
N ASP E 729 -5.44 -14.64 -11.95
CA ASP E 729 -6.14 -14.38 -10.70
C ASP E 729 -7.62 -14.10 -10.96
N GLU E 730 -8.50 -14.68 -10.12
CA GLU E 730 -9.94 -14.45 -10.27
C GLU E 730 -10.28 -12.97 -10.11
N ASN E 731 -9.48 -12.24 -9.33
CA ASN E 731 -9.72 -10.81 -9.10
C ASN E 731 -9.34 -9.93 -10.28
N ASN E 732 -8.62 -10.47 -11.26
CA ASN E 732 -8.29 -9.78 -12.50
C ASN E 732 -9.48 -9.93 -13.42
N HIS E 733 -10.25 -8.87 -13.58
CA HIS E 733 -11.46 -8.90 -14.40
C HIS E 733 -11.19 -8.34 -15.79
N GLY E 734 -10.09 -8.77 -16.38
CA GLY E 734 -9.70 -8.31 -17.70
C GLY E 734 -8.80 -7.09 -17.70
N GLN E 735 -8.38 -6.61 -16.54
CA GLN E 735 -7.46 -5.48 -16.54
C GLN E 735 -6.13 -5.84 -17.19
N ILE E 736 -5.64 -7.07 -16.97
CA ILE E 736 -4.46 -7.56 -17.67
C ILE E 736 -4.82 -8.87 -18.37
N ARG E 737 -4.74 -8.88 -19.70
CA ARG E 737 -5.00 -10.09 -20.47
C ARG E 737 -3.69 -10.73 -20.89
N LEU E 738 -3.70 -12.08 -20.96
CA LEU E 738 -2.59 -12.85 -21.48
C LEU E 738 -2.75 -12.91 -22.99
N SER E 739 -1.76 -12.44 -23.70
CA SER E 739 -1.93 -12.26 -25.13
C SER E 739 -1.22 -13.34 -25.91
N GLY E 740 -1.49 -13.36 -27.22
CA GLY E 740 -0.83 -14.29 -28.12
C GLY E 740 0.54 -13.77 -28.57
N GLY E 741 1.12 -14.49 -29.52
CA GLY E 741 2.44 -14.10 -30.01
C GLY E 741 3.54 -14.35 -29.02
N ALA E 742 3.44 -15.40 -28.22
CA ALA E 742 4.58 -15.79 -27.40
C ALA E 742 5.75 -16.24 -28.26
N GLU E 743 6.93 -16.22 -27.69
CA GLU E 743 8.11 -16.72 -28.40
C GLU E 743 8.99 -17.47 -27.44
N LEU E 744 9.61 -18.55 -27.92
CA LEU E 744 10.53 -19.34 -27.10
C LEU E 744 11.90 -19.33 -27.75
N PHE E 745 12.93 -18.97 -26.98
CA PHE E 745 14.27 -18.84 -27.51
C PHE E 745 15.23 -19.79 -26.81
N MET E 746 16.35 -20.06 -27.47
CA MET E 746 17.44 -20.79 -26.85
C MET E 746 18.66 -19.90 -26.90
N ARG E 747 19.29 -19.70 -25.76
CA ARG E 747 20.49 -18.90 -25.65
C ARG E 747 21.61 -19.85 -25.20
N ARG E 748 22.49 -20.22 -26.12
CA ARG E 748 23.60 -21.07 -25.76
C ARG E 748 24.48 -20.37 -24.72
N ALA E 749 25.08 -21.17 -23.84
CA ALA E 749 26.03 -20.60 -22.88
C ALA E 749 27.19 -19.94 -23.61
N SER E 750 27.70 -18.85 -23.04
CA SER E 750 28.86 -18.15 -23.58
C SER E 750 30.07 -18.13 -22.65
N LEU E 751 29.97 -18.72 -21.47
CA LEU E 751 31.09 -18.90 -20.56
C LEU E 751 31.06 -20.35 -20.10
N LYS E 752 32.09 -20.79 -19.39
CA LYS E 752 31.98 -22.05 -18.67
C LYS E 752 32.37 -21.84 -17.21
N LYS E 753 31.79 -22.64 -16.32
CA LYS E 753 31.86 -22.37 -14.88
C LYS E 753 33.30 -22.18 -14.38
N GLU E 754 34.22 -23.04 -14.83
CA GLU E 754 35.61 -22.98 -14.35
C GLU E 754 36.27 -21.63 -14.65
N GLU E 755 35.81 -20.92 -15.67
CA GLU E 755 36.41 -19.61 -15.89
C GLU E 755 35.70 -18.52 -15.11
N LEU E 756 34.52 -18.81 -14.55
CA LEU E 756 33.76 -17.79 -13.83
C LEU E 756 34.52 -17.30 -12.61
N VAL E 757 34.54 -15.98 -12.44
CA VAL E 757 35.01 -15.43 -11.17
C VAL E 757 34.14 -15.99 -10.04
N VAL E 758 34.78 -16.38 -8.94
CA VAL E 758 34.05 -17.04 -7.88
C VAL E 758 34.41 -16.44 -6.52
N HIS E 759 33.43 -16.49 -5.61
CA HIS E 759 33.68 -16.38 -4.18
C HIS E 759 33.41 -17.75 -3.57
N PRO E 760 34.43 -18.54 -3.22
CA PRO E 760 34.18 -19.91 -2.81
C PRO E 760 33.57 -19.96 -1.42
N ALA E 761 32.79 -21.01 -1.19
CA ALA E 761 32.04 -21.16 0.07
C ALA E 761 32.98 -21.16 1.28
N ASN E 762 32.48 -20.59 2.37
CA ASN E 762 33.11 -20.58 3.68
C ASN E 762 34.34 -19.67 3.74
N SER E 763 34.69 -19.02 2.65
CA SER E 763 35.60 -17.91 2.84
C SER E 763 34.81 -16.60 2.96
N PRO E 764 35.16 -15.70 3.88
CA PRO E 764 34.37 -14.47 4.06
C PRO E 764 34.47 -13.57 2.84
N ILE E 765 33.30 -13.15 2.34
CA ILE E 765 33.19 -12.21 1.23
C ILE E 765 32.96 -10.83 1.82
N ALA E 766 33.59 -9.80 1.25
CA ALA E 766 33.46 -8.50 1.91
C ALA E 766 32.18 -7.79 1.49
N ASN E 767 31.51 -7.16 2.45
CA ASN E 767 30.32 -6.36 2.17
C ASN E 767 30.76 -4.96 1.78
N LYS E 768 30.07 -4.37 0.80
CA LYS E 768 30.58 -3.13 0.19
C LYS E 768 30.00 -1.87 0.78
N ASN E 769 29.01 -1.96 1.66
CA ASN E 769 28.44 -0.76 2.28
C ASN E 769 29.15 -0.50 3.60
N PRO E 770 29.81 0.64 3.77
CA PRO E 770 30.61 0.85 4.98
C PRO E 770 29.76 1.21 6.19
N ASP E 771 28.50 1.62 5.98
CA ASP E 771 27.58 1.93 7.07
C ASP E 771 27.01 0.70 7.76
N ASN E 772 27.21 -0.49 7.19
CA ASN E 772 26.67 -1.72 7.75
C ASN E 772 27.70 -2.37 8.66
N PRO E 773 27.44 -2.50 9.97
CA PRO E 773 28.45 -3.04 10.90
C PRO E 773 28.74 -4.52 10.71
N LYS E 774 28.01 -5.19 9.81
CA LYS E 774 28.33 -6.54 9.35
C LYS E 774 29.21 -6.38 8.12
N LYS E 775 30.52 -6.40 8.32
CA LYS E 775 31.44 -6.12 7.23
C LYS E 775 31.71 -7.34 6.36
N THR E 776 30.99 -8.42 6.59
CA THR E 776 31.36 -9.72 6.04
C THR E 776 30.11 -10.54 5.89
N THR E 777 30.06 -11.34 4.84
CA THR E 777 29.12 -12.44 4.74
C THR E 777 29.91 -13.72 4.47
N THR E 778 29.45 -14.82 5.08
CA THR E 778 30.12 -16.11 4.96
C THR E 778 29.08 -17.12 4.53
N LEU E 779 29.18 -17.60 3.29
CA LEU E 779 28.14 -18.47 2.77
C LEU E 779 28.62 -19.90 2.57
N SER E 780 27.65 -20.82 2.60
CA SER E 780 27.96 -22.23 2.53
C SER E 780 27.93 -22.78 1.11
N TYR E 781 27.92 -21.92 0.09
CA TYR E 781 27.92 -22.35 -1.30
C TYR E 781 28.71 -21.35 -2.12
N ASP E 782 29.12 -21.77 -3.30
CA ASP E 782 29.83 -20.85 -4.16
C ASP E 782 28.85 -19.83 -4.74
N VAL E 783 29.35 -18.63 -4.97
CA VAL E 783 28.67 -17.63 -5.79
C VAL E 783 29.60 -17.31 -6.96
N TYR E 784 29.03 -17.19 -8.15
CA TYR E 784 29.80 -17.04 -9.38
C TYR E 784 29.34 -15.76 -10.06
N LYS E 785 30.27 -14.98 -10.58
CA LYS E 785 29.86 -13.85 -11.42
C LYS E 785 29.32 -14.38 -12.76
N ASP E 786 28.27 -13.73 -13.27
CA ASP E 786 27.74 -14.06 -14.59
C ASP E 786 27.39 -15.53 -14.74
N LYS E 787 27.10 -16.21 -13.61
CA LYS E 787 26.73 -17.63 -13.68
C LYS E 787 25.64 -17.88 -14.71
N ARG E 788 24.68 -16.95 -14.82
CA ARG E 788 23.52 -17.19 -15.70
C ARG E 788 23.92 -17.45 -17.16
N PHE E 789 25.14 -17.10 -17.58
CA PHE E 789 25.60 -17.32 -18.94
C PHE E 789 26.47 -18.58 -19.09
N SER E 790 26.65 -19.36 -18.02
CA SER E 790 27.45 -20.58 -18.06
C SER E 790 26.61 -21.82 -18.36
N GLU E 791 25.36 -21.66 -18.77
CA GLU E 791 24.46 -22.78 -19.02
C GLU E 791 23.60 -22.40 -20.20
N ASP E 792 23.23 -23.37 -21.04
CA ASP E 792 22.22 -23.07 -22.04
C ASP E 792 20.93 -22.64 -21.33
N GLN E 793 20.17 -21.73 -21.95
CA GLN E 793 18.98 -21.25 -21.28
C GLN E 793 17.85 -20.97 -22.27
N TYR E 794 16.68 -21.55 -22.03
CA TYR E 794 15.50 -21.20 -22.82
C TYR E 794 14.86 -19.92 -22.29
N GLU E 795 14.58 -18.98 -23.19
CA GLU E 795 13.88 -17.75 -22.84
C GLU E 795 12.47 -17.80 -23.42
N LEU E 796 11.47 -17.47 -22.61
CA LEU E 796 10.09 -17.41 -23.05
C LEU E 796 9.65 -15.96 -22.94
N HIS E 797 9.12 -15.42 -24.02
CA HIS E 797 8.63 -14.04 -24.08
C HIS E 797 7.13 -14.07 -24.23
N ILE E 798 6.43 -13.35 -23.34
CA ILE E 798 4.99 -13.42 -23.22
C ILE E 798 4.38 -12.04 -23.31
N PRO E 799 3.62 -11.71 -24.33
CA PRO E 799 2.97 -10.41 -24.36
C PRO E 799 1.73 -10.37 -23.49
N ILE E 800 1.59 -9.27 -22.77
CA ILE E 800 0.39 -9.05 -21.98
C ILE E 800 -0.19 -7.76 -22.51
N ALA E 801 -1.46 -7.55 -22.19
CA ALA E 801 -2.23 -6.41 -22.67
C ALA E 801 -2.94 -5.80 -21.48
N ILE E 802 -2.56 -4.57 -21.15
CA ILE E 802 -3.06 -3.86 -19.98
C ILE E 802 -4.15 -2.90 -20.44
N ASN E 803 -5.30 -2.93 -19.74
CA ASN E 803 -6.39 -1.98 -20.00
C ASN E 803 -6.92 -2.09 -21.44
N LYS E 804 -7.12 -3.32 -21.91
CA LYS E 804 -7.57 -3.56 -23.29
C LYS E 804 -8.91 -2.90 -23.58
N CYS E 805 -9.74 -2.66 -22.56
CA CYS E 805 -11.03 -2.02 -22.74
C CYS E 805 -11.09 -0.85 -21.78
N PRO E 806 -10.58 0.31 -22.17
CA PRO E 806 -10.59 1.46 -21.25
C PRO E 806 -11.98 2.05 -21.13
N LYS E 807 -12.34 2.46 -19.92
CA LYS E 807 -13.60 3.17 -19.74
C LYS E 807 -13.40 4.66 -19.50
N ASN E 808 -12.26 5.05 -18.92
CA ASN E 808 -12.03 6.46 -18.58
C ASN E 808 -11.36 7.18 -19.76
N ILE E 809 -12.11 7.24 -20.86
CA ILE E 809 -11.63 7.89 -22.06
C ILE E 809 -11.86 9.38 -21.93
N PHE E 810 -10.76 10.14 -21.96
CA PHE E 810 -10.81 11.59 -22.16
C PHE E 810 -9.45 12.01 -22.63
N LYS E 811 -9.34 13.26 -23.07
CA LYS E 811 -8.03 13.79 -23.40
C LYS E 811 -7.28 13.98 -22.08
N ILE E 812 -6.15 13.30 -21.93
CA ILE E 812 -5.49 13.29 -20.64
C ILE E 812 -5.02 14.69 -20.27
N ASN E 813 -4.40 15.39 -21.23
CA ASN E 813 -3.89 16.72 -20.92
C ASN E 813 -4.97 17.66 -20.39
N THR E 814 -6.18 17.64 -20.96
CA THR E 814 -7.16 18.61 -20.49
C THR E 814 -7.73 18.22 -19.13
N GLU E 815 -7.71 16.92 -18.78
CA GLU E 815 -8.14 16.51 -17.45
C GLU E 815 -7.22 17.05 -16.35
N VAL E 816 -5.90 16.89 -16.53
CA VAL E 816 -5.02 17.43 -15.50
C VAL E 816 -5.19 18.95 -15.42
N ARG E 817 -5.53 19.61 -16.54
CA ARG E 817 -5.75 21.05 -16.52
C ARG E 817 -6.98 21.43 -15.71
N VAL E 818 -8.12 20.74 -15.92
CA VAL E 818 -9.28 21.09 -15.10
C VAL E 818 -8.95 20.84 -13.63
N LEU E 819 -8.36 19.68 -13.35
CA LEU E 819 -8.07 19.31 -11.97
C LEU E 819 -7.14 20.29 -11.32
N LEU E 820 -6.10 20.72 -12.05
CA LEU E 820 -5.19 21.71 -11.48
C LEU E 820 -5.94 23.00 -11.21
N LYS E 821 -6.84 23.36 -12.13
CA LYS E 821 -7.58 24.61 -11.97
C LYS E 821 -8.35 24.62 -10.66
N HIS E 822 -8.97 23.50 -10.31
CA HIS E 822 -9.84 23.43 -9.15
C HIS E 822 -9.16 22.81 -7.93
N ASP E 823 -7.84 22.70 -7.91
CA ASP E 823 -7.11 22.19 -6.75
C ASP E 823 -6.58 23.36 -5.94
N ASP E 824 -7.03 23.47 -4.69
CA ASP E 824 -6.65 24.62 -3.84
C ASP E 824 -5.14 24.69 -3.58
N ASN E 825 -4.47 23.52 -3.45
CA ASN E 825 -3.04 23.46 -3.14
C ASN E 825 -2.35 22.39 -3.97
N PRO E 826 -2.18 22.64 -5.28
CA PRO E 826 -1.53 21.64 -6.13
C PRO E 826 -0.02 21.77 -6.02
N TYR E 827 0.64 20.67 -5.66
CA TYR E 827 2.08 20.67 -5.51
C TYR E 827 2.73 20.45 -6.88
N VAL E 828 3.97 20.92 -6.99
CA VAL E 828 4.76 20.75 -8.19
C VAL E 828 6.14 20.23 -7.79
N ILE E 829 6.64 19.26 -8.55
CA ILE E 829 8.01 18.78 -8.46
C ILE E 829 8.77 19.36 -9.63
N GLY E 830 9.78 20.16 -9.34
CA GLY E 830 10.70 20.68 -10.35
C GLY E 830 11.98 19.90 -10.36
N ILE E 831 12.40 19.44 -11.55
CA ILE E 831 13.55 18.56 -11.71
C ILE E 831 14.57 19.24 -12.60
N ASP E 832 15.80 19.31 -12.13
CA ASP E 832 16.80 20.21 -12.70
C ASP E 832 18.10 19.47 -12.96
N ARG E 833 18.79 19.94 -14.01
CA ARG E 833 20.07 19.42 -14.46
C ARG E 833 21.15 20.45 -14.19
N GLY E 834 22.23 20.02 -13.56
CA GLY E 834 23.43 20.84 -13.46
C GLY E 834 24.65 19.98 -13.69
N GLU E 835 25.71 20.60 -14.19
CA GLU E 835 26.96 19.85 -14.39
C GLU E 835 27.46 19.29 -13.05
N ARG E 836 27.29 20.07 -11.97
CA ARG E 836 27.67 19.65 -10.63
C ARG E 836 26.83 18.48 -10.10
N ASN E 837 25.51 18.51 -10.31
CA ASN E 837 24.57 17.50 -9.83
C ASN E 837 23.82 16.88 -11.00
N LEU E 838 23.86 15.55 -11.11
CA LEU E 838 23.20 14.90 -12.24
C LEU E 838 21.74 15.31 -12.31
N LEU E 839 21.08 15.32 -11.16
CA LEU E 839 19.70 15.82 -11.06
C LEU E 839 19.53 16.46 -9.70
N TYR E 840 18.86 17.60 -9.67
CA TYR E 840 18.49 18.27 -8.43
C TYR E 840 16.98 18.47 -8.43
N ILE E 841 16.39 18.38 -7.25
CA ILE E 841 14.95 18.23 -7.12
C ILE E 841 14.43 19.19 -6.07
N VAL E 842 13.34 19.89 -6.38
CA VAL E 842 12.64 20.71 -5.39
C VAL E 842 11.14 20.42 -5.49
N VAL E 843 10.51 20.19 -4.34
CA VAL E 843 9.06 20.08 -4.26
C VAL E 843 8.54 21.33 -3.57
N VAL E 844 7.59 22.01 -4.22
CA VAL E 844 6.90 23.20 -3.70
C VAL E 844 5.42 22.90 -3.63
N ASP E 845 4.72 23.54 -2.67
CA ASP E 845 3.27 23.42 -2.55
C ASP E 845 2.63 24.45 -3.47
N GLY E 846 1.32 24.57 -3.42
CA GLY E 846 0.65 25.47 -4.35
C GLY E 846 0.90 26.94 -4.11
N LYS E 847 1.70 27.29 -3.10
CA LYS E 847 2.10 28.66 -2.91
C LYS E 847 3.59 28.85 -3.10
N GLY E 848 4.31 27.81 -3.52
CA GLY E 848 5.73 27.95 -3.76
C GLY E 848 6.60 27.79 -2.54
N ASN E 849 6.02 27.35 -1.44
CA ASN E 849 6.81 27.03 -0.27
C ASN E 849 7.65 25.80 -0.57
N ILE E 850 8.96 25.88 -0.34
CA ILE E 850 9.80 24.71 -0.57
C ILE E 850 9.52 23.66 0.49
N VAL E 851 9.06 22.50 0.05
CA VAL E 851 8.76 21.37 0.92
C VAL E 851 9.92 20.37 0.97
N GLU E 852 10.62 20.19 -0.14
CA GLU E 852 11.79 19.33 -0.15
C GLU E 852 12.80 19.91 -1.15
N GLN E 853 14.09 19.69 -0.88
CA GLN E 853 15.11 20.04 -1.86
C GLN E 853 16.36 19.22 -1.56
N TYR E 854 16.85 18.50 -2.57
CA TYR E 854 18.06 17.70 -2.39
C TYR E 854 18.61 17.29 -3.75
N SER E 855 19.87 16.88 -3.73
CA SER E 855 20.55 16.41 -4.91
C SER E 855 20.25 14.94 -5.13
N LEU E 856 20.02 14.57 -6.39
CA LEU E 856 19.86 13.16 -6.71
C LEU E 856 21.16 12.52 -7.16
N ASN E 857 22.30 13.11 -6.79
CA ASN E 857 23.57 12.49 -7.10
C ASN E 857 23.70 11.15 -6.38
N GLU E 858 23.25 11.09 -5.12
CA GLU E 858 23.26 9.85 -4.36
C GLU E 858 21.83 9.39 -4.14
N ILE E 859 21.63 8.10 -4.38
CA ILE E 859 20.34 7.46 -4.14
C ILE E 859 20.37 6.84 -2.75
N ILE E 860 19.43 7.28 -1.91
CA ILE E 860 19.23 6.71 -0.58
C ILE E 860 18.18 5.64 -0.71
N ASN E 861 18.43 4.49 -0.11
CA ASN E 861 17.41 3.45 0.03
C ASN E 861 17.64 2.82 1.36
N ASN E 862 16.56 2.49 2.04
CA ASN E 862 16.60 1.77 3.31
C ASN E 862 15.73 0.54 3.21
N PHE E 863 16.33 -0.61 3.48
CA PHE E 863 15.53 -1.73 3.97
C PHE E 863 16.30 -2.52 4.99
N ASN E 864 15.49 -3.07 5.91
CA ASN E 864 15.85 -3.75 7.13
C ASN E 864 16.76 -2.88 8.00
N GLY E 865 16.35 -1.62 8.24
CA GLY E 865 17.10 -0.71 9.07
C GLY E 865 18.46 -0.34 8.51
N ILE E 866 18.88 -0.97 7.42
CA ILE E 866 20.17 -0.70 6.79
C ILE E 866 19.97 0.45 5.81
N ARG E 867 20.43 1.64 6.18
CA ARG E 867 20.40 2.74 5.23
C ARG E 867 21.66 2.65 4.36
N ILE E 868 21.48 2.58 3.05
CA ILE E 868 22.60 2.60 2.10
C ILE E 868 22.47 3.83 1.21
N LYS E 869 23.61 4.47 0.96
CA LYS E 869 23.71 5.59 0.05
C LYS E 869 24.61 5.13 -1.08
N THR E 870 24.20 5.38 -2.32
CA THR E 870 24.97 4.97 -3.48
C THR E 870 25.28 6.20 -4.31
N ASP E 871 26.54 6.63 -4.28
CA ASP E 871 26.89 7.84 -5.01
C ASP E 871 27.01 7.43 -6.48
N TYR E 872 25.92 7.59 -7.23
CA TYR E 872 26.00 7.28 -8.64
C TYR E 872 26.86 8.29 -9.39
N HIS E 873 27.10 9.47 -8.82
CA HIS E 873 27.95 10.44 -9.48
C HIS E 873 29.38 9.92 -9.59
N SER E 874 29.97 9.50 -8.47
CA SER E 874 31.29 8.88 -8.49
C SER E 874 31.34 7.70 -9.46
N LEU E 875 30.40 6.77 -9.33
CA LEU E 875 30.36 5.62 -10.22
C LEU E 875 30.34 6.06 -11.68
N LEU E 876 29.48 7.02 -12.01
CA LEU E 876 29.30 7.38 -13.41
C LEU E 876 30.59 7.90 -14.05
N ASP E 877 31.36 8.71 -13.31
CA ASP E 877 32.64 9.19 -13.86
C ASP E 877 33.75 8.16 -13.70
N LYS E 878 33.72 7.36 -12.62
CA LYS E 878 34.73 6.32 -12.49
C LYS E 878 34.64 5.35 -13.66
N LYS E 879 33.43 4.88 -13.96
CA LYS E 879 33.24 3.95 -15.08
C LYS E 879 33.48 4.66 -16.41
N GLU E 880 33.28 5.99 -16.42
CA GLU E 880 33.68 6.80 -17.58
C GLU E 880 35.15 6.60 -17.94
N LYS E 881 36.04 6.61 -16.94
CA LYS E 881 37.47 6.57 -17.20
C LYS E 881 37.97 5.19 -17.61
N GLU E 882 37.35 4.12 -17.13
CA GLU E 882 37.74 2.79 -17.57
C GLU E 882 37.33 2.50 -19.01
N ARG E 883 36.40 3.27 -19.58
CA ARG E 883 36.10 3.03 -20.99
C ARG E 883 37.23 3.55 -21.89
N PHE E 884 37.91 4.65 -21.53
CA PHE E 884 39.17 5.00 -22.22
C PHE E 884 40.39 4.32 -21.57
N GLU E 885 40.32 3.97 -20.27
CA GLU E 885 41.43 3.24 -19.66
C GLU E 885 41.53 1.82 -20.22
N ALA E 886 40.40 1.14 -20.41
CA ALA E 886 40.42 -0.20 -20.97
C ALA E 886 40.72 -0.20 -22.47
N ARG E 887 40.40 0.90 -23.18
CA ARG E 887 40.34 0.92 -24.64
C ARG E 887 41.62 0.41 -25.30
N GLN E 888 42.77 0.92 -24.87
CA GLN E 888 44.16 0.53 -25.12
C GLN E 888 44.79 -0.39 -24.07
N ASN E 889 44.17 -0.58 -22.91
CA ASN E 889 44.79 -1.35 -21.83
C ASN E 889 44.48 -2.84 -21.81
N TRP E 890 43.76 -3.36 -22.79
CA TRP E 890 43.50 -4.81 -22.90
C TRP E 890 42.73 -5.38 -21.71
N THR E 891 41.73 -4.61 -21.23
CA THR E 891 40.72 -5.07 -20.28
C THR E 891 39.36 -5.01 -20.96
N SER E 892 38.43 -5.87 -20.54
CA SER E 892 37.14 -5.95 -21.23
C SER E 892 36.41 -4.61 -21.22
N ILE E 893 35.73 -4.29 -22.32
CA ILE E 893 34.96 -3.05 -22.42
C ILE E 893 34.01 -2.95 -21.23
N GLU E 894 34.02 -1.79 -20.58
CA GLU E 894 33.01 -1.50 -19.56
C GLU E 894 31.76 -0.88 -20.17
N ASN E 895 30.61 -1.45 -19.84
CA ASN E 895 29.29 -1.04 -20.32
C ASN E 895 28.79 0.15 -19.49
N ILE E 896 28.65 1.33 -20.13
CA ILE E 896 28.21 2.49 -19.36
C ILE E 896 26.77 2.89 -19.66
N LYS E 897 26.25 2.48 -20.83
CA LYS E 897 24.81 2.61 -21.06
C LYS E 897 24.03 2.08 -19.88
N GLU E 898 24.44 0.92 -19.33
CA GLU E 898 23.57 0.25 -18.37
C GLU E 898 23.76 0.80 -16.96
N LEU E 899 24.92 1.36 -16.62
CA LEU E 899 25.01 2.09 -15.36
C LEU E 899 24.06 3.29 -15.37
N LYS E 900 23.97 3.99 -16.51
CA LYS E 900 22.99 5.06 -16.60
C LYS E 900 21.59 4.50 -16.40
N ALA E 901 21.25 3.46 -17.16
CA ALA E 901 19.92 2.88 -17.03
C ALA E 901 19.62 2.50 -15.59
N GLY E 902 20.63 1.96 -14.89
CA GLY E 902 20.43 1.55 -13.51
C GLY E 902 20.12 2.73 -12.61
N TYR E 903 20.91 3.81 -12.77
CA TYR E 903 20.65 5.02 -11.99
C TYR E 903 19.28 5.61 -12.32
N ILE E 904 18.93 5.67 -13.62
CA ILE E 904 17.62 6.21 -13.98
C ILE E 904 16.52 5.40 -13.33
N SER E 905 16.68 4.06 -13.28
CA SER E 905 15.66 3.24 -12.64
C SER E 905 15.47 3.66 -11.18
N GLN E 906 16.57 3.90 -10.47
CA GLN E 906 16.47 4.33 -9.09
C GLN E 906 15.77 5.68 -9.00
N VAL E 907 16.15 6.61 -9.87
CA VAL E 907 15.49 7.91 -9.90
C VAL E 907 14.00 7.75 -10.14
N VAL E 908 13.63 6.93 -11.13
CA VAL E 908 12.22 6.83 -11.53
C VAL E 908 11.37 6.33 -10.38
N HIS E 909 11.86 5.33 -9.65
CA HIS E 909 11.18 4.92 -8.43
C HIS E 909 11.06 6.10 -7.46
N LYS E 910 12.10 6.95 -7.41
CA LYS E 910 12.08 8.06 -6.45
C LYS E 910 11.05 9.10 -6.85
N ILE E 911 10.98 9.43 -8.14
CA ILE E 911 9.99 10.41 -8.60
C ILE E 911 8.57 9.89 -8.39
N CYS E 912 8.31 8.62 -8.74
CA CYS E 912 6.92 8.17 -8.59
C CYS E 912 6.49 8.12 -7.14
N GLU E 913 7.44 7.94 -6.23
CA GLU E 913 7.06 8.00 -4.83
C GLU E 913 6.75 9.43 -4.42
N LEU E 914 7.46 10.42 -5.00
CA LEU E 914 7.16 11.82 -4.71
C LEU E 914 5.81 12.21 -5.28
N VAL E 915 5.51 11.78 -6.51
CA VAL E 915 4.26 12.14 -7.14
C VAL E 915 3.07 11.66 -6.30
N GLU E 916 3.11 10.39 -5.88
CA GLU E 916 2.02 9.86 -5.05
C GLU E 916 1.97 10.54 -3.69
N LYS E 917 3.13 10.82 -3.10
CA LYS E 917 3.15 11.45 -1.79
C LYS E 917 2.41 12.79 -1.82
N TYR E 918 2.73 13.60 -2.80
CA TYR E 918 2.28 14.97 -2.85
C TYR E 918 1.18 15.24 -3.89
N ASP E 919 0.70 14.21 -4.59
CA ASP E 919 -0.27 14.42 -5.66
C ASP E 919 0.24 15.52 -6.56
N ALA E 920 1.48 15.37 -6.99
CA ALA E 920 2.25 16.45 -7.57
C ALA E 920 2.39 16.27 -9.08
N VAL E 921 2.55 17.38 -9.79
CA VAL E 921 2.84 17.34 -11.22
C VAL E 921 4.33 17.56 -11.38
N ILE E 922 4.85 17.23 -12.55
CA ILE E 922 6.29 17.27 -12.77
C ILE E 922 6.62 18.46 -13.65
N ALA E 923 7.69 19.17 -13.31
CA ALA E 923 8.20 20.29 -14.10
C ALA E 923 9.62 19.95 -14.55
N LEU E 924 9.83 19.83 -15.86
CA LEU E 924 11.09 19.41 -16.46
C LEU E 924 11.80 20.54 -17.21
N GLU E 925 13.13 20.48 -17.20
CA GLU E 925 13.95 21.46 -17.91
C GLU E 925 13.93 21.16 -19.41
N ASP E 926 13.44 22.11 -20.22
CA ASP E 926 13.68 22.03 -21.67
C ASP E 926 15.17 21.87 -21.93
N LEU E 927 15.51 20.99 -22.86
CA LEU E 927 16.90 20.56 -22.97
C LEU E 927 17.53 21.01 -24.28
N ASN E 928 18.78 21.47 -24.17
CA ASN E 928 19.53 22.00 -25.30
C ASN E 928 20.02 20.86 -26.19
N SER E 929 19.99 21.11 -27.50
CA SER E 929 20.65 20.24 -28.48
C SER E 929 22.17 20.24 -28.33
N GLY E 930 22.76 21.37 -27.93
CA GLY E 930 24.21 21.52 -27.98
C GLY E 930 24.92 20.71 -26.91
N PHE E 931 26.21 20.43 -27.15
CA PHE E 931 27.05 19.77 -26.16
C PHE E 931 28.38 20.51 -26.05
N LYS E 932 28.85 20.69 -24.82
CA LYS E 932 29.93 21.63 -24.49
C LYS E 932 31.17 20.86 -24.06
N ASN E 933 30.99 19.96 -23.11
CA ASN E 933 32.00 19.06 -22.58
C ASN E 933 31.42 17.66 -22.76
N SER E 934 32.28 16.64 -22.90
CA SER E 934 31.82 15.27 -23.10
C SER E 934 31.55 14.56 -21.77
N ARG E 935 32.03 15.13 -20.65
CA ARG E 935 31.60 14.67 -19.32
C ARG E 935 30.16 15.10 -19.03
N VAL E 936 29.75 16.25 -19.59
CA VAL E 936 28.34 16.65 -19.54
C VAL E 936 27.58 16.06 -20.75
N LYS E 937 28.27 15.56 -21.80
CA LYS E 937 27.55 14.71 -22.75
C LYS E 937 26.90 13.53 -22.04
N VAL E 938 27.68 12.77 -21.27
CA VAL E 938 27.06 11.65 -20.55
C VAL E 938 25.93 12.15 -19.65
N GLU E 939 26.02 13.36 -19.12
CA GLU E 939 24.93 13.81 -18.27
C GLU E 939 23.73 14.33 -19.06
N LYS E 940 23.95 14.92 -20.25
CA LYS E 940 22.80 15.21 -21.10
C LYS E 940 22.21 13.91 -21.62
N GLN E 941 23.06 12.90 -21.84
CA GLN E 941 22.54 11.57 -22.11
C GLN E 941 21.76 11.05 -20.92
N VAL E 942 22.28 11.23 -19.71
CA VAL E 942 21.60 10.75 -18.51
C VAL E 942 20.25 11.43 -18.35
N TYR E 943 20.20 12.74 -18.61
CA TYR E 943 18.93 13.46 -18.54
C TYR E 943 17.98 13.04 -19.64
N GLN E 944 18.48 12.82 -20.85
CA GLN E 944 17.55 12.52 -21.93
C GLN E 944 16.91 11.16 -21.77
N LYS E 945 17.67 10.17 -21.31
CA LYS E 945 17.05 8.86 -21.08
C LYS E 945 16.14 8.91 -19.87
N PHE E 946 16.53 9.68 -18.86
CA PHE E 946 15.64 9.89 -17.73
C PHE E 946 14.25 10.31 -18.18
N GLU E 947 14.16 11.24 -19.15
CA GLU E 947 12.84 11.66 -19.61
C GLU E 947 12.08 10.48 -20.21
N LYS E 948 12.75 9.73 -21.10
CA LYS E 948 12.08 8.63 -21.79
C LYS E 948 11.57 7.58 -20.79
N MET E 949 12.40 7.20 -19.81
CA MET E 949 11.97 6.23 -18.82
C MET E 949 10.82 6.78 -17.99
N LEU E 950 10.87 8.08 -17.64
CA LEU E 950 9.84 8.67 -16.79
C LEU E 950 8.49 8.72 -17.50
N ILE E 951 8.50 9.10 -18.78
CA ILE E 951 7.29 9.01 -19.59
C ILE E 951 6.75 7.59 -19.58
N ASP E 952 7.64 6.59 -19.71
CA ASP E 952 7.18 5.21 -19.78
C ASP E 952 6.46 4.78 -18.51
N LYS E 953 7.14 4.87 -17.35
CA LYS E 953 6.57 4.33 -16.11
C LYS E 953 5.21 4.97 -15.82
N LEU E 954 5.08 6.24 -16.16
CA LEU E 954 3.81 6.93 -16.00
C LEU E 954 2.78 6.54 -17.06
N ASN E 955 3.12 5.69 -18.03
CA ASN E 955 2.07 5.08 -18.83
C ASN E 955 1.26 4.09 -18.01
N TYR E 956 1.90 3.35 -17.10
CA TYR E 956 1.17 2.49 -16.18
C TYR E 956 1.95 2.44 -14.88
N MET E 957 1.57 3.30 -13.93
CA MET E 957 2.39 3.49 -12.74
C MET E 957 1.82 2.70 -11.59
N VAL E 958 2.57 1.70 -11.12
CA VAL E 958 2.07 0.78 -10.11
C VAL E 958 2.92 0.90 -8.86
N ASP E 959 2.26 0.83 -7.71
CA ASP E 959 2.90 0.69 -6.41
C ASP E 959 2.85 -0.79 -6.00
N LYS E 960 3.98 -1.49 -6.07
CA LYS E 960 3.95 -2.93 -5.79
C LYS E 960 3.45 -3.23 -4.39
N LYS E 961 3.60 -2.30 -3.45
CA LYS E 961 3.13 -2.52 -2.09
C LYS E 961 1.60 -2.60 -2.02
N SER E 962 0.89 -1.75 -2.77
CA SER E 962 -0.57 -1.71 -2.78
C SER E 962 -1.22 -3.10 -2.92
N ASN E 963 -2.38 -3.25 -2.31
CA ASN E 963 -3.26 -4.31 -2.76
C ASN E 963 -3.47 -4.13 -4.26
N PRO E 964 -3.41 -5.20 -5.05
CA PRO E 964 -3.46 -5.03 -6.51
C PRO E 964 -4.74 -4.40 -7.02
N CYS E 965 -5.86 -4.51 -6.29
CA CYS E 965 -7.10 -3.90 -6.73
C CYS E 965 -7.32 -2.52 -6.14
N ALA E 966 -6.42 -2.02 -5.33
CA ALA E 966 -6.55 -0.64 -4.92
C ALA E 966 -6.15 0.27 -6.07
N THR E 967 -6.55 1.54 -5.97
CA THR E 967 -5.97 2.53 -6.85
C THR E 967 -4.46 2.57 -6.66
N GLY E 968 -3.74 2.69 -7.79
CA GLY E 968 -2.31 2.52 -7.83
C GLY E 968 -1.84 1.09 -7.78
N GLY E 969 -2.73 0.12 -7.55
CA GLY E 969 -2.35 -1.27 -7.48
C GLY E 969 -1.90 -1.82 -8.82
N ALA E 970 -1.49 -3.08 -8.80
CA ALA E 970 -0.97 -3.67 -10.02
C ALA E 970 -2.04 -3.77 -11.11
N LEU E 971 -3.31 -3.94 -10.72
CA LEU E 971 -4.42 -3.98 -11.66
C LEU E 971 -5.06 -2.62 -11.90
N LYS E 972 -4.72 -1.63 -11.09
CA LYS E 972 -5.30 -0.30 -11.26
C LYS E 972 -4.18 0.72 -11.28
N GLY E 973 -3.19 0.50 -12.11
CA GLY E 973 -2.07 1.43 -12.20
C GLY E 973 -2.50 2.74 -12.85
N TYR E 974 -1.80 3.82 -12.46
CA TYR E 974 -2.15 5.14 -12.91
C TYR E 974 -1.56 5.42 -14.27
N GLN E 975 -2.30 6.19 -15.05
CA GLN E 975 -1.88 6.59 -16.39
C GLN E 975 -1.85 8.10 -16.44
N ILE E 976 -0.67 8.70 -16.23
CA ILE E 976 -0.57 10.15 -16.20
C ILE E 976 0.37 10.69 -17.26
N THR E 977 0.82 9.85 -18.20
CA THR E 977 1.45 10.40 -19.38
C THR E 977 0.72 9.88 -20.60
N ASN E 978 0.87 10.59 -21.71
CA ASN E 978 0.17 10.18 -22.90
C ASN E 978 0.93 9.01 -23.52
N LYS E 979 0.15 8.17 -24.24
CA LYS E 979 0.62 6.90 -24.80
C LYS E 979 1.99 7.00 -25.47
N PHE E 980 2.08 7.78 -26.56
CA PHE E 980 3.30 7.88 -27.35
C PHE E 980 4.48 8.38 -26.50
N GLU E 981 5.68 7.91 -26.86
CA GLU E 981 6.90 8.35 -26.17
C GLU E 981 7.31 9.79 -26.55
N SER E 982 7.43 10.10 -27.85
CA SER E 982 8.18 11.29 -28.28
C SER E 982 7.36 12.27 -29.12
N PHE E 983 6.80 11.88 -30.28
CA PHE E 983 6.17 12.81 -31.23
C PHE E 983 5.00 12.04 -31.88
N LYS E 984 4.11 12.69 -32.62
CA LYS E 984 4.18 14.05 -33.14
C LYS E 984 3.44 15.11 -32.21
N SER E 985 2.40 14.69 -31.40
CA SER E 985 1.69 15.67 -30.51
C SER E 985 2.46 16.11 -29.52
N MET E 986 3.76 15.94 -29.44
CA MET E 986 4.46 16.50 -28.29
C MET E 986 4.19 17.99 -28.15
N SER E 987 4.03 18.42 -26.90
CA SER E 987 4.00 19.81 -26.52
C SER E 987 4.62 20.00 -25.16
N THR E 988 4.48 21.23 -24.70
CA THR E 988 4.98 21.66 -23.42
C THR E 988 4.39 20.84 -22.30
N GLN E 989 3.22 20.24 -22.50
CA GLN E 989 2.59 19.40 -21.50
C GLN E 989 2.40 17.98 -22.00
N ASN E 990 2.78 16.99 -21.20
CA ASN E 990 2.38 15.61 -21.41
C ASN E 990 1.79 15.07 -20.10
N GLY E 991 0.47 15.15 -19.97
CA GLY E 991 -0.17 14.67 -18.76
C GLY E 991 0.30 15.48 -17.57
N PHE E 992 0.73 14.78 -16.54
CA PHE E 992 1.32 15.46 -15.40
C PHE E 992 2.64 16.18 -15.74
N ILE E 993 3.27 15.88 -16.86
CA ILE E 993 4.57 16.48 -17.14
C ILE E 993 4.40 17.80 -17.87
N PHE E 994 5.19 18.80 -17.47
CA PHE E 994 5.26 20.12 -18.12
C PHE E 994 6.69 20.35 -18.53
N TYR E 995 6.91 20.68 -19.81
CA TYR E 995 8.25 20.92 -20.33
C TYR E 995 8.50 22.42 -20.29
N ILE E 996 9.49 22.84 -19.49
CA ILE E 996 9.63 24.22 -19.09
C ILE E 996 10.94 24.76 -19.60
N PRO E 997 10.98 25.94 -20.22
CA PRO E 997 12.26 26.54 -20.63
C PRO E 997 13.01 27.09 -19.43
N ALA E 998 14.33 27.10 -19.53
CA ALA E 998 15.15 27.39 -18.36
C ALA E 998 15.54 28.86 -18.21
N TRP E 999 15.16 29.72 -19.15
CA TRP E 999 15.74 31.05 -19.13
C TRP E 999 15.46 31.74 -17.81
N LEU E 1000 16.50 32.35 -17.29
CA LEU E 1000 16.53 32.96 -15.96
C LEU E 1000 15.84 32.12 -14.88
N THR E 1001 16.15 30.81 -14.85
CA THR E 1001 15.82 30.02 -13.67
C THR E 1001 16.99 29.87 -12.72
N SER E 1002 18.22 29.98 -13.24
CA SER E 1002 19.37 29.79 -12.39
C SER E 1002 19.93 31.10 -11.87
N LYS E 1003 20.36 31.98 -12.77
CA LYS E 1003 20.95 33.26 -12.40
C LYS E 1003 19.83 34.27 -12.12
N ILE E 1004 19.12 34.05 -11.00
CA ILE E 1004 18.07 34.98 -10.56
C ILE E 1004 17.97 34.96 -9.04
N ASP E 1005 17.96 36.13 -8.41
CA ASP E 1005 17.77 36.20 -6.97
C ASP E 1005 16.38 35.72 -6.66
N PRO E 1006 16.21 34.61 -5.91
CA PRO E 1006 14.85 34.12 -5.62
C PRO E 1006 14.06 34.97 -4.62
N SER E 1007 14.74 35.72 -3.74
CA SER E 1007 14.03 36.58 -2.79
C SER E 1007 13.42 37.82 -3.45
N THR E 1008 13.99 38.32 -4.55
CA THR E 1008 13.55 39.56 -5.14
C THR E 1008 13.12 39.47 -6.58
N GLY E 1009 13.41 38.36 -7.26
CA GLY E 1009 13.20 38.30 -8.70
C GLY E 1009 14.20 39.06 -9.54
N PHE E 1010 15.28 39.54 -8.94
CA PHE E 1010 16.25 40.30 -9.71
C PHE E 1010 17.02 39.40 -10.67
N VAL E 1011 17.23 39.87 -11.89
CA VAL E 1011 18.12 39.24 -12.86
C VAL E 1011 19.01 40.34 -13.44
N ASN E 1012 20.09 39.92 -14.10
CA ASN E 1012 21.06 40.85 -14.66
C ASN E 1012 20.83 41.08 -16.16
N LEU E 1013 20.38 42.27 -16.53
CA LEU E 1013 20.20 42.55 -17.95
C LEU E 1013 21.23 43.54 -18.50
N LEU E 1014 22.26 43.88 -17.72
CA LEU E 1014 23.29 44.81 -18.13
C LEU E 1014 24.36 44.09 -18.94
N LYS E 1015 24.91 44.79 -19.93
CA LYS E 1015 26.03 44.26 -20.72
C LYS E 1015 27.35 44.89 -20.23
N THR E 1016 28.22 44.05 -19.67
CA THR E 1016 29.36 44.51 -18.88
C THR E 1016 30.73 44.22 -19.50
N LYS E 1017 30.80 43.71 -20.72
CA LYS E 1017 32.09 43.58 -21.38
C LYS E 1017 32.70 44.98 -21.53
N TYR E 1018 34.04 45.04 -21.57
CA TYR E 1018 34.73 46.31 -21.39
C TYR E 1018 34.26 47.41 -22.36
N THR E 1019 34.12 47.08 -23.66
CA THR E 1019 33.77 47.99 -24.78
C THR E 1019 34.92 48.97 -24.94
N SER E 1020 34.73 50.28 -24.72
CA SER E 1020 35.66 51.37 -24.99
C SER E 1020 35.77 52.22 -23.72
N ILE E 1021 36.65 53.23 -23.72
CA ILE E 1021 36.49 54.30 -22.73
C ILE E 1021 35.18 55.05 -22.94
N ALA E 1022 34.89 55.39 -24.20
CA ALA E 1022 33.75 56.23 -24.51
C ALA E 1022 32.44 55.57 -24.10
N ASP E 1023 32.30 54.27 -24.39
CA ASP E 1023 31.14 53.52 -23.94
C ASP E 1023 31.13 53.38 -22.42
N SER E 1024 32.32 53.14 -21.84
CA SER E 1024 32.46 52.98 -20.38
C SER E 1024 32.00 54.21 -19.62
N LYS E 1025 32.01 55.39 -20.26
CA LYS E 1025 31.62 56.59 -19.53
C LYS E 1025 30.11 56.74 -19.42
N LYS E 1026 29.37 56.37 -20.47
CA LYS E 1026 27.94 56.57 -20.40
C LYS E 1026 27.24 55.44 -19.67
N PHE E 1027 27.88 54.26 -19.58
CA PHE E 1027 27.40 53.24 -18.67
C PHE E 1027 27.27 53.82 -17.26
N ILE E 1028 28.37 54.39 -16.73
CA ILE E 1028 28.33 55.00 -15.41
C ILE E 1028 27.34 56.13 -15.40
N SER E 1029 27.05 56.68 -16.56
CA SER E 1029 26.32 57.93 -16.54
C SER E 1029 24.82 57.71 -16.73
N SER E 1030 24.43 56.45 -17.02
CA SER E 1030 23.06 55.93 -17.06
C SER E 1030 22.49 55.58 -15.69
N PHE E 1031 23.36 55.33 -14.72
CA PHE E 1031 22.91 55.16 -13.35
C PHE E 1031 22.35 56.46 -12.78
N ASP E 1032 21.28 56.34 -12.02
CA ASP E 1032 20.70 57.52 -11.37
C ASP E 1032 21.63 58.12 -10.32
N ARG E 1033 22.42 57.29 -9.65
CA ARG E 1033 23.32 57.75 -8.60
C ARG E 1033 24.30 56.63 -8.32
N ILE E 1034 25.50 56.99 -7.86
CA ILE E 1034 26.46 56.01 -7.34
C ILE E 1034 27.17 56.62 -6.14
N MET E 1035 27.03 56.01 -4.96
CA MET E 1035 27.53 56.65 -3.76
C MET E 1035 28.21 55.59 -2.91
N TYR E 1036 28.75 56.02 -1.77
CA TYR E 1036 29.32 55.12 -0.79
C TYR E 1036 28.51 55.33 0.49
N VAL E 1037 28.00 54.24 1.06
CA VAL E 1037 27.22 54.36 2.30
C VAL E 1037 28.11 53.95 3.45
N PRO E 1038 28.66 54.91 4.21
CA PRO E 1038 29.68 54.57 5.22
C PRO E 1038 29.16 53.69 6.32
N GLU E 1039 27.87 53.77 6.61
CA GLU E 1039 27.21 52.97 7.63
C GLU E 1039 27.19 51.48 7.29
N GLU E 1040 27.51 51.09 6.06
CA GLU E 1040 27.47 49.69 5.69
C GLU E 1040 28.77 49.22 5.06
N ASP E 1041 29.78 50.09 4.95
CA ASP E 1041 30.98 49.82 4.17
C ASP E 1041 30.59 49.17 2.84
N LEU E 1042 29.68 49.85 2.11
CA LEU E 1042 29.13 49.36 0.85
C LEU E 1042 28.99 50.52 -0.15
N PHE E 1043 29.20 50.19 -1.43
CA PHE E 1043 28.96 51.13 -2.53
C PHE E 1043 27.60 50.81 -3.14
N GLU E 1044 26.72 51.81 -3.21
CA GLU E 1044 25.37 51.65 -3.73
C GLU E 1044 25.25 52.30 -5.11
N PHE E 1045 24.77 51.53 -6.08
CA PHE E 1045 24.60 51.96 -7.47
C PHE E 1045 23.10 51.91 -7.79
N ALA E 1046 22.45 53.04 -7.80
CA ALA E 1046 21.00 53.08 -7.96
C ALA E 1046 20.68 53.17 -9.45
N LEU E 1047 20.05 52.12 -10.01
CA LEU E 1047 19.81 52.10 -11.44
C LEU E 1047 18.33 52.01 -11.77
N ASP E 1048 18.00 52.64 -12.89
CA ASP E 1048 16.71 52.48 -13.56
C ASP E 1048 16.96 51.73 -14.86
N TYR E 1049 16.42 50.51 -14.95
CA TYR E 1049 16.67 49.69 -16.12
C TYR E 1049 16.19 50.36 -17.40
N LYS E 1050 15.21 51.28 -17.30
CA LYS E 1050 14.73 51.95 -18.50
C LYS E 1050 15.83 52.76 -19.17
N ASN E 1051 16.88 53.13 -18.44
CA ASN E 1051 18.03 53.86 -18.99
C ASN E 1051 19.00 52.96 -19.73
N PHE E 1052 18.71 51.67 -19.86
CA PHE E 1052 19.59 50.71 -20.51
C PHE E 1052 18.80 49.95 -21.58
N SER E 1053 19.51 49.45 -22.58
CA SER E 1053 18.87 48.74 -23.68
C SER E 1053 18.61 47.27 -23.32
N ARG E 1054 17.51 46.72 -23.84
CA ARG E 1054 17.12 45.31 -23.70
C ARG E 1054 16.74 44.93 -22.27
N THR E 1055 16.09 45.85 -21.57
CA THR E 1055 15.57 45.62 -20.23
C THR E 1055 14.04 45.59 -20.23
N ASP E 1056 13.46 45.33 -21.39
CA ASP E 1056 12.00 45.36 -21.51
C ASP E 1056 11.36 44.30 -20.62
N ALA E 1057 12.00 43.13 -20.51
CA ALA E 1057 11.42 42.01 -19.78
C ALA E 1057 11.18 42.33 -18.32
N ASP E 1058 12.11 43.06 -17.69
CA ASP E 1058 12.09 43.32 -16.26
C ASP E 1058 10.88 44.16 -15.88
N TYR E 1059 10.16 43.72 -14.84
CA TYR E 1059 9.02 44.46 -14.33
C TYR E 1059 9.41 45.64 -13.43
N ILE E 1060 10.35 45.44 -12.51
CA ILE E 1060 10.57 46.40 -11.41
C ILE E 1060 11.20 47.70 -11.91
N LYS E 1061 12.16 47.59 -12.81
CA LYS E 1061 12.89 48.72 -13.43
C LYS E 1061 13.92 49.38 -12.51
N LYS E 1062 13.52 49.87 -11.33
CA LYS E 1062 14.41 50.65 -10.48
C LYS E 1062 14.90 49.72 -9.36
N TRP E 1063 16.22 49.50 -9.31
CA TRP E 1063 16.85 48.62 -8.33
C TRP E 1063 18.00 49.36 -7.66
N LYS E 1064 18.27 48.98 -6.41
CA LYS E 1064 19.46 49.49 -5.72
C LYS E 1064 20.42 48.32 -5.55
N LEU E 1065 21.56 48.41 -6.23
CA LEU E 1065 22.56 47.36 -6.21
C LEU E 1065 23.64 47.77 -5.22
N TYR E 1066 24.20 46.79 -4.53
CA TYR E 1066 25.21 47.06 -3.51
C TYR E 1066 26.45 46.18 -3.77
N SER E 1067 27.62 46.66 -3.34
CA SER E 1067 28.85 45.87 -3.51
C SER E 1067 29.04 44.93 -2.32
N TYR E 1068 28.11 43.97 -2.20
CA TYR E 1068 28.00 43.19 -0.98
C TYR E 1068 28.63 41.81 -1.15
N GLY E 1069 29.49 41.46 -0.20
CA GLY E 1069 30.14 40.17 -0.15
C GLY E 1069 31.22 40.01 -1.21
N ASN E 1070 31.47 38.76 -1.58
CA ASN E 1070 32.58 38.38 -2.43
C ASN E 1070 32.04 37.63 -3.64
N ARG E 1071 32.87 37.55 -4.68
CA ARG E 1071 32.55 36.78 -5.86
C ARG E 1071 33.75 35.90 -6.18
N ILE E 1072 33.65 35.10 -7.24
CA ILE E 1072 34.75 34.23 -7.68
C ILE E 1072 35.18 34.65 -9.07
N ARG E 1073 36.44 35.02 -9.21
CA ARG E 1073 37.02 35.41 -10.49
C ARG E 1073 37.77 34.21 -11.03
N ILE E 1074 37.61 33.90 -12.31
CA ILE E 1074 38.52 32.96 -12.93
C ILE E 1074 39.50 33.91 -13.58
N PHE E 1075 40.79 33.64 -13.49
CA PHE E 1075 41.76 34.50 -14.13
C PHE E 1075 43.04 33.74 -14.39
N ARG E 1076 43.88 34.31 -15.23
CA ARG E 1076 45.20 33.76 -15.49
C ARG E 1076 46.21 34.54 -14.65
N ASN E 1077 46.85 33.84 -13.70
CA ASN E 1077 47.99 34.33 -12.92
C ASN E 1077 48.36 33.37 -11.80
N ASN E 1081 51.82 31.95 -12.53
CA ASN E 1081 51.53 30.52 -12.41
C ASN E 1081 50.74 29.98 -13.62
N ASN E 1082 51.22 30.28 -14.83
CA ASN E 1082 50.55 29.94 -16.10
C ASN E 1082 49.14 30.53 -16.06
N VAL E 1083 48.09 29.75 -16.34
CA VAL E 1083 46.79 30.33 -16.65
C VAL E 1083 45.63 29.49 -16.08
N PHE E 1084 44.43 30.10 -16.12
CA PHE E 1084 43.13 29.45 -15.87
C PHE E 1084 42.97 28.95 -14.43
N ASP E 1085 43.35 29.79 -13.47
CA ASP E 1085 43.14 29.53 -12.05
C ASP E 1085 41.96 30.35 -11.52
N TRP E 1086 41.52 30.02 -10.31
CA TRP E 1086 40.43 30.73 -9.67
C TRP E 1086 40.76 31.11 -8.24
N GLU E 1087 40.45 32.35 -7.89
CA GLU E 1087 40.32 32.77 -6.51
C GLU E 1087 39.90 34.22 -6.46
N GLU E 1088 39.27 34.52 -5.34
CA GLU E 1088 38.06 35.29 -5.21
C GLU E 1088 38.24 36.73 -4.70
N VAL E 1089 37.44 37.64 -5.25
CA VAL E 1089 37.44 39.07 -4.98
C VAL E 1089 36.50 39.40 -3.83
N CYS E 1090 36.84 40.42 -3.03
CA CYS E 1090 35.87 41.06 -2.13
C CYS E 1090 35.47 42.40 -2.74
N LEU E 1091 34.18 42.58 -2.98
CA LEU E 1091 33.75 43.66 -3.87
C LEU E 1091 34.09 45.03 -3.28
N THR E 1092 33.77 45.25 -2.01
CA THR E 1092 33.84 46.61 -1.46
C THR E 1092 35.25 47.16 -1.48
N SER E 1093 36.24 46.32 -1.23
CA SER E 1093 37.60 46.81 -1.17
C SER E 1093 38.26 46.90 -2.53
N ALA E 1094 37.79 46.10 -3.51
CA ALA E 1094 38.27 46.31 -4.87
C ALA E 1094 37.80 47.67 -5.42
N TYR E 1095 36.56 48.05 -5.10
CA TYR E 1095 36.09 49.37 -5.49
C TYR E 1095 36.92 50.44 -4.81
N LYS E 1096 37.30 50.21 -3.55
CA LYS E 1096 38.08 51.20 -2.83
C LYS E 1096 39.49 51.31 -3.41
N GLU E 1097 40.13 50.18 -3.73
CA GLU E 1097 41.43 50.20 -4.39
C GLU E 1097 41.35 50.90 -5.75
N LEU E 1098 40.36 50.53 -6.57
CA LEU E 1098 40.26 51.13 -7.89
C LEU E 1098 40.12 52.64 -7.79
N PHE E 1099 39.25 53.10 -6.88
CA PHE E 1099 39.07 54.53 -6.67
C PHE E 1099 40.28 55.17 -6.04
N ASN E 1100 40.89 54.49 -5.07
CA ASN E 1100 42.10 55.01 -4.43
C ASN E 1100 43.28 55.05 -5.39
N LYS E 1101 43.43 54.03 -6.24
CA LYS E 1101 44.54 53.99 -7.18
C LYS E 1101 44.47 55.16 -8.17
N TYR E 1102 43.29 55.53 -8.60
CA TYR E 1102 43.13 56.59 -9.58
C TYR E 1102 42.67 57.90 -8.96
N GLY E 1103 42.78 58.05 -7.64
CA GLY E 1103 42.53 59.34 -7.04
C GLY E 1103 41.07 59.69 -6.89
N ILE E 1104 40.16 58.74 -7.15
CA ILE E 1104 38.74 59.04 -6.97
C ILE E 1104 38.45 59.22 -5.49
N ASN E 1105 37.71 60.26 -5.17
CA ASN E 1105 37.28 60.50 -3.81
C ASN E 1105 35.87 59.95 -3.68
N TYR E 1106 35.75 58.78 -3.05
CA TYR E 1106 34.48 58.06 -3.12
C TYR E 1106 33.45 58.46 -2.07
N GLN E 1107 33.83 59.14 -0.99
CA GLN E 1107 32.88 59.57 0.04
C GLN E 1107 32.11 60.84 -0.32
N GLN E 1108 32.25 61.35 -1.55
CA GLN E 1108 31.66 62.65 -1.95
C GLN E 1108 30.27 62.46 -2.58
N GLY E 1109 29.31 62.05 -1.76
CA GLY E 1109 27.95 61.89 -2.27
C GLY E 1109 27.89 61.15 -3.61
N ASP E 1110 27.16 61.72 -4.56
CA ASP E 1110 27.04 61.14 -5.89
C ASP E 1110 28.37 61.27 -6.64
N ILE E 1111 28.99 60.14 -6.98
CA ILE E 1111 30.33 60.16 -7.56
C ILE E 1111 30.32 59.77 -9.04
N ARG E 1112 29.17 59.84 -9.71
CA ARG E 1112 29.15 59.44 -11.12
C ARG E 1112 29.96 60.39 -11.98
N ALA E 1113 29.85 61.70 -11.72
CA ALA E 1113 30.59 62.67 -12.52
C ALA E 1113 32.09 62.42 -12.42
N LEU E 1114 32.59 62.13 -11.22
CA LEU E 1114 34.03 61.96 -11.02
C LEU E 1114 34.56 60.73 -11.75
N LEU E 1115 33.82 59.62 -11.76
CA LEU E 1115 34.32 58.41 -12.40
C LEU E 1115 34.51 58.62 -13.90
N CYS E 1116 33.58 59.33 -14.57
CA CYS E 1116 33.75 59.59 -15.99
C CYS E 1116 34.65 60.78 -16.30
N GLU E 1117 35.07 61.54 -15.28
CA GLU E 1117 36.08 62.56 -15.50
C GLU E 1117 37.48 61.94 -15.66
N GLN E 1118 37.73 60.77 -15.07
CA GLN E 1118 38.98 60.05 -15.28
C GLN E 1118 39.26 59.86 -16.76
N SER E 1119 40.55 59.80 -17.12
CA SER E 1119 40.91 59.65 -18.52
C SER E 1119 41.85 58.50 -18.88
N ASP E 1120 42.27 57.68 -17.92
CA ASP E 1120 43.01 56.46 -18.25
C ASP E 1120 42.07 55.26 -18.43
N LYS E 1121 42.22 54.56 -19.56
CA LYS E 1121 41.35 53.41 -19.86
C LYS E 1121 41.55 52.25 -18.88
N ALA E 1122 42.77 52.06 -18.36
CA ALA E 1122 43.02 51.00 -17.40
C ALA E 1122 42.02 51.00 -16.24
N PHE E 1123 41.63 52.19 -15.78
CA PHE E 1123 40.61 52.33 -14.75
C PHE E 1123 39.26 51.82 -15.24
N TYR E 1124 38.77 52.38 -16.36
CA TYR E 1124 37.47 51.99 -16.90
C TYR E 1124 37.46 50.50 -17.26
N SER E 1125 38.57 50.02 -17.85
CA SER E 1125 38.75 48.59 -18.09
C SER E 1125 38.37 47.76 -16.87
N SER E 1126 39.01 48.04 -15.74
CA SER E 1126 38.78 47.24 -14.54
C SER E 1126 37.53 47.63 -13.76
N PHE E 1127 37.06 48.89 -13.86
CA PHE E 1127 35.80 49.24 -13.22
C PHE E 1127 34.65 48.46 -13.82
N MET E 1128 34.62 48.35 -15.15
CA MET E 1128 33.56 47.56 -15.73
C MET E 1128 33.74 46.09 -15.40
N ALA E 1129 34.98 45.65 -15.20
CA ALA E 1129 35.21 44.29 -14.73
C ALA E 1129 34.64 44.11 -13.32
N LEU E 1130 34.77 45.12 -12.47
CA LEU E 1130 34.17 45.04 -11.14
C LEU E 1130 32.65 45.00 -11.22
N MET E 1131 32.06 45.76 -12.15
CA MET E 1131 30.61 45.73 -12.31
C MET E 1131 30.13 44.33 -12.68
N SER E 1132 30.91 43.59 -13.47
CA SER E 1132 30.46 42.27 -13.89
C SER E 1132 30.54 41.30 -12.73
N LEU E 1133 31.51 41.51 -11.84
CA LEU E 1133 31.62 40.65 -10.69
C LEU E 1133 30.45 40.86 -9.74
N MET E 1134 30.04 42.12 -9.56
CA MET E 1134 28.94 42.37 -8.63
C MET E 1134 27.63 41.78 -9.15
N LEU E 1135 27.42 41.81 -10.46
CA LEU E 1135 26.18 41.30 -11.03
C LEU E 1135 26.27 39.81 -11.33
N GLN E 1136 27.43 39.19 -11.06
CA GLN E 1136 27.61 37.76 -11.23
C GLN E 1136 27.02 37.03 -10.03
N MET E 1137 25.74 36.67 -10.11
CA MET E 1137 25.10 36.12 -8.92
C MET E 1137 25.51 34.67 -8.66
N ARG E 1138 25.70 33.88 -9.72
CA ARG E 1138 26.11 32.49 -9.56
C ARG E 1138 27.62 32.42 -9.56
N ASN E 1139 28.20 31.98 -8.45
CA ASN E 1139 29.64 31.84 -8.37
C ASN E 1139 29.96 30.38 -8.10
N SER E 1140 30.74 29.79 -9.00
CA SER E 1140 31.44 28.54 -8.74
C SER E 1140 32.46 28.31 -9.83
N ILE E 1141 33.43 27.45 -9.53
CA ILE E 1141 34.60 27.24 -10.37
C ILE E 1141 34.47 25.87 -11.05
N THR E 1142 34.92 25.80 -12.31
CA THR E 1142 34.77 24.60 -13.11
C THR E 1142 35.51 23.44 -12.45
N GLY E 1143 34.97 22.23 -12.60
CA GLY E 1143 35.55 21.07 -11.97
C GLY E 1143 35.32 20.99 -10.47
N ARG E 1144 35.92 21.90 -9.71
CA ARG E 1144 35.66 21.98 -8.28
C ARG E 1144 34.17 22.29 -8.05
N THR E 1145 33.45 21.33 -7.44
CA THR E 1145 32.00 21.36 -7.20
C THR E 1145 31.53 21.54 -5.74
N ASP E 1146 32.42 21.83 -4.77
CA ASP E 1146 32.06 22.31 -3.41
C ASP E 1146 31.66 23.78 -3.31
N VAL E 1147 32.06 24.61 -4.27
CA VAL E 1147 31.59 25.99 -4.30
C VAL E 1147 30.57 26.06 -5.42
N ASP E 1148 29.38 26.56 -5.09
CA ASP E 1148 28.30 26.79 -6.05
C ASP E 1148 27.33 27.85 -5.54
N PHE E 1149 27.82 28.79 -4.74
CA PHE E 1149 26.92 29.67 -4.01
C PHE E 1149 26.32 30.75 -4.91
N LEU E 1150 25.14 31.22 -4.49
CA LEU E 1150 24.41 32.22 -5.24
C LEU E 1150 24.15 33.42 -4.34
N ILE E 1151 24.71 34.57 -4.70
CA ILE E 1151 24.61 35.75 -3.86
C ILE E 1151 24.04 36.89 -4.69
N SER E 1152 23.35 37.80 -4.04
CA SER E 1152 22.69 38.86 -4.77
C SER E 1152 23.24 40.24 -4.42
N PRO E 1153 23.19 41.18 -5.36
CA PRO E 1153 23.52 42.56 -5.02
C PRO E 1153 22.34 43.37 -4.53
N VAL E 1154 21.16 42.79 -4.45
CA VAL E 1154 19.92 43.52 -4.19
C VAL E 1154 19.37 43.16 -2.82
N LYS E 1155 18.88 44.15 -2.08
CA LYS E 1155 18.17 43.93 -0.82
C LYS E 1155 16.69 43.61 -1.06
N ASN E 1156 16.10 42.90 -0.13
CA ASN E 1156 14.66 42.67 -0.13
C ASN E 1156 14.02 43.60 0.86
N SER E 1157 12.68 43.55 0.92
CA SER E 1157 11.88 44.40 1.81
C SER E 1157 12.45 44.47 3.22
N ASP E 1158 12.92 43.36 3.76
CA ASP E 1158 13.48 43.39 5.09
C ASP E 1158 14.94 43.82 5.11
N GLY E 1159 15.49 44.16 3.95
CA GLY E 1159 16.79 44.83 3.94
C GLY E 1159 17.99 43.94 4.08
N ILE E 1160 17.90 42.67 3.66
CA ILE E 1160 19.04 41.74 3.77
C ILE E 1160 19.28 41.08 2.40
N PHE E 1161 20.55 40.90 2.07
CA PHE E 1161 20.90 40.27 0.81
C PHE E 1161 20.75 38.76 0.92
N TYR E 1162 20.51 38.12 -0.20
CA TYR E 1162 20.29 36.69 -0.23
C TYR E 1162 21.62 35.96 -0.42
N ASP E 1163 21.93 35.04 0.48
CA ASP E 1163 23.15 34.23 0.38
C ASP E 1163 22.73 32.78 0.33
N SER E 1164 22.98 32.13 -0.81
CA SER E 1164 22.77 30.69 -0.92
C SER E 1164 23.43 29.96 0.25
N ARG E 1165 24.58 30.46 0.72
CA ARG E 1165 25.32 29.80 1.79
C ARG E 1165 24.61 29.91 3.14
N ASN E 1166 23.81 30.94 3.37
CA ASN E 1166 23.04 30.97 4.60
C ASN E 1166 22.05 29.80 4.69
N TYR E 1167 21.73 29.18 3.57
CA TYR E 1167 20.78 28.08 3.51
C TYR E 1167 21.45 26.74 3.25
N GLU E 1168 22.60 26.75 2.56
CA GLU E 1168 23.38 25.51 2.34
C GLU E 1168 23.58 24.74 3.63
N ALA E 1169 23.95 25.46 4.71
CA ALA E 1169 24.28 24.81 5.97
C ALA E 1169 23.03 24.22 6.56
N GLN E 1170 21.92 24.92 6.33
CA GLN E 1170 20.66 24.53 6.91
C GLN E 1170 20.20 23.21 6.35
N GLU E 1171 19.21 22.78 7.07
CA GLU E 1171 18.31 21.68 7.24
C GLU E 1171 17.04 21.77 6.38
N ASN E 1172 16.24 22.79 6.72
CA ASN E 1172 14.92 23.05 6.17
C ASN E 1172 14.88 24.45 5.62
N ALA E 1173 15.60 24.66 4.52
CA ALA E 1173 15.71 25.99 3.93
C ALA E 1173 14.40 26.39 3.25
N ILE E 1174 13.87 27.55 3.64
CA ILE E 1174 12.65 28.01 2.98
C ILE E 1174 13.00 28.63 1.63
N LEU E 1175 14.29 28.73 1.32
CA LEU E 1175 14.80 29.22 0.05
C LEU E 1175 15.84 28.26 -0.52
N PRO E 1176 16.16 28.38 -1.80
CA PRO E 1176 17.14 27.47 -2.43
C PRO E 1176 18.44 27.40 -1.65
N LYS E 1177 19.14 26.27 -1.76
CA LYS E 1177 20.39 26.11 -1.04
C LYS E 1177 21.64 26.30 -1.89
N ASN E 1178 21.50 26.48 -3.21
CA ASN E 1178 22.61 26.69 -4.13
C ASN E 1178 22.05 26.93 -5.52
N ALA E 1179 22.92 27.23 -6.48
CA ALA E 1179 22.42 27.58 -7.80
C ALA E 1179 21.62 26.42 -8.42
N ASP E 1180 22.02 25.19 -8.15
CA ASP E 1180 21.27 24.08 -8.71
C ASP E 1180 19.89 23.97 -8.07
N ALA E 1181 19.83 24.09 -6.73
CA ALA E 1181 18.54 24.09 -6.03
C ALA E 1181 17.65 25.23 -6.52
N ASN E 1182 18.25 26.42 -6.71
CA ASN E 1182 17.53 27.57 -7.24
C ASN E 1182 16.92 27.28 -8.62
N GLY E 1183 17.70 26.67 -9.52
CA GLY E 1183 17.19 26.30 -10.84
C GLY E 1183 15.99 25.36 -10.74
N ALA E 1184 16.13 24.27 -9.99
CA ALA E 1184 15.02 23.36 -9.77
C ALA E 1184 13.81 24.11 -9.22
N TYR E 1185 14.02 24.90 -8.17
CA TYR E 1185 12.95 25.68 -7.54
C TYR E 1185 12.10 26.41 -8.57
N ASN E 1186 12.74 27.24 -9.42
CA ASN E 1186 12.00 28.11 -10.30
C ASN E 1186 11.33 27.37 -11.46
N ILE E 1187 11.91 26.26 -11.93
CA ILE E 1187 11.18 25.50 -12.94
C ILE E 1187 9.82 25.10 -12.40
N ALA E 1188 9.74 24.73 -11.12
CA ALA E 1188 8.44 24.48 -10.52
C ALA E 1188 7.61 25.76 -10.52
N ARG E 1189 8.25 26.90 -10.24
CA ARG E 1189 7.47 28.12 -10.14
C ARG E 1189 6.90 28.51 -11.51
N LYS E 1190 7.68 28.34 -12.57
CA LYS E 1190 7.13 28.60 -13.90
C LYS E 1190 5.90 27.72 -14.18
N VAL E 1191 5.85 26.51 -13.62
CA VAL E 1191 4.64 25.71 -13.73
C VAL E 1191 3.54 26.25 -12.81
N LEU E 1192 3.92 26.65 -11.58
CA LEU E 1192 2.96 27.33 -10.71
C LEU E 1192 2.27 28.48 -11.44
N TRP E 1193 3.06 29.31 -12.11
CA TRP E 1193 2.53 30.39 -12.94
C TRP E 1193 1.50 29.87 -13.93
N ALA E 1194 1.83 28.78 -14.63
CA ALA E 1194 0.86 28.18 -15.55
C ALA E 1194 -0.43 27.82 -14.82
N ILE E 1195 -0.33 27.07 -13.71
CA ILE E 1195 -1.52 26.70 -12.95
C ILE E 1195 -2.32 27.95 -12.62
N GLY E 1196 -1.62 29.08 -12.39
CA GLY E 1196 -2.30 30.33 -12.15
C GLY E 1196 -3.13 30.76 -13.34
N GLN E 1197 -2.52 30.75 -14.53
CA GLN E 1197 -3.25 30.96 -15.77
C GLN E 1197 -4.47 30.08 -15.86
N PHE E 1198 -4.32 28.79 -15.59
CA PHE E 1198 -5.47 27.90 -15.60
C PHE E 1198 -6.57 28.45 -14.69
N LYS E 1199 -6.19 28.95 -13.52
CA LYS E 1199 -7.24 29.34 -12.59
C LYS E 1199 -7.94 30.60 -13.05
N LYS E 1200 -7.32 31.38 -13.90
CA LYS E 1200 -7.98 32.57 -14.44
C LYS E 1200 -8.78 32.26 -15.71
N ALA E 1201 -8.74 31.02 -16.18
CA ALA E 1201 -9.44 30.64 -17.41
C ALA E 1201 -10.75 29.95 -17.06
N GLU E 1202 -11.69 30.00 -18.00
CA GLU E 1202 -12.92 29.22 -17.86
C GLU E 1202 -12.66 27.77 -18.27
N ASP E 1203 -13.42 26.83 -17.69
CA ASP E 1203 -13.15 25.43 -17.95
C ASP E 1203 -13.11 25.15 -19.45
N GLU E 1204 -14.04 25.77 -20.18
CA GLU E 1204 -14.20 25.52 -21.61
C GLU E 1204 -12.97 25.93 -22.42
N LYS E 1205 -12.15 26.84 -21.90
CA LYS E 1205 -11.02 27.40 -22.61
C LYS E 1205 -9.68 26.89 -22.07
N LEU E 1206 -9.71 25.91 -21.17
CA LEU E 1206 -8.49 25.47 -20.50
C LEU E 1206 -7.48 24.91 -21.49
N ASP E 1207 -7.92 24.00 -22.38
CA ASP E 1207 -6.85 23.42 -23.21
C ASP E 1207 -6.35 24.37 -24.33
N LYS E 1208 -6.70 25.65 -24.31
CA LYS E 1208 -6.15 26.63 -25.22
C LYS E 1208 -5.23 27.62 -24.51
N VAL E 1209 -5.07 27.51 -23.19
CA VAL E 1209 -4.23 28.42 -22.39
C VAL E 1209 -2.78 28.16 -22.72
N LYS E 1210 -2.02 29.24 -22.96
CA LYS E 1210 -0.60 29.11 -23.28
C LYS E 1210 0.19 28.93 -21.99
N ILE E 1211 0.82 27.76 -21.82
CA ILE E 1211 1.70 27.51 -20.67
C ILE E 1211 3.18 27.79 -20.95
N ALA E 1212 3.53 28.27 -22.15
CA ALA E 1212 4.91 28.63 -22.48
C ALA E 1212 5.21 30.03 -21.92
N ILE E 1213 5.74 30.08 -20.68
CA ILE E 1213 5.97 31.35 -19.99
C ILE E 1213 6.92 32.25 -20.76
N SER E 1214 6.49 33.49 -20.99
CA SER E 1214 7.34 34.49 -21.60
C SER E 1214 8.47 34.89 -20.65
N ASN E 1215 9.56 35.40 -21.22
CA ASN E 1215 10.58 35.98 -20.34
C ASN E 1215 10.01 37.15 -19.54
N LYS E 1216 9.10 37.97 -20.11
CA LYS E 1216 8.58 39.10 -19.36
C LYS E 1216 7.58 38.71 -18.29
N GLU E 1217 6.75 37.70 -18.55
CA GLU E 1217 5.79 37.28 -17.54
C GLU E 1217 6.50 36.67 -16.34
N TRP E 1218 7.53 35.87 -16.63
CA TRP E 1218 8.34 35.27 -15.59
C TRP E 1218 8.87 36.33 -14.63
N LEU E 1219 9.51 37.37 -15.18
CA LEU E 1219 10.06 38.42 -14.35
C LEU E 1219 8.97 39.13 -13.56
N GLU E 1220 7.86 39.51 -14.21
CA GLU E 1220 6.73 40.03 -13.44
C GLU E 1220 6.33 39.06 -12.36
N TYR E 1221 6.30 37.76 -12.69
CA TYR E 1221 5.87 36.78 -11.71
C TYR E 1221 6.88 36.68 -10.57
N ALA E 1222 8.16 36.53 -10.89
CA ALA E 1222 9.17 36.35 -9.85
C ALA E 1222 9.35 37.61 -9.00
N GLN E 1223 9.16 38.79 -9.60
CA GLN E 1223 9.29 40.06 -8.88
C GLN E 1223 8.05 40.48 -8.11
N THR E 1224 6.87 39.87 -8.36
CA THR E 1224 5.65 40.17 -7.61
C THR E 1224 5.23 39.08 -6.62
N SER E 1225 5.68 37.85 -6.80
CA SER E 1225 5.18 36.76 -5.96
C SER E 1225 5.60 36.92 -4.51
N VAL E 1226 6.62 37.73 -4.22
CA VAL E 1226 7.13 37.89 -2.87
C VAL E 1226 6.57 39.15 -2.18
LI LI I . -10.89 -31.16 11.43
LI LI J . 0.66 -14.59 7.51
LI LI K . 0.63 -22.23 1.51
LI LI L . 12.65 -9.38 -4.82
LI LI M . 32.84 -8.51 -6.17
#